data_6PQQ
#
_entry.id   6PQQ
#
_cell.length_a   1.00
_cell.length_b   1.00
_cell.length_c   1.00
_cell.angle_alpha   90.00
_cell.angle_beta   90.00
_cell.angle_gamma   90.00
#
_symmetry.space_group_name_H-M   'P 1'
#
loop_
_entity.id
_entity.type
_entity.pdbx_description
1 polymer 'Transient receptor potential cation channel subfamily A member 1'
2 non-polymer 1-palmitoyl-2-oleoyl-sn-glycero-3-phosphocholine
3 non-polymer '[(2~{R})-1-[2-azanylethoxy(oxidanyl)phosphoryl]oxy-3-hexadecanoyloxy-propan-2-yl] (~{Z})-octadec-9-enoate'
#
_entity_poly.entity_id   1
_entity_poly.type   'polypeptide(L)'
_entity_poly.pdbx_seq_one_letter_code
;MAKRSLRKMWRPGEKKEPQGVVYEDVPDDTEDFKESLKVVFEGSAYGLQNFNKQKKLKRCDDMDTFFLHYAAAEGQIELM
EKITRDSSLEVLHEMDDYGNTPLHCAVEKNQIESVKFLLSRGANPNLRNFNMMAPLHIAVQGMNNEVMKVLLEHRTIDVN
LEGENGNTAVIIACTTNNSEALQILLKKGAKPCKSNKWGCFPIHQAAFSGSKECMEIILRFGEEHGYSRQLHINFMNNGK
ATPLHLAVQNGDLEMIKMCLDNGAQIDPVEKGRCTAIHFAATQGATEIVKLMISSYSGSVDIVNTTDGCHETMLHRASLF
DHHELADYLISVGADINKIDSEGRSPLILATASASWNIVNLLLSKGAQVDIKDNFGRNFLHLTVQQPYGLKNLRPEFMQM
QQIKELVMDEDNDGCTPLHYACRQGGPGSVNNLLGFNVSIHSKSKDKKSPLHFAASYGRINTCQRLLQDISDTRLLNEGD
LHGMTPLHLAAKNGHDKVVQLLLKKGALFLSDHNGWTALHHASMGGYTQTMKVILDTNLKCTDRLDEDGNTALHFAAREG
HAKAVALLLSHNADIVLNKQQASFLHLALHNKRKEVVLTIIRSKRWDECLKIFSHNSPGNKSPITEMIEYLPECMKVLLD
FCMLHSTEDKSCRDYYIEYNFKYLQCPLEFTKKTPTQDVIYEPLTALNAMVQNNRIELLNHPVCKEYLLMKWLAYGFRAH
MMNLGSYCLGLIPMTILVVNIKPGMAFNSTGIINETSDHSEILDTTNSYLIKTCMILVFLSSIFGYCKEAGQIFQQKRNY
FMDISNVLEWIIYTTGIIFVLPLFVEIPAHLQWQCGAIAVYFYWMNFLLYLQRFENCGIFIVMLEVILKTLLRSTVVFIF
LLLAFGLSFYILLNLQDPFSSPLLSIIQTFSMMLGDINYRESFLEPYLRNELAHPVLSFAQLVSFTIFVPIVLMNLLIGL
AVGDIAEVQKHASLKRIAMQVELHTSLEKKLPLWFLRKVDQKSTIVYPNKPRSGGMLFHIFCFLFCTGEIRQEIPNADKS
LEMEILKQKYRLKDLTFLLEKQHELIKLIIQKMEIISETEDDDSHCSFQDRFKKEQMEQRNSRWNTVLRAVKAKTHHLEP
SNSLEVLFQGPAADYKDDDDKAHHHHHHHHHH
;
_entity_poly.pdbx_strand_id   A,B,D,C
#
# COMPACT_ATOMS: atom_id res chain seq x y z
N LYS A 447 -57.34 0.96 -36.66
CA LYS A 447 -57.21 -0.24 -35.84
C LYS A 447 -55.77 -0.76 -35.85
N LYS A 448 -54.88 0.00 -36.49
CA LYS A 448 -53.48 -0.41 -36.56
C LYS A 448 -52.78 -0.24 -35.22
N SER A 449 -52.87 0.96 -34.65
CA SER A 449 -52.24 1.24 -33.36
C SER A 449 -52.73 0.38 -32.18
N PRO A 450 -54.00 -0.01 -32.05
CA PRO A 450 -54.32 -1.04 -31.04
C PRO A 450 -53.63 -2.37 -31.27
N LEU A 451 -53.43 -2.78 -32.53
CA LEU A 451 -52.70 -4.01 -32.80
C LEU A 451 -51.23 -3.86 -32.45
N HIS A 452 -50.65 -2.69 -32.75
CA HIS A 452 -49.27 -2.42 -32.37
C HIS A 452 -49.08 -2.44 -30.86
N PHE A 453 -50.04 -1.88 -30.12
CA PHE A 453 -49.97 -1.88 -28.65
C PHE A 453 -50.10 -3.30 -28.10
N ALA A 454 -51.11 -4.04 -28.59
CA ALA A 454 -51.37 -5.38 -28.06
C ALA A 454 -50.29 -6.37 -28.46
N ALA A 455 -49.57 -6.11 -29.55
CA ALA A 455 -48.43 -6.96 -29.90
C ALA A 455 -47.18 -6.53 -29.16
N SER A 456 -47.03 -5.23 -28.87
CA SER A 456 -45.86 -4.77 -28.15
C SER A 456 -45.90 -5.15 -26.69
N TYR A 457 -47.08 -5.35 -26.12
CA TYR A 457 -47.17 -5.68 -24.70
C TYR A 457 -47.79 -7.05 -24.44
N GLY A 458 -47.81 -7.92 -25.45
CA GLY A 458 -48.10 -9.32 -25.21
C GLY A 458 -49.54 -9.67 -24.92
N ARG A 459 -50.47 -8.78 -25.25
CA ARG A 459 -51.89 -9.05 -25.05
C ARG A 459 -52.37 -10.05 -26.10
N ILE A 460 -52.41 -11.32 -25.73
CA ILE A 460 -52.70 -12.36 -26.71
C ILE A 460 -54.18 -12.39 -27.08
N ASN A 461 -55.09 -12.10 -26.15
CA ASN A 461 -56.52 -12.17 -26.44
C ASN A 461 -56.96 -11.00 -27.29
N THR A 462 -56.37 -9.83 -27.06
CA THR A 462 -56.65 -8.67 -27.91
C THR A 462 -56.13 -8.90 -29.33
N CYS A 463 -54.99 -9.56 -29.46
CA CYS A 463 -54.47 -9.90 -30.78
C CYS A 463 -55.32 -10.96 -31.47
N GLN A 464 -55.93 -11.87 -30.71
CA GLN A 464 -56.85 -12.82 -31.31
C GLN A 464 -58.14 -12.15 -31.76
N ARG A 465 -58.62 -11.17 -30.99
CA ARG A 465 -59.86 -10.49 -31.37
C ARG A 465 -59.64 -9.52 -32.52
N LEU A 466 -58.46 -8.91 -32.63
CA LEU A 466 -58.18 -8.06 -33.78
C LEU A 466 -57.95 -8.87 -35.04
N LEU A 467 -57.36 -10.06 -34.93
CA LEU A 467 -57.11 -10.92 -36.07
C LEU A 467 -58.23 -11.93 -36.29
N GLN A 468 -59.45 -11.63 -35.85
CA GLN A 468 -60.57 -12.51 -36.15
C GLN A 468 -60.98 -12.38 -37.61
N ASP A 469 -60.92 -11.16 -38.15
CA ASP A 469 -61.19 -10.92 -39.56
C ASP A 469 -59.89 -11.10 -40.34
N ILE A 470 -59.91 -12.02 -41.30
CA ILE A 470 -58.72 -12.35 -42.07
C ILE A 470 -58.86 -11.79 -43.49
N SER A 471 -59.63 -10.71 -43.63
CA SER A 471 -59.88 -10.14 -44.95
C SER A 471 -58.65 -9.40 -45.47
N ASP A 472 -58.21 -8.38 -44.75
CA ASP A 472 -57.10 -7.53 -45.19
C ASP A 472 -55.84 -7.94 -44.43
N THR A 473 -54.88 -8.51 -45.16
CA THR A 473 -53.59 -8.86 -44.59
C THR A 473 -52.59 -7.72 -44.63
N ARG A 474 -52.95 -6.60 -45.26
CA ARG A 474 -52.08 -5.43 -45.25
C ARG A 474 -52.02 -4.79 -43.87
N LEU A 475 -53.07 -4.98 -43.06
CA LEU A 475 -53.05 -4.49 -41.68
C LEU A 475 -52.16 -5.38 -40.82
N LEU A 476 -51.97 -6.64 -41.21
CA LEU A 476 -51.13 -7.54 -40.45
C LEU A 476 -49.65 -7.19 -40.64
N ASN A 477 -49.27 -6.94 -41.89
CA ASN A 477 -47.89 -6.58 -42.22
C ASN A 477 -47.72 -5.09 -42.41
N GLU A 478 -48.47 -4.27 -41.66
CA GLU A 478 -48.40 -2.83 -41.80
C GLU A 478 -47.11 -2.29 -41.21
N GLY A 479 -46.80 -1.06 -41.59
CA GLY A 479 -45.59 -0.39 -41.15
C GLY A 479 -45.75 0.31 -39.83
N ASP A 480 -44.91 1.32 -39.62
CA ASP A 480 -44.88 2.08 -38.37
C ASP A 480 -44.17 3.38 -38.66
N LEU A 481 -44.13 4.26 -37.65
CA LEU A 481 -43.26 5.43 -37.71
C LEU A 481 -41.79 5.02 -37.82
N HIS A 482 -41.39 4.00 -37.08
CA HIS A 482 -40.07 3.42 -37.20
C HIS A 482 -40.07 2.18 -38.09
N GLY A 483 -41.16 1.91 -38.79
CA GLY A 483 -41.17 0.84 -39.77
C GLY A 483 -41.18 -0.56 -39.20
N MET A 484 -41.57 -0.73 -37.95
CA MET A 484 -41.63 -2.04 -37.33
C MET A 484 -43.04 -2.61 -37.45
N THR A 485 -43.17 -3.75 -38.12
CA THR A 485 -44.43 -4.47 -38.16
C THR A 485 -44.63 -5.12 -36.79
N PRO A 486 -45.87 -5.49 -36.42
CA PRO A 486 -46.09 -6.13 -35.10
C PRO A 486 -45.36 -7.44 -34.85
N LEU A 487 -44.79 -8.08 -35.88
CA LEU A 487 -43.86 -9.17 -35.65
C LEU A 487 -42.61 -8.67 -34.91
N HIS A 488 -42.09 -7.50 -35.32
CA HIS A 488 -40.95 -6.90 -34.64
C HIS A 488 -41.31 -6.45 -33.24
N LEU A 489 -42.54 -5.98 -33.04
CA LEU A 489 -42.96 -5.55 -31.71
C LEU A 489 -43.12 -6.73 -30.77
N ALA A 490 -43.67 -7.84 -31.27
CA ALA A 490 -43.83 -9.03 -30.45
C ALA A 490 -42.49 -9.70 -30.16
N ALA A 491 -41.52 -9.58 -31.08
CA ALA A 491 -40.22 -10.18 -30.86
C ALA A 491 -39.28 -9.29 -30.05
N LYS A 492 -39.52 -7.99 -30.03
CA LYS A 492 -38.64 -7.08 -29.30
C LYS A 492 -38.77 -7.25 -27.80
N ASN A 493 -40.01 -7.34 -27.31
CA ASN A 493 -40.25 -7.47 -25.88
C ASN A 493 -40.28 -8.92 -25.42
N GLY A 494 -40.19 -9.87 -26.32
CA GLY A 494 -40.03 -11.26 -25.95
C GLY A 494 -41.30 -11.97 -25.54
N HIS A 495 -42.29 -12.00 -26.44
CA HIS A 495 -43.54 -12.70 -26.19
C HIS A 495 -43.67 -13.83 -27.20
N ASP A 496 -43.45 -15.07 -26.74
CA ASP A 496 -43.37 -16.20 -27.64
C ASP A 496 -44.73 -16.61 -28.18
N LYS A 497 -45.78 -16.50 -27.37
CA LYS A 497 -47.10 -16.92 -27.82
C LYS A 497 -47.68 -15.93 -28.82
N VAL A 498 -47.38 -14.64 -28.67
CA VAL A 498 -47.87 -13.64 -29.61
C VAL A 498 -47.19 -13.78 -30.95
N VAL A 499 -45.87 -13.98 -30.96
CA VAL A 499 -45.15 -14.14 -32.22
C VAL A 499 -45.51 -15.49 -32.86
N GLN A 500 -45.85 -16.49 -32.05
CA GLN A 500 -46.32 -17.77 -32.59
C GLN A 500 -47.69 -17.61 -33.23
N LEU A 501 -48.57 -16.80 -32.63
CA LEU A 501 -49.88 -16.56 -33.22
C LEU A 501 -49.76 -15.75 -34.52
N LEU A 502 -48.85 -14.76 -34.54
CA LEU A 502 -48.67 -13.98 -35.77
C LEU A 502 -48.01 -14.80 -36.88
N LEU A 503 -47.17 -15.78 -36.54
CA LEU A 503 -46.63 -16.65 -37.56
C LEU A 503 -47.66 -17.70 -38.00
N LYS A 504 -48.55 -18.10 -37.10
CA LYS A 504 -49.59 -19.05 -37.49
C LYS A 504 -50.63 -18.40 -38.40
N LYS A 505 -50.96 -17.14 -38.14
CA LYS A 505 -51.84 -16.39 -39.03
C LYS A 505 -51.15 -15.91 -40.30
N GLY A 506 -49.83 -16.02 -40.37
CA GLY A 506 -49.11 -15.65 -41.58
C GLY A 506 -48.54 -14.25 -41.52
N ALA A 507 -47.24 -14.14 -41.33
CA ALA A 507 -46.55 -12.87 -41.31
C ALA A 507 -45.26 -12.98 -42.12
N LEU A 508 -44.83 -11.85 -42.67
CA LEU A 508 -43.65 -11.80 -43.51
C LEU A 508 -42.49 -11.19 -42.75
N PHE A 509 -41.31 -11.81 -42.87
CA PHE A 509 -40.10 -11.34 -42.20
C PHE A 509 -39.60 -10.10 -42.94
N LEU A 510 -40.21 -8.96 -42.62
CA LEU A 510 -39.88 -7.71 -43.28
C LEU A 510 -38.66 -7.10 -42.62
N SER A 511 -38.29 -5.89 -43.04
CA SER A 511 -37.07 -5.25 -42.57
C SER A 511 -37.40 -3.94 -41.87
N ASP A 512 -36.62 -3.64 -40.84
CA ASP A 512 -36.64 -2.35 -40.18
C ASP A 512 -35.99 -1.30 -41.10
N HIS A 513 -36.17 -0.02 -40.74
CA HIS A 513 -35.42 1.04 -41.42
C HIS A 513 -33.94 0.94 -41.13
N ASN A 514 -33.55 0.34 -40.01
CA ASN A 514 -32.17 -0.03 -39.74
C ASN A 514 -31.85 -1.43 -40.25
N GLY A 515 -32.72 -2.02 -41.05
CA GLY A 515 -32.46 -3.31 -41.66
C GLY A 515 -32.63 -4.50 -40.76
N TRP A 516 -33.15 -4.32 -39.54
CA TRP A 516 -33.27 -5.43 -38.62
C TRP A 516 -34.47 -6.30 -38.97
N THR A 517 -34.51 -7.47 -38.35
CA THR A 517 -35.56 -8.45 -38.52
C THR A 517 -36.11 -8.75 -37.11
N ALA A 518 -37.12 -9.60 -37.01
CA ALA A 518 -37.63 -10.04 -35.71
C ALA A 518 -36.58 -10.84 -34.95
N LEU A 519 -35.75 -11.60 -35.66
CA LEU A 519 -34.68 -12.35 -35.00
C LEU A 519 -33.59 -11.43 -34.49
N HIS A 520 -33.34 -10.31 -35.18
CA HIS A 520 -32.40 -9.32 -34.67
C HIS A 520 -32.87 -8.72 -33.36
N HIS A 521 -34.18 -8.46 -33.24
CA HIS A 521 -34.69 -7.92 -31.99
C HIS A 521 -34.72 -8.97 -30.88
N ALA A 522 -35.04 -10.21 -31.23
CA ALA A 522 -35.04 -11.28 -30.24
C ALA A 522 -33.63 -11.61 -29.74
N SER A 523 -32.62 -11.39 -30.59
CA SER A 523 -31.24 -11.58 -30.15
C SER A 523 -30.70 -10.35 -29.42
N MET A 524 -31.19 -9.16 -29.78
CA MET A 524 -30.85 -7.96 -29.05
C MET A 524 -31.40 -8.00 -27.62
N GLY A 525 -32.58 -8.59 -27.44
CA GLY A 525 -33.14 -8.74 -26.12
C GLY A 525 -32.66 -10.00 -25.42
N GLY A 526 -32.24 -10.98 -26.20
CA GLY A 526 -31.77 -12.23 -25.61
C GLY A 526 -32.87 -13.16 -25.17
N TYR A 527 -34.03 -13.11 -25.83
CA TYR A 527 -35.17 -13.95 -25.47
C TYR A 527 -35.10 -15.24 -26.27
N THR A 528 -34.76 -16.34 -25.60
CA THR A 528 -34.53 -17.59 -26.31
C THR A 528 -35.82 -18.26 -26.76
N GLN A 529 -36.95 -17.95 -26.13
CA GLN A 529 -38.20 -18.62 -26.48
C GLN A 529 -38.73 -18.13 -27.82
N THR A 530 -38.81 -16.81 -28.00
CA THR A 530 -39.21 -16.24 -29.29
C THR A 530 -38.21 -16.59 -30.38
N MET A 531 -36.93 -16.68 -30.00
CA MET A 531 -35.88 -17.09 -30.92
C MET A 531 -36.10 -18.52 -31.41
N LYS A 532 -36.44 -19.42 -30.49
CA LYS A 532 -36.71 -20.81 -30.85
C LYS A 532 -37.97 -20.94 -31.68
N VAL A 533 -38.97 -20.08 -31.43
CA VAL A 533 -40.19 -20.09 -32.23
C VAL A 533 -39.89 -19.60 -33.66
N ILE A 534 -39.05 -18.58 -33.80
CA ILE A 534 -38.69 -18.07 -35.12
C ILE A 534 -37.87 -19.09 -35.89
N LEU A 535 -36.89 -19.72 -35.24
CA LEU A 535 -36.02 -20.66 -35.96
C LEU A 535 -36.69 -21.99 -36.30
N ASP A 536 -37.86 -22.29 -35.74
CA ASP A 536 -38.56 -23.50 -36.11
C ASP A 536 -39.45 -23.35 -37.33
N THR A 537 -39.62 -22.12 -37.84
CA THR A 537 -40.48 -21.89 -39.00
C THR A 537 -39.69 -21.85 -40.31
N ASN A 538 -38.73 -20.94 -40.41
CA ASN A 538 -37.97 -20.75 -41.64
C ASN A 538 -36.49 -20.67 -41.29
N LEU A 539 -35.68 -21.54 -41.90
CA LEU A 539 -34.24 -21.52 -41.69
C LEU A 539 -33.54 -20.45 -42.50
N LYS A 540 -34.24 -19.80 -43.44
CA LYS A 540 -33.64 -18.76 -44.26
C LYS A 540 -33.64 -17.39 -43.58
N CYS A 541 -34.09 -17.30 -42.33
CA CYS A 541 -34.11 -16.05 -41.60
C CYS A 541 -32.83 -15.82 -40.81
N THR A 542 -32.02 -16.86 -40.60
CA THR A 542 -30.82 -16.76 -39.78
C THR A 542 -29.77 -15.89 -40.45
N ASP A 543 -29.33 -16.28 -41.65
CA ASP A 543 -28.35 -15.47 -42.38
C ASP A 543 -29.03 -14.24 -42.97
N ARG A 544 -29.07 -13.15 -42.20
CA ARG A 544 -29.69 -11.92 -42.66
C ARG A 544 -28.86 -10.75 -42.18
N LEU A 545 -28.61 -9.79 -43.05
CA LEU A 545 -27.75 -8.66 -42.75
C LEU A 545 -28.58 -7.40 -42.58
N ASP A 546 -28.14 -6.53 -41.68
CA ASP A 546 -28.74 -5.22 -41.51
C ASP A 546 -28.02 -4.22 -42.40
N GLU A 547 -28.24 -2.92 -42.15
CA GLU A 547 -27.53 -1.88 -42.89
C GLU A 547 -26.05 -1.81 -42.51
N ASP A 548 -25.67 -2.38 -41.38
CA ASP A 548 -24.29 -2.40 -40.94
C ASP A 548 -23.62 -3.73 -41.24
N GLY A 549 -24.36 -4.71 -41.73
CA GLY A 549 -23.79 -6.01 -42.03
C GLY A 549 -23.74 -6.96 -40.86
N ASN A 550 -24.43 -6.67 -39.77
CA ASN A 550 -24.46 -7.56 -38.61
C ASN A 550 -25.54 -8.62 -38.77
N THR A 551 -25.27 -9.79 -38.24
CA THR A 551 -26.27 -10.84 -38.13
C THR A 551 -26.87 -10.82 -36.73
N ALA A 552 -27.78 -11.76 -36.46
CA ALA A 552 -28.36 -11.86 -35.13
C ALA A 552 -27.34 -12.36 -34.12
N LEU A 553 -26.38 -13.17 -34.57
CA LEU A 553 -25.34 -13.67 -33.68
C LEU A 553 -24.41 -12.56 -33.23
N HIS A 554 -24.21 -11.54 -34.08
CA HIS A 554 -23.44 -10.37 -33.68
C HIS A 554 -24.09 -9.63 -32.53
N PHE A 555 -25.41 -9.43 -32.58
CA PHE A 555 -26.10 -8.74 -31.50
C PHE A 555 -26.16 -9.60 -30.24
N ALA A 556 -26.39 -10.90 -30.41
CA ALA A 556 -26.47 -11.80 -29.26
C ALA A 556 -25.11 -11.95 -28.56
N ALA A 557 -24.01 -11.81 -29.30
CA ALA A 557 -22.69 -11.81 -28.69
C ALA A 557 -22.29 -10.44 -28.17
N ARG A 558 -22.81 -9.37 -28.76
CA ARG A 558 -22.50 -8.03 -28.27
C ARG A 558 -23.16 -7.76 -26.94
N GLU A 559 -24.41 -8.18 -26.77
CA GLU A 559 -25.11 -7.91 -25.53
C GLU A 559 -24.85 -8.94 -24.45
N GLY A 560 -24.12 -10.02 -24.75
CA GLY A 560 -23.70 -10.94 -23.72
C GLY A 560 -24.75 -11.93 -23.27
N HIS A 561 -25.55 -12.45 -24.20
CA HIS A 561 -26.56 -13.45 -23.89
C HIS A 561 -26.02 -14.81 -24.32
N ALA A 562 -25.63 -15.63 -23.33
CA ALA A 562 -24.91 -16.86 -23.62
C ALA A 562 -25.81 -17.90 -24.25
N LYS A 563 -27.04 -18.03 -23.77
CA LYS A 563 -27.94 -19.07 -24.30
C LYS A 563 -28.43 -18.71 -25.69
N ALA A 564 -28.53 -17.43 -26.02
CA ALA A 564 -28.88 -17.02 -27.37
C ALA A 564 -27.78 -17.35 -28.36
N VAL A 565 -26.52 -17.12 -27.96
CA VAL A 565 -25.37 -17.47 -28.78
C VAL A 565 -25.28 -18.98 -28.94
N ALA A 566 -25.55 -19.73 -27.87
CA ALA A 566 -25.55 -21.19 -27.95
C ALA A 566 -26.70 -21.71 -28.81
N LEU A 567 -27.83 -21.01 -28.83
CA LEU A 567 -28.96 -21.45 -29.65
C LEU A 567 -28.70 -21.17 -31.13
N LEU A 568 -28.17 -20.00 -31.47
CA LEU A 568 -27.78 -19.77 -32.86
C LEU A 568 -26.56 -20.59 -33.27
N LEU A 569 -25.77 -21.05 -32.31
CA LEU A 569 -24.55 -21.77 -32.61
C LEU A 569 -24.79 -23.26 -32.76
N SER A 570 -25.81 -23.79 -32.07
CA SER A 570 -26.22 -25.17 -32.30
C SER A 570 -26.82 -25.34 -33.69
N HIS A 571 -27.49 -24.32 -34.19
CA HIS A 571 -27.89 -24.27 -35.59
C HIS A 571 -26.77 -23.69 -36.43
N ASN A 572 -26.98 -23.66 -37.74
CA ASN A 572 -25.97 -23.13 -38.65
C ASN A 572 -26.11 -21.62 -38.71
N ALA A 573 -25.13 -20.91 -38.18
CA ALA A 573 -25.25 -19.47 -37.97
C ALA A 573 -24.71 -18.64 -39.12
N ASP A 574 -23.91 -19.23 -40.02
CA ASP A 574 -23.31 -18.55 -41.18
C ASP A 574 -22.45 -17.35 -40.74
N ILE A 575 -21.35 -17.71 -40.08
CA ILE A 575 -20.45 -16.72 -39.49
C ILE A 575 -19.81 -15.86 -40.57
N VAL A 576 -19.93 -14.54 -40.41
CA VAL A 576 -19.46 -13.57 -41.40
C VAL A 576 -18.90 -12.38 -40.64
N LEU A 577 -18.15 -11.54 -41.33
CA LEU A 577 -17.56 -10.36 -40.73
C LEU A 577 -18.53 -9.18 -40.79
N ASN A 578 -18.13 -8.08 -40.17
CA ASN A 578 -18.95 -6.88 -40.07
C ASN A 578 -18.62 -5.98 -41.26
N LYS A 579 -19.18 -4.77 -41.28
CA LYS A 579 -18.69 -3.74 -42.18
C LYS A 579 -17.27 -3.33 -41.79
N GLN A 580 -16.96 -3.36 -40.50
CA GLN A 580 -15.62 -3.11 -40.00
C GLN A 580 -14.80 -4.38 -39.84
N GLN A 581 -15.18 -5.45 -40.57
CA GLN A 581 -14.48 -6.74 -40.61
C GLN A 581 -14.34 -7.39 -39.23
N ALA A 582 -15.35 -7.22 -38.39
CA ALA A 582 -15.35 -7.81 -37.06
C ALA A 582 -16.28 -9.00 -37.03
N SER A 583 -15.82 -10.10 -36.45
CA SER A 583 -16.70 -11.23 -36.24
C SER A 583 -17.53 -10.99 -34.98
N PHE A 584 -18.42 -11.94 -34.68
CA PHE A 584 -19.17 -11.85 -33.42
C PHE A 584 -18.27 -12.13 -32.23
N LEU A 585 -17.20 -12.90 -32.43
CA LEU A 585 -16.25 -13.17 -31.36
C LEU A 585 -15.43 -11.93 -31.04
N HIS A 586 -15.05 -11.17 -32.06
CA HIS A 586 -14.38 -9.89 -31.85
C HIS A 586 -15.28 -8.92 -31.10
N LEU A 587 -16.54 -8.85 -31.50
CA LEU A 587 -17.49 -7.92 -30.88
C LEU A 587 -17.85 -8.36 -29.47
N ALA A 588 -17.73 -9.64 -29.17
CA ALA A 588 -17.89 -10.10 -27.79
C ALA A 588 -16.65 -9.79 -26.95
N LEU A 589 -15.46 -9.89 -27.54
CA LEU A 589 -14.25 -9.59 -26.78
C LEU A 589 -14.05 -8.10 -26.53
N HIS A 590 -14.54 -7.25 -27.42
CA HIS A 590 -14.40 -5.81 -27.18
C HIS A 590 -15.31 -5.31 -26.07
N ASN A 591 -16.30 -6.10 -25.63
CA ASN A 591 -17.18 -5.71 -24.55
C ASN A 591 -16.94 -6.52 -23.28
N LYS A 592 -15.88 -7.35 -23.27
CA LYS A 592 -15.42 -8.12 -22.10
C LYS A 592 -16.50 -9.06 -21.58
N ARG A 593 -17.29 -9.62 -22.50
CA ARG A 593 -18.34 -10.56 -22.14
C ARG A 593 -17.71 -11.93 -21.96
N LYS A 594 -17.49 -12.31 -20.70
CA LYS A 594 -16.71 -13.52 -20.41
C LYS A 594 -17.50 -14.78 -20.73
N GLU A 595 -18.81 -14.78 -20.43
CA GLU A 595 -19.58 -16.01 -20.50
C GLU A 595 -19.84 -16.44 -21.95
N VAL A 596 -20.02 -15.48 -22.86
CA VAL A 596 -20.31 -15.88 -24.24
C VAL A 596 -19.04 -16.40 -24.91
N VAL A 597 -17.87 -15.82 -24.62
CA VAL A 597 -16.68 -16.36 -25.25
C VAL A 597 -16.27 -17.66 -24.59
N LEU A 598 -16.64 -17.84 -23.31
CA LEU A 598 -16.39 -19.13 -22.67
C LEU A 598 -17.26 -20.23 -23.26
N THR A 599 -18.53 -19.93 -23.55
CA THR A 599 -19.36 -20.96 -24.16
C THR A 599 -19.10 -21.11 -25.66
N ILE A 600 -18.42 -20.15 -26.30
CA ILE A 600 -17.90 -20.39 -27.65
C ILE A 600 -16.71 -21.33 -27.59
N ILE A 601 -15.84 -21.16 -26.58
CA ILE A 601 -14.72 -22.08 -26.38
C ILE A 601 -15.20 -23.50 -26.09
N ARG A 602 -16.21 -23.63 -25.24
CA ARG A 602 -16.74 -24.96 -24.90
C ARG A 602 -17.54 -25.59 -26.02
N SER A 603 -17.79 -24.88 -27.11
CA SER A 603 -18.63 -25.38 -28.19
C SER A 603 -17.84 -26.33 -29.10
N LYS A 604 -18.51 -26.78 -30.16
CA LYS A 604 -17.89 -27.65 -31.14
C LYS A 604 -17.38 -26.89 -32.36
N ARG A 605 -17.88 -25.68 -32.61
CA ARG A 605 -17.49 -24.89 -33.77
C ARG A 605 -16.43 -23.86 -33.44
N TRP A 606 -15.58 -24.15 -32.45
CA TRP A 606 -14.52 -23.23 -32.07
C TRP A 606 -13.46 -23.10 -33.17
N ASP A 607 -13.14 -24.20 -33.84
CA ASP A 607 -12.11 -24.16 -34.87
C ASP A 607 -12.57 -23.38 -36.09
N GLU A 608 -13.87 -23.37 -36.37
CA GLU A 608 -14.40 -22.55 -37.45
C GLU A 608 -14.40 -21.08 -37.07
N CYS A 609 -14.68 -20.78 -35.79
CA CYS A 609 -14.68 -19.41 -35.32
C CYS A 609 -13.27 -18.83 -35.27
N LEU A 610 -12.27 -19.67 -35.02
CA LEU A 610 -10.90 -19.20 -34.85
C LEU A 610 -10.26 -18.76 -36.16
N LYS A 611 -10.73 -19.28 -37.29
CA LYS A 611 -10.04 -19.08 -38.55
C LYS A 611 -10.24 -17.67 -39.11
N ILE A 612 -11.50 -17.27 -39.20
CA ILE A 612 -11.91 -16.00 -39.79
C ILE A 612 -11.60 -14.65 -39.15
N PHE A 613 -10.69 -13.89 -39.75
CA PHE A 613 -10.44 -12.52 -39.30
C PHE A 613 -9.64 -11.84 -40.40
N SER A 614 -9.72 -10.51 -40.43
CA SER A 614 -9.02 -9.73 -41.43
C SER A 614 -7.61 -9.43 -40.94
N HIS A 615 -6.63 -9.62 -41.83
CA HIS A 615 -5.24 -9.32 -41.51
C HIS A 615 -4.90 -7.85 -41.72
N ASN A 616 -5.87 -7.02 -42.10
CA ASN A 616 -5.59 -5.63 -42.43
C ASN A 616 -6.18 -4.64 -41.43
N SER A 617 -7.16 -5.04 -40.66
CA SER A 617 -7.76 -4.12 -39.69
C SER A 617 -6.85 -3.98 -38.48
N PRO A 618 -6.58 -2.74 -38.03
CA PRO A 618 -5.71 -2.56 -36.87
C PRO A 618 -6.39 -2.92 -35.55
N GLY A 619 -7.71 -2.77 -35.50
CA GLY A 619 -8.45 -3.04 -34.28
C GLY A 619 -8.90 -4.47 -34.15
N ASN A 620 -9.36 -5.06 -35.26
CA ASN A 620 -9.89 -6.42 -35.26
C ASN A 620 -8.77 -7.37 -35.69
N LYS A 621 -7.89 -7.66 -34.73
CA LYS A 621 -6.74 -8.53 -34.98
C LYS A 621 -7.10 -10.00 -34.84
N SER A 622 -6.08 -10.85 -34.74
CA SER A 622 -6.28 -12.27 -34.49
C SER A 622 -6.97 -12.47 -33.14
N PRO A 623 -7.84 -13.47 -33.01
CA PRO A 623 -8.61 -13.64 -31.77
C PRO A 623 -7.77 -13.99 -30.56
N ILE A 624 -6.61 -14.62 -30.76
CA ILE A 624 -5.77 -15.00 -29.63
C ILE A 624 -5.15 -13.77 -28.97
N THR A 625 -4.67 -12.83 -29.79
CA THR A 625 -4.14 -11.58 -29.26
C THR A 625 -5.23 -10.74 -28.60
N GLU A 626 -6.45 -10.81 -29.12
CA GLU A 626 -7.57 -10.09 -28.50
C GLU A 626 -7.94 -10.70 -27.16
N MET A 627 -7.88 -12.03 -27.05
CA MET A 627 -8.12 -12.68 -25.76
C MET A 627 -7.00 -12.39 -24.77
N ILE A 628 -5.77 -12.25 -25.25
CA ILE A 628 -4.68 -11.86 -24.36
C ILE A 628 -4.87 -10.42 -23.88
N GLU A 629 -5.33 -9.54 -24.76
CA GLU A 629 -5.47 -8.13 -24.41
C GLU A 629 -6.65 -7.88 -23.48
N TYR A 630 -7.78 -8.54 -23.71
CA TYR A 630 -9.02 -8.18 -23.03
C TYR A 630 -9.42 -9.16 -21.94
N LEU A 631 -9.56 -10.45 -22.24
CA LEU A 631 -10.07 -11.44 -21.28
C LEU A 631 -9.02 -12.53 -21.08
N PRO A 632 -8.03 -12.30 -20.20
CA PRO A 632 -6.96 -13.28 -20.05
C PRO A 632 -7.37 -14.55 -19.31
N GLU A 633 -8.45 -14.51 -18.53
CA GLU A 633 -8.90 -15.72 -17.83
C GLU A 633 -9.44 -16.74 -18.82
N CYS A 634 -10.13 -16.28 -19.87
CA CYS A 634 -10.55 -17.18 -20.93
C CYS A 634 -9.37 -17.72 -21.72
N MET A 635 -8.30 -16.94 -21.83
CA MET A 635 -7.08 -17.46 -22.45
C MET A 635 -6.42 -18.51 -21.58
N LYS A 636 -6.52 -18.37 -20.25
CA LYS A 636 -6.03 -19.41 -19.35
C LYS A 636 -6.85 -20.69 -19.48
N VAL A 637 -8.17 -20.55 -19.60
CA VAL A 637 -9.05 -21.70 -19.81
C VAL A 637 -8.73 -22.37 -21.15
N LEU A 638 -8.42 -21.56 -22.17
CA LEU A 638 -8.06 -22.11 -23.47
C LEU A 638 -6.72 -22.83 -23.43
N LEU A 639 -5.75 -22.30 -22.67
CA LEU A 639 -4.47 -22.98 -22.52
C LEU A 639 -4.57 -24.23 -21.66
N ASP A 640 -5.60 -24.33 -20.81
CA ASP A 640 -5.80 -25.54 -20.03
C ASP A 640 -6.18 -26.75 -20.89
N PHE A 641 -6.70 -26.54 -22.10
CA PHE A 641 -7.00 -27.65 -22.97
C PHE A 641 -5.76 -28.27 -23.60
N CYS A 642 -4.66 -27.54 -23.67
CA CYS A 642 -3.43 -28.07 -24.26
C CYS A 642 -2.52 -28.69 -23.20
N MET A 643 -3.09 -29.56 -22.36
CA MET A 643 -2.34 -30.31 -21.36
C MET A 643 -2.99 -31.69 -21.27
N LEU A 644 -2.44 -32.65 -22.01
CA LEU A 644 -3.02 -33.98 -22.10
C LEU A 644 -2.30 -34.90 -21.10
N HIS A 645 -3.02 -35.33 -20.07
CA HIS A 645 -2.48 -36.24 -19.07
C HIS A 645 -2.68 -37.68 -19.54
N SER A 646 -1.72 -38.55 -19.21
CA SER A 646 -1.77 -39.92 -19.69
C SER A 646 -2.73 -40.77 -18.87
N THR A 647 -2.44 -40.95 -17.58
CA THR A 647 -3.22 -41.84 -16.74
C THR A 647 -3.48 -41.31 -15.34
N GLU A 648 -3.06 -40.07 -15.03
CA GLU A 648 -3.22 -39.42 -13.71
C GLU A 648 -2.60 -40.24 -12.59
N ASP A 649 -1.43 -40.83 -12.86
CA ASP A 649 -0.69 -41.62 -11.88
C ASP A 649 0.76 -41.16 -11.91
N LYS A 650 1.17 -40.40 -10.89
CA LYS A 650 2.52 -39.85 -10.86
C LYS A 650 3.57 -40.91 -10.53
N SER A 651 3.18 -42.02 -9.91
CA SER A 651 4.14 -43.06 -9.55
C SER A 651 4.58 -43.90 -10.72
N CYS A 652 3.87 -43.85 -11.85
CA CYS A 652 4.22 -44.66 -13.00
C CYS A 652 5.45 -44.09 -13.70
N ARG A 653 6.40 -44.96 -14.03
CA ARG A 653 7.56 -44.53 -14.79
C ARG A 653 7.20 -44.23 -16.24
N ASP A 654 6.21 -44.92 -16.78
CA ASP A 654 5.74 -44.69 -18.14
C ASP A 654 4.70 -43.58 -18.23
N TYR A 655 4.46 -42.86 -17.14
CA TYR A 655 3.52 -41.74 -17.17
C TYR A 655 4.13 -40.55 -17.88
N TYR A 656 3.31 -39.85 -18.66
CA TYR A 656 3.75 -38.67 -19.39
C TYR A 656 2.64 -37.64 -19.40
N ILE A 657 2.99 -36.44 -19.86
CA ILE A 657 2.02 -35.39 -20.16
C ILE A 657 2.42 -34.79 -21.51
N GLU A 658 1.43 -34.27 -22.22
CA GLU A 658 1.65 -33.74 -23.56
C GLU A 658 1.23 -32.29 -23.62
N TYR A 659 2.10 -31.45 -24.19
CA TYR A 659 1.85 -30.03 -24.38
C TYR A 659 1.69 -29.75 -25.86
N ASN A 660 0.58 -29.12 -26.23
CA ASN A 660 0.30 -28.72 -27.60
C ASN A 660 0.47 -27.21 -27.72
N PHE A 661 1.05 -26.78 -28.84
CA PHE A 661 1.40 -25.38 -29.03
C PHE A 661 0.69 -24.78 -30.23
N LYS A 662 -0.52 -25.26 -30.54
CA LYS A 662 -1.22 -24.81 -31.73
C LYS A 662 -1.82 -23.43 -31.59
N TYR A 663 -1.97 -22.92 -30.37
CA TYR A 663 -2.48 -21.56 -30.18
C TYR A 663 -1.37 -20.53 -30.05
N LEU A 664 -0.14 -20.95 -29.75
CA LEU A 664 0.96 -20.03 -29.56
C LEU A 664 1.66 -19.70 -30.87
N GLN A 665 1.32 -20.37 -31.96
CA GLN A 665 2.06 -20.26 -33.20
C GLN A 665 1.68 -18.99 -33.96
N CYS A 666 2.20 -18.90 -35.19
CA CYS A 666 1.95 -17.74 -36.09
C CYS A 666 0.50 -17.76 -36.57
N PRO A 667 -0.21 -16.61 -36.59
CA PRO A 667 -1.62 -16.56 -37.03
C PRO A 667 -1.85 -17.10 -38.43
N LEU A 668 -0.85 -17.07 -39.30
CA LEU A 668 -0.99 -17.71 -40.61
C LEU A 668 -1.06 -19.22 -40.48
N GLU A 669 -0.28 -19.79 -39.57
CA GLU A 669 -0.28 -21.23 -39.36
C GLU A 669 -1.45 -21.65 -38.47
N ASP A 678 -0.34 -9.84 -47.70
CA ASP A 678 1.05 -9.48 -48.02
C ASP A 678 1.75 -8.86 -46.81
N VAL A 679 1.11 -9.00 -45.64
CA VAL A 679 1.70 -8.47 -44.42
C VAL A 679 2.64 -9.49 -43.81
N ILE A 680 3.51 -9.02 -42.91
CA ILE A 680 4.45 -9.87 -42.21
C ILE A 680 4.23 -9.71 -40.71
N TYR A 681 4.59 -10.75 -39.97
CA TYR A 681 4.49 -10.75 -38.52
C TYR A 681 5.84 -11.07 -37.90
N GLU A 682 6.14 -10.41 -36.79
CA GLU A 682 7.31 -10.75 -36.00
C GLU A 682 7.10 -12.12 -35.34
N PRO A 683 8.17 -12.86 -35.06
CA PRO A 683 7.99 -14.15 -34.37
C PRO A 683 7.57 -13.95 -32.93
N LEU A 684 7.00 -15.03 -32.38
CA LEU A 684 6.47 -15.10 -31.02
C LEU A 684 5.41 -14.02 -30.78
N THR A 685 4.30 -14.15 -31.51
CA THR A 685 3.25 -13.14 -31.48
C THR A 685 2.51 -13.16 -30.15
N ALA A 686 2.04 -14.34 -29.73
CA ALA A 686 1.27 -14.46 -28.50
C ALA A 686 2.11 -14.14 -27.27
N LEU A 687 3.40 -14.48 -27.30
CA LEU A 687 4.26 -14.21 -26.16
C LEU A 687 4.57 -12.73 -26.03
N ASN A 688 4.81 -12.05 -27.16
CA ASN A 688 4.98 -10.61 -27.13
C ASN A 688 3.71 -9.90 -26.71
N ALA A 689 2.54 -10.43 -27.11
CA ALA A 689 1.28 -9.85 -26.67
C ALA A 689 1.06 -10.07 -25.18
N MET A 690 1.50 -11.20 -24.64
CA MET A 690 1.38 -11.42 -23.21
C MET A 690 2.36 -10.57 -22.41
N VAL A 691 3.52 -10.27 -22.98
CA VAL A 691 4.48 -9.43 -22.27
C VAL A 691 4.05 -7.97 -22.31
N GLN A 692 3.59 -7.49 -23.47
CA GLN A 692 3.18 -6.08 -23.60
C GLN A 692 1.90 -5.76 -22.83
N ASN A 693 1.15 -6.76 -22.38
CA ASN A 693 -0.06 -6.53 -21.60
C ASN A 693 0.09 -6.94 -20.15
N ASN A 694 1.33 -7.26 -19.73
CA ASN A 694 1.69 -7.54 -18.33
C ASN A 694 0.93 -8.73 -17.75
N ARG A 695 0.62 -9.73 -18.58
CA ARG A 695 -0.19 -10.86 -18.15
C ARG A 695 0.72 -11.95 -17.60
N ILE A 696 1.32 -11.65 -16.44
CA ILE A 696 2.36 -12.50 -15.86
C ILE A 696 1.81 -13.84 -15.37
N GLU A 697 0.51 -13.92 -15.08
CA GLU A 697 -0.07 -15.20 -14.71
C GLU A 697 -0.20 -16.15 -15.90
N LEU A 698 -0.15 -15.62 -17.11
CA LEU A 698 -0.15 -16.44 -18.32
C LEU A 698 1.25 -16.82 -18.75
N LEU A 699 2.25 -16.00 -18.42
CA LEU A 699 3.63 -16.37 -18.70
C LEU A 699 4.10 -17.52 -17.82
N ASN A 700 3.55 -17.63 -16.62
CA ASN A 700 3.89 -18.71 -15.70
C ASN A 700 3.05 -19.96 -15.92
N HIS A 701 2.23 -19.99 -16.96
CA HIS A 701 1.48 -21.19 -17.29
C HIS A 701 2.43 -22.24 -17.84
N PRO A 702 2.26 -23.51 -17.47
CA PRO A 702 3.24 -24.54 -17.86
C PRO A 702 3.35 -24.80 -19.35
N VAL A 703 2.31 -24.50 -20.13
CA VAL A 703 2.42 -24.59 -21.58
C VAL A 703 3.41 -23.54 -22.10
N CYS A 704 3.34 -22.33 -21.55
CA CYS A 704 4.28 -21.29 -21.95
C CYS A 704 5.70 -21.59 -21.46
N LYS A 705 5.83 -22.17 -20.26
CA LYS A 705 7.14 -22.53 -19.75
C LYS A 705 7.79 -23.61 -20.60
N GLU A 706 7.03 -24.63 -20.99
CA GLU A 706 7.57 -25.64 -21.88
C GLU A 706 7.80 -25.12 -23.29
N TYR A 707 7.05 -24.10 -23.70
CA TYR A 707 7.30 -23.48 -25.00
C TYR A 707 8.62 -22.72 -25.00
N LEU A 708 8.91 -21.97 -23.93
CA LEU A 708 10.22 -21.33 -23.81
C LEU A 708 11.34 -22.34 -23.66
N LEU A 709 11.09 -23.46 -22.96
CA LEU A 709 12.13 -24.47 -22.80
C LEU A 709 12.45 -25.17 -24.12
N MET A 710 11.41 -25.47 -24.91
CA MET A 710 11.63 -26.02 -26.24
C MET A 710 12.33 -25.02 -27.14
N LYS A 711 11.96 -23.74 -27.05
CA LYS A 711 12.57 -22.70 -27.87
C LYS A 711 14.03 -22.48 -27.48
N TRP A 712 14.36 -22.68 -26.20
CA TRP A 712 15.73 -22.59 -25.74
C TRP A 712 16.55 -23.76 -26.26
N LEU A 713 16.12 -24.99 -25.96
CA LEU A 713 16.84 -26.19 -26.39
C LEU A 713 16.86 -26.40 -27.90
N ALA A 714 16.02 -25.69 -28.64
CA ALA A 714 16.06 -25.77 -30.09
C ALA A 714 17.32 -25.12 -30.65
N TYR A 715 17.46 -23.82 -30.44
CA TYR A 715 18.61 -23.09 -31.00
C TYR A 715 19.24 -22.07 -30.05
N GLY A 716 18.59 -21.70 -28.96
CA GLY A 716 19.01 -20.54 -28.20
C GLY A 716 20.24 -20.82 -27.37
N PHE A 717 20.30 -22.00 -26.77
CA PHE A 717 21.49 -22.40 -26.01
C PHE A 717 22.70 -22.54 -26.92
N ARG A 718 22.51 -23.07 -28.13
CA ARG A 718 23.62 -23.24 -29.06
C ARG A 718 24.14 -21.89 -29.55
N ALA A 719 23.24 -20.98 -29.92
CA ALA A 719 23.66 -19.66 -30.38
C ALA A 719 24.27 -18.86 -29.24
N HIS A 720 23.78 -19.04 -28.01
CA HIS A 720 24.31 -18.31 -26.87
C HIS A 720 25.69 -18.81 -26.49
N MET A 721 25.91 -20.13 -26.50
CA MET A 721 27.24 -20.66 -26.22
C MET A 721 28.22 -20.32 -27.33
N MET A 722 27.76 -20.22 -28.58
CA MET A 722 28.65 -19.80 -29.65
C MET A 722 29.06 -18.34 -29.49
N ASN A 723 28.09 -17.46 -29.16
CA ASN A 723 28.40 -16.05 -28.95
C ASN A 723 29.29 -15.84 -27.73
N LEU A 724 29.12 -16.66 -26.70
CA LEU A 724 29.96 -16.53 -25.51
C LEU A 724 31.36 -17.09 -25.76
N GLY A 725 31.48 -18.18 -26.53
CA GLY A 725 32.78 -18.74 -26.82
C GLY A 725 33.60 -17.89 -27.75
N SER A 726 32.94 -17.15 -28.65
CA SER A 726 33.67 -16.24 -29.55
C SER A 726 34.36 -15.12 -28.80
N TYR A 727 33.80 -14.70 -27.66
CA TYR A 727 34.45 -13.71 -26.81
C TYR A 727 35.41 -14.34 -25.81
N CYS A 728 35.07 -15.53 -25.32
CA CYS A 728 35.91 -16.20 -24.33
C CYS A 728 37.21 -16.70 -24.95
N LEU A 729 37.23 -16.93 -26.26
CA LEU A 729 38.45 -17.28 -26.98
C LEU A 729 39.45 -16.13 -26.98
N GLY A 730 38.99 -14.90 -26.83
CA GLY A 730 39.89 -13.79 -26.65
C GLY A 730 40.12 -13.47 -25.18
N LEU A 731 39.16 -13.88 -24.34
CA LEU A 731 39.25 -13.59 -22.92
C LEU A 731 40.34 -14.42 -22.23
N ILE A 732 40.27 -15.75 -22.37
CA ILE A 732 41.15 -16.67 -21.64
C ILE A 732 42.66 -16.52 -21.93
N PRO A 733 43.16 -16.48 -23.19
CA PRO A 733 44.62 -16.49 -23.36
C PRO A 733 45.31 -15.22 -22.88
N MET A 734 44.63 -14.08 -22.85
CA MET A 734 45.23 -12.89 -22.25
C MET A 734 45.40 -13.05 -20.76
N THR A 735 44.45 -13.71 -20.09
CA THR A 735 44.58 -13.96 -18.66
C THR A 735 45.69 -14.95 -18.37
N ILE A 736 45.83 -15.98 -19.22
CA ILE A 736 46.93 -16.93 -19.07
C ILE A 736 48.27 -16.22 -19.29
N LEU A 737 48.33 -15.36 -20.30
CA LEU A 737 49.54 -14.63 -20.64
C LEU A 737 49.92 -13.64 -19.55
N VAL A 738 48.94 -13.12 -18.83
CA VAL A 738 49.21 -12.25 -17.70
C VAL A 738 49.71 -13.03 -16.50
N VAL A 739 49.01 -14.12 -16.13
CA VAL A 739 49.37 -14.84 -14.91
C VAL A 739 50.63 -15.67 -15.07
N ASN A 740 51.14 -15.85 -16.29
CA ASN A 740 52.43 -16.54 -16.41
C ASN A 740 53.61 -15.58 -16.46
N ILE A 741 53.55 -14.56 -17.31
CA ILE A 741 54.67 -13.63 -17.47
C ILE A 741 54.64 -12.62 -16.33
N LYS A 742 55.79 -12.39 -15.71
CA LYS A 742 55.91 -11.34 -14.71
C LYS A 742 55.73 -9.97 -15.35
N PRO A 743 54.94 -9.09 -14.75
CA PRO A 743 54.75 -7.74 -15.31
C PRO A 743 56.03 -6.92 -15.28
N GLY A 744 56.12 -5.99 -16.23
CA GLY A 744 57.29 -5.17 -16.40
C GLY A 744 58.26 -5.70 -17.45
N MET A 745 58.34 -7.01 -17.62
CA MET A 745 59.25 -7.61 -18.58
C MET A 745 58.67 -7.55 -19.99
N ALA A 746 59.56 -7.43 -20.97
CA ALA A 746 59.17 -7.49 -22.36
C ALA A 746 59.30 -8.92 -22.88
N PHE A 747 58.52 -9.24 -23.91
CA PHE A 747 58.51 -10.60 -24.44
C PHE A 747 58.13 -10.60 -25.91
N ASN A 748 58.90 -11.35 -26.70
CA ASN A 748 58.58 -11.62 -28.09
C ASN A 748 57.82 -12.93 -28.18
N SER A 749 57.70 -13.47 -29.40
CA SER A 749 57.21 -14.83 -29.57
C SER A 749 58.26 -15.87 -29.19
N THR A 750 59.53 -15.47 -29.13
CA THR A 750 60.59 -16.39 -28.76
C THR A 750 60.64 -16.65 -27.27
N GLY A 751 60.20 -15.71 -26.47
CA GLY A 751 60.21 -15.87 -25.02
C GLY A 751 60.29 -14.52 -24.33
N ILE A 752 60.60 -14.58 -23.04
CA ILE A 752 60.62 -13.39 -22.20
C ILE A 752 62.01 -12.75 -22.25
N ILE A 753 62.06 -11.50 -22.70
CA ILE A 753 63.32 -10.77 -22.76
C ILE A 753 63.70 -10.32 -21.36
N ASN A 754 64.89 -10.68 -20.91
CA ASN A 754 65.39 -10.25 -19.61
C ASN A 754 66.73 -9.56 -19.76
N ILE A 762 69.68 -12.18 -22.66
CA ILE A 762 69.16 -13.08 -21.64
C ILE A 762 67.67 -13.34 -21.87
N LEU A 763 67.33 -14.55 -22.27
CA LEU A 763 65.95 -14.93 -22.49
C LEU A 763 65.81 -16.43 -22.31
N ASP A 764 64.58 -16.86 -22.05
CA ASP A 764 64.28 -18.28 -21.85
C ASP A 764 63.18 -18.73 -22.80
N THR A 765 63.23 -20.01 -23.18
CA THR A 765 62.26 -20.63 -24.06
C THR A 765 61.59 -21.82 -23.37
N THR A 766 61.21 -21.63 -22.10
CA THR A 766 60.60 -22.72 -21.33
C THR A 766 59.18 -22.99 -21.80
N ASN A 767 58.32 -21.98 -21.74
CA ASN A 767 56.94 -22.09 -22.18
C ASN A 767 56.67 -21.15 -23.34
N SER A 768 57.59 -21.11 -24.29
CA SER A 768 57.48 -20.16 -25.41
C SER A 768 56.37 -20.54 -26.37
N TYR A 769 56.08 -21.84 -26.48
CA TYR A 769 55.00 -22.29 -27.36
C TYR A 769 53.64 -21.83 -26.86
N LEU A 770 53.43 -21.90 -25.55
CA LEU A 770 52.17 -21.46 -24.97
C LEU A 770 51.99 -19.95 -25.10
N ILE A 771 53.07 -19.20 -24.88
CA ILE A 771 53.04 -17.75 -25.03
C ILE A 771 52.76 -17.36 -26.47
N LYS A 772 53.36 -18.08 -27.43
CA LYS A 772 53.16 -17.81 -28.84
C LYS A 772 51.73 -18.10 -29.26
N THR A 773 51.18 -19.24 -28.83
CA THR A 773 49.80 -19.58 -29.19
C THR A 773 48.79 -18.63 -28.54
N CYS A 774 49.07 -18.19 -27.31
CA CYS A 774 48.16 -17.24 -26.67
C CYS A 774 48.19 -15.88 -27.37
N MET A 775 49.36 -15.41 -27.79
CA MET A 775 49.42 -14.14 -28.51
C MET A 775 48.77 -14.24 -29.87
N ILE A 776 48.91 -15.39 -30.56
CA ILE A 776 48.24 -15.57 -31.85
C ILE A 776 46.73 -15.59 -31.67
N LEU A 777 46.24 -16.26 -30.62
CA LEU A 777 44.79 -16.30 -30.38
C LEU A 777 44.23 -14.93 -30.05
N VAL A 778 44.94 -14.13 -29.24
CA VAL A 778 44.44 -12.81 -28.90
C VAL A 778 44.49 -11.88 -30.12
N PHE A 779 45.54 -12.00 -30.94
CA PHE A 779 45.65 -11.19 -32.16
C PHE A 779 44.55 -11.50 -33.17
N LEU A 780 44.29 -12.80 -33.39
CA LEU A 780 43.24 -13.19 -34.33
C LEU A 780 41.85 -12.83 -33.82
N SER A 781 41.62 -12.96 -32.50
CA SER A 781 40.34 -12.56 -31.94
C SER A 781 40.15 -11.04 -32.04
N SER A 782 41.23 -10.28 -31.90
CA SER A 782 41.13 -8.83 -32.02
C SER A 782 40.82 -8.40 -33.45
N ILE A 783 41.48 -9.02 -34.44
CA ILE A 783 41.18 -8.60 -35.82
C ILE A 783 39.82 -9.12 -36.27
N PHE A 784 39.36 -10.24 -35.71
CA PHE A 784 37.98 -10.67 -35.96
C PHE A 784 36.98 -9.67 -35.37
N GLY A 785 37.29 -9.13 -34.18
CA GLY A 785 36.46 -8.09 -33.62
C GLY A 785 36.48 -6.82 -34.45
N TYR A 786 37.64 -6.48 -35.03
CA TYR A 786 37.72 -5.36 -35.96
C TYR A 786 36.84 -5.57 -37.20
N CYS A 787 36.87 -6.79 -37.76
CA CYS A 787 36.07 -7.06 -38.95
C CYS A 787 34.57 -7.03 -38.64
N LYS A 788 34.19 -7.58 -37.48
CA LYS A 788 32.79 -7.57 -37.08
C LYS A 788 32.30 -6.15 -36.81
N GLU A 789 33.11 -5.33 -36.14
CA GLU A 789 32.69 -3.95 -35.88
C GLU A 789 32.73 -3.09 -37.13
N ALA A 790 33.65 -3.38 -38.07
CA ALA A 790 33.66 -2.66 -39.33
C ALA A 790 32.46 -3.03 -40.20
N GLY A 791 31.95 -4.26 -40.06
CA GLY A 791 30.68 -4.57 -40.66
C GLY A 791 29.52 -3.87 -39.99
N GLN A 792 29.55 -3.78 -38.66
CA GLN A 792 28.46 -3.15 -37.92
C GLN A 792 28.44 -1.62 -38.07
N ILE A 793 29.56 -1.00 -38.45
CA ILE A 793 29.56 0.43 -38.77
C ILE A 793 28.67 0.70 -39.99
N PHE A 794 28.90 -0.04 -41.08
CA PHE A 794 28.09 0.12 -42.26
C PHE A 794 26.68 -0.46 -42.10
N GLN A 795 26.49 -1.40 -41.16
CA GLN A 795 25.16 -1.93 -40.92
C GLN A 795 24.31 -0.96 -40.10
N GLN A 796 24.90 -0.32 -39.09
CA GLN A 796 24.14 0.57 -38.21
C GLN A 796 23.88 1.93 -38.84
N LYS A 797 24.80 2.40 -39.68
CA LYS A 797 24.72 3.69 -40.39
C LYS A 797 24.58 4.85 -39.41
N ARG A 798 25.65 5.04 -38.60
CA ARG A 798 25.78 6.14 -37.64
C ARG A 798 24.67 6.12 -36.58
N ASN A 799 24.29 4.91 -36.16
CA ASN A 799 23.34 4.73 -35.06
C ASN A 799 23.96 4.08 -33.84
N TYR A 800 25.20 3.59 -33.94
CA TYR A 800 25.89 2.93 -32.86
C TYR A 800 26.64 3.89 -31.94
N PHE A 801 26.43 5.19 -32.11
CA PHE A 801 27.24 6.18 -31.41
C PHE A 801 26.86 6.27 -29.93
N MET A 802 25.56 6.25 -29.62
CA MET A 802 25.10 6.33 -28.24
C MET A 802 24.98 4.93 -27.65
N ASP A 803 26.14 4.30 -27.49
CA ASP A 803 26.22 2.95 -26.93
C ASP A 803 27.59 2.80 -26.27
N ILE A 804 27.59 2.33 -25.02
CA ILE A 804 28.84 2.22 -24.29
C ILE A 804 29.53 0.87 -24.55
N SER A 805 28.79 -0.15 -24.98
CA SER A 805 29.40 -1.45 -25.24
C SER A 805 30.32 -1.40 -26.45
N ASN A 806 29.95 -0.60 -27.45
CA ASN A 806 30.81 -0.42 -28.62
C ASN A 806 32.10 0.30 -28.23
N VAL A 807 32.01 1.29 -27.34
CA VAL A 807 33.19 2.02 -26.88
C VAL A 807 34.11 1.10 -26.09
N LEU A 808 33.53 0.26 -25.22
CA LEU A 808 34.32 -0.71 -24.48
C LEU A 808 34.99 -1.71 -25.41
N GLU A 809 34.30 -2.12 -26.47
CA GLU A 809 34.91 -3.06 -27.41
C GLU A 809 36.03 -2.42 -28.22
N TRP A 810 35.88 -1.14 -28.60
CA TRP A 810 36.98 -0.44 -29.26
C TRP A 810 38.21 -0.36 -28.37
N ILE A 811 38.00 -0.04 -27.08
CA ILE A 811 39.10 0.04 -26.13
C ILE A 811 39.77 -1.33 -25.96
N ILE A 812 38.97 -2.39 -25.84
CA ILE A 812 39.49 -3.74 -25.66
C ILE A 812 40.32 -4.18 -26.86
N TYR A 813 39.78 -4.01 -28.07
CA TYR A 813 40.48 -4.56 -29.22
C TYR A 813 41.73 -3.75 -29.58
N THR A 814 41.67 -2.42 -29.49
CA THR A 814 42.86 -1.60 -29.73
C THR A 814 43.94 -1.89 -28.69
N THR A 815 43.55 -1.97 -27.42
CA THR A 815 44.52 -2.10 -26.37
C THR A 815 45.13 -3.51 -26.34
N GLY A 816 44.34 -4.52 -26.71
CA GLY A 816 44.88 -5.86 -26.85
C GLY A 816 45.81 -6.01 -28.05
N ILE A 817 45.51 -5.31 -29.15
CA ILE A 817 46.43 -5.26 -30.28
C ILE A 817 47.77 -4.69 -29.87
N ILE A 818 47.76 -3.57 -29.13
CA ILE A 818 49.02 -2.96 -28.72
C ILE A 818 49.74 -3.84 -27.70
N PHE A 819 49.00 -4.59 -26.88
CA PHE A 819 49.64 -5.52 -25.96
C PHE A 819 50.25 -6.72 -26.68
N VAL A 820 49.70 -7.12 -27.83
CA VAL A 820 50.19 -8.31 -28.53
C VAL A 820 51.28 -8.01 -29.56
N LEU A 821 51.30 -6.80 -30.15
CA LEU A 821 52.23 -6.37 -31.22
C LEU A 821 53.73 -6.66 -31.13
N PRO A 822 54.38 -6.83 -29.94
CA PRO A 822 55.80 -7.26 -29.97
C PRO A 822 56.15 -8.61 -30.57
N LEU A 823 55.19 -9.36 -31.15
CA LEU A 823 55.61 -10.47 -32.00
C LEU A 823 55.92 -9.99 -33.41
N PHE A 824 55.33 -8.88 -33.85
CA PHE A 824 55.68 -8.26 -35.12
C PHE A 824 56.71 -7.14 -34.95
N VAL A 825 56.35 -6.09 -34.21
CA VAL A 825 57.11 -4.84 -34.16
C VAL A 825 57.57 -4.61 -32.73
N GLU A 826 58.85 -4.30 -32.57
CA GLU A 826 59.42 -4.11 -31.24
C GLU A 826 58.87 -2.84 -30.58
N ILE A 827 58.33 -3.00 -29.37
CA ILE A 827 57.71 -1.94 -28.59
C ILE A 827 58.31 -2.01 -27.19
N PRO A 828 58.63 -0.87 -26.55
CA PRO A 828 59.13 -0.91 -25.17
C PRO A 828 58.11 -1.47 -24.20
N ALA A 829 58.62 -2.08 -23.13
CA ALA A 829 57.77 -2.83 -22.20
C ALA A 829 56.85 -1.93 -21.38
N HIS A 830 57.19 -0.65 -21.24
CA HIS A 830 56.35 0.27 -20.46
C HIS A 830 54.99 0.47 -21.10
N LEU A 831 54.98 0.78 -22.40
CA LEU A 831 53.73 0.91 -23.15
C LEU A 831 52.99 -0.42 -23.23
N GLN A 832 53.74 -1.53 -23.31
CA GLN A 832 53.14 -2.85 -23.44
C GLN A 832 52.37 -3.24 -22.18
N TRP A 833 52.97 -3.07 -21.00
CA TRP A 833 52.25 -3.40 -19.79
C TRP A 833 51.22 -2.34 -19.40
N GLN A 834 51.44 -1.09 -19.80
CA GLN A 834 50.43 -0.05 -19.67
C GLN A 834 49.17 -0.41 -20.44
N CYS A 835 49.33 -1.02 -21.61
CA CYS A 835 48.17 -1.49 -22.34
C CYS A 835 47.62 -2.81 -21.79
N GLY A 836 48.49 -3.66 -21.23
CA GLY A 836 48.01 -4.93 -20.68
C GLY A 836 47.09 -4.73 -19.49
N ALA A 837 47.39 -3.73 -18.66
CA ALA A 837 46.52 -3.37 -17.54
C ALA A 837 45.11 -3.00 -18.00
N ILE A 838 45.02 -2.06 -18.93
CA ILE A 838 43.75 -1.57 -19.42
C ILE A 838 42.98 -2.65 -20.16
N ALA A 839 43.71 -3.51 -20.89
CA ALA A 839 43.07 -4.55 -21.67
C ALA A 839 42.45 -5.62 -20.78
N VAL A 840 43.18 -6.07 -19.77
CA VAL A 840 42.64 -7.11 -18.88
C VAL A 840 41.49 -6.56 -18.05
N TYR A 841 41.61 -5.31 -17.58
CA TYR A 841 40.54 -4.67 -16.83
C TYR A 841 39.26 -4.56 -17.64
N PHE A 842 39.36 -4.07 -18.88
CA PHE A 842 38.13 -3.90 -19.65
C PHE A 842 37.58 -5.19 -20.24
N TYR A 843 38.42 -6.21 -20.47
CA TYR A 843 37.90 -7.54 -20.77
C TYR A 843 36.99 -8.06 -19.66
N TRP A 844 37.50 -8.09 -18.43
CA TRP A 844 36.67 -8.65 -17.37
C TRP A 844 35.56 -7.71 -16.93
N MET A 845 35.63 -6.41 -17.22
CA MET A 845 34.46 -5.57 -16.98
C MET A 845 33.41 -5.75 -18.07
N ASN A 846 33.82 -6.04 -19.31
CA ASN A 846 32.87 -6.21 -20.40
C ASN A 846 32.18 -7.56 -20.33
N PHE A 847 32.78 -8.56 -19.67
CA PHE A 847 32.14 -9.87 -19.58
C PHE A 847 30.85 -9.84 -18.76
N LEU A 848 30.68 -8.84 -17.87
CA LEU A 848 29.43 -8.66 -17.16
C LEU A 848 28.28 -8.33 -18.09
N LEU A 849 28.56 -7.64 -19.20
CA LEU A 849 27.50 -7.35 -20.16
C LEU A 849 27.06 -8.60 -20.91
N TYR A 850 27.99 -9.54 -21.14
CA TYR A 850 27.60 -10.84 -21.67
C TYR A 850 26.82 -11.66 -20.65
N LEU A 851 27.02 -11.40 -19.37
CA LEU A 851 26.20 -12.10 -18.37
C LEU A 851 24.74 -11.66 -18.30
N GLN A 852 24.28 -10.69 -19.10
CA GLN A 852 22.92 -10.22 -18.97
C GLN A 852 21.88 -11.21 -19.48
N ARG A 853 22.26 -12.11 -20.38
CA ARG A 853 21.29 -12.95 -21.06
C ARG A 853 20.82 -14.13 -20.23
N PHE A 854 21.48 -14.43 -19.11
CA PHE A 854 21.03 -15.51 -18.26
C PHE A 854 19.87 -15.04 -17.39
N GLU A 855 19.12 -16.01 -16.84
CA GLU A 855 18.02 -15.67 -15.96
C GLU A 855 18.50 -15.45 -14.53
N ASN A 856 19.44 -16.25 -14.06
CA ASN A 856 19.91 -16.17 -12.68
C ASN A 856 20.93 -15.06 -12.46
N CYS A 857 21.25 -14.27 -13.49
CA CYS A 857 22.31 -13.29 -13.39
C CYS A 857 21.93 -11.90 -13.88
N GLY A 858 20.88 -11.77 -14.69
CA GLY A 858 20.61 -10.50 -15.34
C GLY A 858 20.04 -9.44 -14.43
N ILE A 859 19.30 -9.85 -13.40
CA ILE A 859 18.61 -8.89 -12.55
C ILE A 859 19.59 -8.12 -11.66
N PHE A 860 20.71 -8.76 -11.29
CA PHE A 860 21.76 -8.07 -10.54
C PHE A 860 22.42 -7.01 -11.41
N ILE A 861 22.57 -7.30 -12.70
CA ILE A 861 23.17 -6.35 -13.62
C ILE A 861 22.23 -5.18 -13.88
N VAL A 862 20.92 -5.45 -13.92
CA VAL A 862 19.94 -4.37 -14.09
C VAL A 862 19.94 -3.45 -12.88
N MET A 863 19.97 -4.02 -11.67
CA MET A 863 20.05 -3.21 -10.46
C MET A 863 21.36 -2.42 -10.40
N LEU A 864 22.45 -3.03 -10.87
CA LEU A 864 23.74 -2.35 -10.96
C LEU A 864 23.68 -1.15 -11.89
N GLU A 865 23.00 -1.31 -13.04
CA GLU A 865 22.80 -0.21 -13.98
C GLU A 865 22.02 0.94 -13.34
N VAL A 866 20.96 0.61 -12.61
CA VAL A 866 20.11 1.65 -12.03
C VAL A 866 20.85 2.44 -10.97
N ILE A 867 21.56 1.75 -10.06
CA ILE A 867 22.28 2.46 -9.01
C ILE A 867 23.48 3.23 -9.58
N LEU A 868 24.08 2.74 -10.66
CA LEU A 868 25.23 3.44 -11.23
C LEU A 868 24.80 4.69 -11.98
N LYS A 869 23.65 4.64 -12.66
CA LYS A 869 23.12 5.85 -13.29
C LYS A 869 22.66 6.88 -12.26
N THR A 870 22.16 6.42 -11.11
CA THR A 870 21.78 7.37 -10.06
C THR A 870 23.02 8.05 -9.48
N LEU A 871 24.12 7.31 -9.34
CA LEU A 871 25.37 7.90 -8.89
C LEU A 871 25.92 8.90 -9.91
N LEU A 872 25.68 8.60 -11.19
CA LEU A 872 26.07 9.47 -12.27
C LEU A 872 25.30 10.78 -12.15
N ARG A 873 24.03 10.68 -11.75
CA ARG A 873 23.23 11.90 -11.59
C ARG A 873 23.64 12.70 -10.36
N SER A 874 24.19 12.05 -9.33
CA SER A 874 24.58 12.78 -8.11
C SER A 874 26.03 13.31 -8.15
N THR A 875 26.81 12.94 -9.18
CA THR A 875 28.24 13.26 -9.20
C THR A 875 28.57 14.76 -9.16
N VAL A 876 27.66 15.66 -9.54
CA VAL A 876 28.01 17.08 -9.50
C VAL A 876 27.97 17.62 -8.08
N VAL A 877 27.02 17.15 -7.27
CA VAL A 877 27.00 17.46 -5.84
C VAL A 877 28.21 16.85 -5.16
N PHE A 878 28.59 15.63 -5.58
CA PHE A 878 29.85 15.02 -5.13
C PHE A 878 31.06 15.91 -5.40
N ILE A 879 31.18 16.40 -6.65
CA ILE A 879 32.33 17.19 -7.07
C ILE A 879 32.42 18.50 -6.28
N PHE A 880 31.29 19.19 -6.11
CA PHE A 880 31.37 20.49 -5.45
C PHE A 880 31.59 20.37 -3.95
N LEU A 881 30.94 19.39 -3.30
CA LEU A 881 31.15 19.19 -1.86
C LEU A 881 32.58 18.74 -1.57
N LEU A 882 33.07 17.78 -2.36
CA LEU A 882 34.42 17.27 -2.17
C LEU A 882 35.47 18.33 -2.54
N LEU A 883 35.14 19.23 -3.46
CA LEU A 883 36.08 20.28 -3.82
C LEU A 883 36.17 21.33 -2.72
N ALA A 884 35.04 21.61 -2.06
CA ALA A 884 35.02 22.45 -0.86
C ALA A 884 35.94 21.92 0.21
N PHE A 885 35.74 20.65 0.61
CA PHE A 885 36.55 20.09 1.67
C PHE A 885 38.00 19.88 1.24
N GLY A 886 38.24 19.61 -0.04
CA GLY A 886 39.61 19.41 -0.51
C GLY A 886 40.42 20.68 -0.48
N LEU A 887 39.84 21.79 -0.96
CA LEU A 887 40.56 23.07 -0.90
C LEU A 887 40.72 23.56 0.53
N SER A 888 39.73 23.28 1.40
CA SER A 888 39.86 23.69 2.79
C SER A 888 40.99 22.94 3.50
N PHE A 889 41.04 21.61 3.36
CA PHE A 889 42.14 20.88 3.96
C PHE A 889 43.48 21.13 3.26
N TYR A 890 43.47 21.60 2.02
CA TYR A 890 44.71 22.07 1.41
C TYR A 890 45.21 23.33 2.10
N ILE A 891 44.30 24.22 2.49
CA ILE A 891 44.72 25.44 3.17
C ILE A 891 45.21 25.13 4.58
N LEU A 892 44.37 24.48 5.40
CA LEU A 892 44.69 24.42 6.83
C LEU A 892 45.80 23.42 7.13
N LEU A 893 45.92 22.37 6.35
CA LEU A 893 46.93 21.34 6.58
C LEU A 893 47.89 21.44 5.41
N ASN A 894 48.89 22.30 5.52
CA ASN A 894 49.81 22.46 4.41
C ASN A 894 51.11 21.70 4.61
N LEU A 895 51.59 21.62 5.85
CA LEU A 895 52.89 21.04 6.13
C LEU A 895 52.90 19.53 6.04
N GLN A 896 51.75 18.89 5.98
CA GLN A 896 51.68 17.44 5.93
C GLN A 896 51.81 16.95 4.50
N ASP A 897 52.47 15.81 4.34
CA ASP A 897 52.62 15.19 3.03
C ASP A 897 51.33 14.77 2.31
N PRO A 898 50.26 14.27 2.96
CA PRO A 898 49.05 13.94 2.18
C PRO A 898 48.32 15.14 1.59
N PHE A 899 48.62 16.36 2.02
CA PHE A 899 47.94 17.53 1.52
C PHE A 899 48.92 18.54 0.93
N SER A 900 49.99 18.04 0.29
CA SER A 900 51.02 18.93 -0.24
C SER A 900 50.53 19.68 -1.47
N SER A 901 49.93 18.97 -2.40
CA SER A 901 49.35 19.51 -3.61
C SER A 901 47.84 19.69 -3.41
N PRO A 902 47.19 20.57 -4.17
CA PRO A 902 45.73 20.63 -4.10
C PRO A 902 45.05 19.40 -4.68
N LEU A 903 45.61 18.81 -5.73
CA LEU A 903 45.04 17.61 -6.32
C LEU A 903 45.20 16.42 -5.37
N LEU A 904 46.35 16.34 -4.69
CA LEU A 904 46.54 15.30 -3.67
C LEU A 904 45.59 15.48 -2.51
N SER A 905 45.26 16.73 -2.15
CA SER A 905 44.29 16.98 -1.11
C SER A 905 42.89 16.57 -1.53
N ILE A 906 42.57 16.77 -2.81
CA ILE A 906 41.28 16.34 -3.35
C ILE A 906 41.16 14.82 -3.31
N ILE A 907 42.22 14.12 -3.72
CA ILE A 907 42.19 12.65 -3.69
C ILE A 907 42.19 12.13 -2.26
N GLN A 908 42.85 12.85 -1.34
CA GLN A 908 42.85 12.45 0.06
C GLN A 908 41.47 12.60 0.69
N THR A 909 40.76 13.69 0.38
CA THR A 909 39.39 13.81 0.90
C THR A 909 38.46 12.80 0.25
N PHE A 910 38.70 12.44 -1.02
CA PHE A 910 37.93 11.37 -1.63
C PHE A 910 38.19 10.04 -0.94
N SER A 911 39.42 9.80 -0.47
CA SER A 911 39.68 8.58 0.29
C SER A 911 39.09 8.66 1.69
N MET A 912 39.03 9.85 2.27
CA MET A 912 38.43 10.05 3.58
C MET A 912 36.91 10.00 3.58
N MET A 913 36.30 10.01 2.38
CA MET A 913 34.84 9.91 2.23
C MET A 913 34.25 8.71 2.98
N LEU A 914 34.89 7.55 2.91
CA LEU A 914 34.30 6.35 3.47
C LEU A 914 34.43 6.24 4.98
N GLY A 915 35.26 7.05 5.61
CA GLY A 915 35.47 6.99 7.05
C GLY A 915 36.89 6.73 7.48
N ASP A 916 37.84 6.58 6.56
CA ASP A 916 39.25 6.43 6.92
C ASP A 916 39.80 7.84 7.11
N ILE A 917 39.50 8.42 8.27
CA ILE A 917 39.78 9.82 8.53
C ILE A 917 41.26 10.06 8.82
N ASN A 918 41.92 9.06 9.44
CA ASN A 918 43.26 9.18 10.02
C ASN A 918 43.32 10.35 11.00
N TYR A 919 42.53 10.22 12.07
CA TYR A 919 42.45 11.28 13.07
C TYR A 919 43.75 11.42 13.86
N ARG A 920 44.32 10.31 14.30
CA ARG A 920 45.49 10.39 15.15
C ARG A 920 46.73 10.79 14.37
N GLU A 921 46.82 10.41 13.10
CA GLU A 921 48.03 10.69 12.34
C GLU A 921 48.04 12.13 11.82
N SER A 922 46.89 12.67 11.44
CA SER A 922 46.84 13.96 10.78
C SER A 922 46.40 15.11 11.68
N PHE A 923 45.62 14.85 12.72
CA PHE A 923 45.03 15.90 13.52
C PHE A 923 45.53 15.93 14.95
N LEU A 924 45.68 14.76 15.58
CA LEU A 924 45.98 14.71 17.01
C LEU A 924 47.46 14.89 17.28
N GLU A 925 48.29 14.02 16.73
CA GLU A 925 49.74 14.05 16.93
C GLU A 925 50.44 15.29 16.37
N PRO A 926 49.98 15.93 15.27
CA PRO A 926 50.51 17.27 14.99
C PRO A 926 50.06 18.33 15.99
N TYR A 927 48.89 18.17 16.60
CA TYR A 927 48.45 19.13 17.60
C TYR A 927 49.26 19.01 18.89
N LEU A 928 49.61 17.79 19.27
CA LEU A 928 50.39 17.61 20.48
C LEU A 928 51.87 17.97 20.30
N ARG A 929 52.32 18.16 19.06
CA ARG A 929 53.69 18.59 18.79
C ARG A 929 53.76 20.05 18.36
N ASN A 930 52.65 20.80 18.51
CA ASN A 930 52.52 22.20 18.10
C ASN A 930 52.86 22.39 16.62
N GLU A 931 52.41 21.47 15.78
CA GLU A 931 52.69 21.49 14.36
C GLU A 931 51.49 21.85 13.51
N LEU A 932 50.38 22.24 14.13
CA LEU A 932 49.19 22.67 13.39
C LEU A 932 49.11 24.19 13.40
N ALA A 933 49.31 24.79 12.23
CA ALA A 933 48.82 26.14 12.03
C ALA A 933 47.31 26.11 12.02
N HIS A 934 46.69 27.02 12.79
CA HIS A 934 45.25 27.17 13.01
C HIS A 934 44.64 25.89 13.57
N PRO A 935 44.91 25.52 14.83
CA PRO A 935 44.41 24.22 15.31
C PRO A 935 42.91 24.20 15.59
N VAL A 936 42.35 25.30 16.13
CA VAL A 936 40.94 25.33 16.48
C VAL A 936 40.07 25.24 15.24
N LEU A 937 40.44 25.99 14.20
CA LEU A 937 39.74 25.90 12.92
C LEU A 937 39.95 24.55 12.26
N SER A 938 41.08 23.89 12.54
CA SER A 938 41.32 22.56 11.99
C SER A 938 40.41 21.51 12.61
N PHE A 939 40.23 21.55 13.94
CA PHE A 939 39.28 20.63 14.56
C PHE A 939 37.85 20.94 14.20
N ALA A 940 37.52 22.22 13.98
CA ALA A 940 36.19 22.56 13.49
C ALA A 940 35.97 22.03 12.08
N GLN A 941 37.00 22.09 11.24
CA GLN A 941 36.91 21.51 9.91
C GLN A 941 36.78 20.00 9.97
N LEU A 942 37.44 19.37 10.95
CA LEU A 942 37.35 17.92 11.14
C LEU A 942 35.93 17.51 11.52
N VAL A 943 35.33 18.18 12.50
CA VAL A 943 33.99 17.80 12.93
C VAL A 943 32.95 18.12 11.86
N SER A 944 33.16 19.19 11.08
CA SER A 944 32.24 19.50 10.00
C SER A 944 32.34 18.49 8.86
N PHE A 945 33.57 18.07 8.53
CA PHE A 945 33.75 17.04 7.50
C PHE A 945 33.15 15.72 7.93
N THR A 946 33.34 15.33 9.19
CA THR A 946 32.84 14.05 9.66
C THR A 946 31.32 14.04 9.73
N ILE A 947 30.70 15.20 10.01
CA ILE A 947 29.24 15.28 9.96
C ILE A 947 28.74 15.21 8.53
N PHE A 948 29.33 15.99 7.61
CA PHE A 948 28.75 16.09 6.27
C PHE A 948 29.02 14.85 5.42
N VAL A 949 30.27 14.52 5.15
CA VAL A 949 30.53 13.57 4.08
C VAL A 949 30.30 12.11 4.45
N PRO A 950 30.90 11.52 5.50
CA PRO A 950 30.70 10.07 5.69
C PRO A 950 29.39 9.70 6.35
N ILE A 951 28.67 10.64 6.96
CA ILE A 951 27.43 10.30 7.64
C ILE A 951 26.24 10.69 6.77
N VAL A 952 26.17 11.95 6.36
CA VAL A 952 24.99 12.43 5.65
C VAL A 952 24.97 11.95 4.21
N LEU A 953 26.07 12.13 3.49
CA LEU A 953 26.10 11.83 2.06
C LEU A 953 26.06 10.32 1.79
N MET A 954 26.75 9.54 2.63
CA MET A 954 26.76 8.10 2.44
C MET A 954 25.40 7.50 2.76
N ASN A 955 24.70 8.02 3.78
CA ASN A 955 23.37 7.52 4.06
C ASN A 955 22.37 7.99 3.02
N LEU A 956 22.64 9.12 2.37
CA LEU A 956 21.84 9.51 1.21
C LEU A 956 22.00 8.49 0.08
N LEU A 957 23.23 8.03 -0.15
CA LEU A 957 23.47 7.01 -1.16
C LEU A 957 22.78 5.69 -0.79
N ILE A 958 22.79 5.34 0.50
CA ILE A 958 22.14 4.10 0.95
C ILE A 958 20.64 4.17 0.73
N GLY A 959 20.02 5.32 1.05
CA GLY A 959 18.58 5.46 0.86
C GLY A 959 18.17 5.44 -0.60
N LEU A 960 18.97 6.09 -1.46
CA LEU A 960 18.73 6.01 -2.91
C LEU A 960 18.87 4.59 -3.43
N ALA A 961 19.84 3.84 -2.90
CA ALA A 961 20.04 2.44 -3.31
C ALA A 961 18.86 1.57 -2.91
N VAL A 962 18.37 1.73 -1.68
CA VAL A 962 17.24 0.95 -1.19
C VAL A 962 15.99 1.23 -2.01
N GLY A 963 15.75 2.52 -2.31
CA GLY A 963 14.60 2.87 -3.13
C GLY A 963 14.67 2.32 -4.55
N ASP A 964 15.85 2.40 -5.17
CA ASP A 964 16.00 1.91 -6.54
C ASP A 964 15.88 0.40 -6.62
N ILE A 965 16.43 -0.32 -5.63
CA ILE A 965 16.35 -1.78 -5.65
C ILE A 965 14.93 -2.25 -5.37
N ALA A 966 14.19 -1.54 -4.50
CA ALA A 966 12.79 -1.87 -4.30
C ALA A 966 11.97 -1.62 -5.55
N GLU A 967 12.33 -0.56 -6.28
CA GLU A 967 11.64 -0.24 -7.52
C GLU A 967 11.88 -1.30 -8.58
N VAL A 968 13.11 -1.82 -8.65
CA VAL A 968 13.43 -2.85 -9.64
C VAL A 968 12.79 -4.18 -9.26
N GLN A 969 12.92 -4.60 -8.00
CA GLN A 969 12.37 -5.88 -7.57
C GLN A 969 10.85 -5.86 -7.45
N LYS A 970 10.20 -4.71 -7.59
CA LYS A 970 8.76 -4.70 -7.74
C LYS A 970 8.31 -5.42 -9.00
N HIS A 971 9.11 -5.37 -10.06
CA HIS A 971 8.74 -5.93 -11.37
C HIS A 971 9.85 -6.82 -11.90
N ALA A 972 10.34 -7.75 -11.09
CA ALA A 972 11.46 -8.59 -11.50
C ALA A 972 11.02 -9.82 -12.27
N SER A 973 9.94 -10.48 -11.82
CA SER A 973 9.51 -11.74 -12.41
C SER A 973 8.99 -11.55 -13.83
N LEU A 974 8.43 -10.39 -14.12
CA LEU A 974 8.08 -10.08 -15.50
C LEU A 974 9.31 -9.73 -16.32
N LYS A 975 10.29 -9.08 -15.68
CA LYS A 975 11.47 -8.59 -16.40
C LYS A 975 12.35 -9.72 -16.88
N ARG A 976 12.46 -10.80 -16.10
CA ARG A 976 13.25 -11.96 -16.49
C ARG A 976 12.70 -12.61 -17.76
N ILE A 977 11.39 -12.90 -17.75
CA ILE A 977 10.80 -13.59 -18.89
C ILE A 977 10.69 -12.64 -20.08
N ALA A 978 10.58 -11.34 -19.82
CA ALA A 978 10.59 -10.36 -20.91
C ALA A 978 11.94 -10.30 -21.60
N MET A 979 13.03 -10.36 -20.83
CA MET A 979 14.36 -10.40 -21.43
C MET A 979 14.58 -11.70 -22.21
N GLN A 980 14.06 -12.81 -21.69
CA GLN A 980 14.19 -14.08 -22.41
C GLN A 980 13.41 -14.08 -23.72
N VAL A 981 12.17 -13.59 -23.71
CA VAL A 981 11.38 -13.60 -24.92
C VAL A 981 11.89 -12.56 -25.91
N GLU A 982 12.51 -11.48 -25.42
CA GLU A 982 13.13 -10.51 -26.32
C GLU A 982 14.38 -11.10 -26.97
N LEU A 983 15.15 -11.89 -26.21
CA LEU A 983 16.31 -12.57 -26.76
C LEU A 983 15.90 -13.56 -27.84
N HIS A 984 14.84 -14.34 -27.60
CA HIS A 984 14.39 -15.31 -28.59
C HIS A 984 13.80 -14.65 -29.82
N THR A 985 12.99 -13.60 -29.64
CA THR A 985 12.39 -12.96 -30.81
C THR A 985 13.37 -12.06 -31.55
N SER A 986 14.50 -11.71 -30.94
CA SER A 986 15.54 -11.00 -31.68
C SER A 986 16.48 -11.95 -32.40
N LEU A 987 16.72 -13.14 -31.82
CA LEU A 987 17.60 -14.08 -32.46
C LEU A 987 16.89 -14.83 -33.58
N GLU A 988 15.56 -14.99 -33.48
CA GLU A 988 14.82 -15.77 -34.47
C GLU A 988 14.61 -15.01 -35.77
N LYS A 989 14.75 -13.68 -35.75
CA LYS A 989 14.57 -12.90 -36.97
C LYS A 989 15.72 -13.10 -37.95
N LYS A 990 16.91 -13.44 -37.46
CA LYS A 990 18.10 -13.55 -38.29
C LYS A 990 18.36 -14.96 -38.79
N LEU A 991 17.63 -15.95 -38.29
CA LEU A 991 17.85 -17.32 -38.70
C LEU A 991 17.28 -17.57 -40.10
N PRO A 992 17.86 -18.51 -40.85
CA PRO A 992 17.24 -18.90 -42.12
C PRO A 992 15.95 -19.66 -41.89
N LEU A 993 15.02 -19.48 -42.85
CA LEU A 993 13.64 -19.94 -42.65
C LEU A 993 13.51 -21.45 -42.78
N TRP A 994 14.37 -22.09 -43.57
CA TRP A 994 14.35 -23.55 -43.66
C TRP A 994 14.83 -24.19 -42.37
N PHE A 995 15.80 -23.55 -41.70
CA PHE A 995 16.24 -23.99 -40.39
C PHE A 995 15.13 -23.83 -39.36
N LEU A 996 14.38 -22.73 -39.46
CA LEU A 996 13.27 -22.48 -38.55
C LEU A 996 12.13 -23.47 -38.80
N ARG A 997 11.96 -23.94 -40.03
CA ARG A 997 11.01 -25.01 -40.28
C ARG A 997 11.52 -26.34 -39.74
N LYS A 998 12.82 -26.60 -39.88
CA LYS A 998 13.36 -27.92 -39.57
C LYS A 998 13.42 -28.16 -38.06
N VAL A 999 13.76 -27.13 -37.29
CA VAL A 999 13.98 -27.34 -35.86
C VAL A 999 12.69 -27.19 -35.05
N ASP A 1000 11.67 -26.52 -35.60
CA ASP A 1000 10.43 -26.29 -34.89
C ASP A 1000 9.65 -27.58 -34.67
N GLN A 1001 8.88 -27.61 -33.59
CA GLN A 1001 8.10 -28.77 -33.16
C GLN A 1001 6.80 -28.27 -32.56
N LYS A 1002 5.69 -28.90 -32.92
CA LYS A 1002 4.38 -28.38 -32.56
C LYS A 1002 3.85 -28.92 -31.25
N SER A 1003 4.41 -30.02 -30.74
CA SER A 1003 3.94 -30.59 -29.49
C SER A 1003 5.07 -31.35 -28.82
N THR A 1004 5.09 -31.31 -27.49
CA THR A 1004 6.12 -31.98 -26.71
C THR A 1004 5.49 -32.99 -25.75
N ILE A 1005 6.30 -33.97 -25.36
CA ILE A 1005 5.90 -35.02 -24.43
C ILE A 1005 6.93 -35.04 -23.30
N VAL A 1006 6.47 -34.91 -22.07
CA VAL A 1006 7.33 -34.84 -20.90
C VAL A 1006 7.04 -36.04 -20.01
N TYR A 1007 8.09 -36.78 -19.65
CA TYR A 1007 7.98 -37.87 -18.69
C TYR A 1007 8.44 -37.36 -17.33
N PRO A 1008 7.54 -37.17 -16.36
CA PRO A 1008 7.96 -36.61 -15.07
C PRO A 1008 8.77 -37.59 -14.23
N ASN A 1009 8.50 -38.89 -14.33
CA ASN A 1009 9.21 -39.85 -13.49
C ASN A 1009 10.61 -40.16 -14.00
N LYS A 1010 10.82 -40.11 -15.32
CA LYS A 1010 12.11 -40.44 -15.90
C LYS A 1010 12.94 -39.17 -16.05
N PRO A 1011 14.11 -39.08 -15.40
CA PRO A 1011 14.96 -37.90 -15.58
C PRO A 1011 15.61 -37.90 -16.96
N ARG A 1012 15.92 -36.69 -17.43
CA ARG A 1012 16.58 -36.54 -18.72
C ARG A 1012 18.07 -36.85 -18.59
N SER A 1013 18.61 -37.56 -19.57
CA SER A 1013 20.01 -37.96 -19.54
C SER A 1013 20.92 -36.79 -19.92
N MET A 1016 23.96 -37.22 -18.87
CA MET A 1016 25.01 -36.76 -19.76
C MET A 1016 24.91 -35.25 -19.98
N LEU A 1017 24.40 -34.85 -21.14
CA LEU A 1017 24.30 -33.43 -21.48
C LEU A 1017 23.23 -32.74 -20.65
N PHE A 1018 22.06 -33.37 -20.53
CA PHE A 1018 20.99 -32.78 -19.71
C PHE A 1018 21.33 -32.85 -18.23
N HIS A 1019 22.08 -33.87 -17.80
CA HIS A 1019 22.52 -33.94 -16.42
C HIS A 1019 23.55 -32.85 -16.13
N ILE A 1020 24.43 -32.56 -17.09
CA ILE A 1020 25.39 -31.47 -16.92
C ILE A 1020 24.68 -30.12 -16.93
N PHE A 1021 23.63 -29.99 -17.73
CA PHE A 1021 22.85 -28.75 -17.74
C PHE A 1021 22.09 -28.56 -16.44
N CYS A 1022 21.58 -29.65 -15.86
CA CYS A 1022 20.90 -29.56 -14.57
C CYS A 1022 21.89 -29.29 -13.44
N PHE A 1023 23.12 -29.77 -13.57
CA PHE A 1023 24.14 -29.49 -12.57
C PHE A 1023 24.62 -28.04 -12.66
N LEU A 1024 24.77 -27.52 -13.87
CA LEU A 1024 25.18 -26.14 -14.06
C LEU A 1024 24.07 -25.16 -13.72
N PHE A 1025 22.81 -25.59 -13.85
CA PHE A 1025 21.69 -24.72 -13.51
C PHE A 1025 21.55 -24.57 -12.00
N CYS A 1026 22.02 -25.54 -11.23
CA CYS A 1026 21.96 -25.47 -9.77
C CYS A 1026 23.26 -24.92 -9.20
N SER A 1040 -5.22 -7.09 -6.80
CA SER A 1040 -6.26 -7.48 -7.74
C SER A 1040 -7.61 -6.89 -7.33
N LEU A 1041 -7.59 -5.67 -6.79
CA LEU A 1041 -8.80 -5.00 -6.36
C LEU A 1041 -9.37 -4.07 -7.42
N GLU A 1042 -8.60 -3.72 -8.46
CA GLU A 1042 -9.09 -2.80 -9.47
C GLU A 1042 -10.13 -3.47 -10.37
N MET A 1043 -9.86 -4.70 -10.81
CA MET A 1043 -10.78 -5.41 -11.67
C MET A 1043 -12.06 -5.82 -10.93
N GLU A 1044 -11.97 -6.01 -9.61
CA GLU A 1044 -13.14 -6.32 -8.81
C GLU A 1044 -14.10 -5.15 -8.76
N ILE A 1045 -13.59 -3.95 -8.50
CA ILE A 1045 -14.42 -2.75 -8.49
C ILE A 1045 -14.87 -2.39 -9.90
N LEU A 1046 -14.09 -2.79 -10.92
CA LEU A 1046 -14.52 -2.58 -12.30
C LEU A 1046 -15.72 -3.46 -12.66
N LYS A 1047 -15.69 -4.73 -12.23
CA LYS A 1047 -16.84 -5.61 -12.42
C LYS A 1047 -18.04 -5.14 -11.61
N GLN A 1048 -17.77 -4.61 -10.40
CA GLN A 1048 -18.78 -3.96 -9.57
C GLN A 1048 -19.48 -2.83 -10.32
N LYS A 1049 -18.69 -1.99 -11.00
CA LYS A 1049 -19.24 -0.86 -11.73
C LYS A 1049 -20.04 -1.31 -12.94
N TYR A 1050 -19.58 -2.36 -13.63
CA TYR A 1050 -20.33 -2.90 -14.76
C TYR A 1050 -21.69 -3.44 -14.33
N ARG A 1051 -21.72 -4.19 -13.22
CA ARG A 1051 -22.97 -4.73 -12.73
C ARG A 1051 -23.92 -3.65 -12.25
N LEU A 1052 -23.38 -2.58 -11.65
CA LEU A 1052 -24.25 -1.48 -11.21
C LEU A 1052 -24.81 -0.69 -12.41
N LYS A 1053 -24.03 -0.57 -13.49
CA LYS A 1053 -24.54 0.11 -14.69
C LYS A 1053 -25.65 -0.70 -15.36
N ASP A 1054 -25.50 -2.03 -15.40
CA ASP A 1054 -26.56 -2.88 -15.92
C ASP A 1054 -27.81 -2.78 -15.04
N LEU A 1055 -27.60 -2.67 -13.72
CA LEU A 1055 -28.69 -2.54 -12.76
C LEU A 1055 -29.49 -1.27 -12.99
N THR A 1056 -28.79 -0.14 -13.17
CA THR A 1056 -29.52 1.12 -13.34
C THR A 1056 -30.19 1.22 -14.70
N PHE A 1057 -29.64 0.55 -15.73
CA PHE A 1057 -30.33 0.50 -17.02
C PHE A 1057 -31.64 -0.27 -16.93
N LEU A 1058 -31.61 -1.43 -16.26
CA LEU A 1058 -32.83 -2.22 -16.11
C LEU A 1058 -33.86 -1.50 -15.25
N LEU A 1059 -33.39 -0.76 -14.23
CA LEU A 1059 -34.34 -0.03 -13.39
C LEU A 1059 -34.96 1.15 -14.12
N GLU A 1060 -34.21 1.77 -15.05
CA GLU A 1060 -34.79 2.81 -15.89
C GLU A 1060 -35.90 2.27 -16.79
N LYS A 1061 -35.67 1.10 -17.41
CA LYS A 1061 -36.71 0.47 -18.22
C LYS A 1061 -37.95 0.13 -17.40
N GLN A 1062 -37.73 -0.36 -16.19
CA GLN A 1062 -38.82 -0.72 -15.28
C GLN A 1062 -39.63 0.51 -14.84
N HIS A 1063 -38.96 1.63 -14.58
CA HIS A 1063 -39.63 2.87 -14.22
C HIS A 1063 -40.50 3.38 -15.36
N GLU A 1064 -40.00 3.25 -16.60
CA GLU A 1064 -40.80 3.65 -17.76
C GLU A 1064 -42.04 2.76 -17.91
N LEU A 1065 -41.90 1.46 -17.63
CA LEU A 1065 -43.07 0.58 -17.69
C LEU A 1065 -44.11 0.93 -16.63
N ILE A 1066 -43.67 1.33 -15.44
CA ILE A 1066 -44.63 1.68 -14.39
C ILE A 1066 -45.35 2.98 -14.72
N LYS A 1067 -44.64 3.94 -15.33
CA LYS A 1067 -45.32 5.14 -15.83
C LYS A 1067 -46.32 4.81 -16.92
N LEU A 1068 -46.03 3.80 -17.75
CA LEU A 1068 -47.01 3.34 -18.73
C LEU A 1068 -48.23 2.71 -18.06
N ILE A 1069 -48.02 2.01 -16.94
CA ILE A 1069 -49.13 1.42 -16.18
C ILE A 1069 -50.06 2.51 -15.68
N ILE A 1070 -49.48 3.57 -15.09
CA ILE A 1070 -50.30 4.67 -14.57
C ILE A 1070 -51.01 5.40 -15.71
N GLN A 1071 -50.35 5.50 -16.86
CA GLN A 1071 -50.97 6.16 -18.01
C GLN A 1071 -52.15 5.37 -18.56
N LYS A 1072 -52.10 4.04 -18.50
CA LYS A 1072 -53.15 3.23 -19.10
C LYS A 1072 -54.14 2.63 -18.10
N MET A 1073 -53.98 2.91 -16.81
CA MET A 1073 -54.82 2.29 -15.78
C MET A 1073 -56.24 2.85 -15.83
N GLU A 1074 -57.20 2.02 -15.42
CA GLU A 1074 -58.60 2.41 -15.35
C GLU A 1074 -58.95 2.76 -13.90
N ILE A 1075 -59.50 3.95 -13.69
CA ILE A 1075 -59.86 4.43 -12.37
C ILE A 1075 -61.35 4.70 -12.33
N ILE A 1076 -62.08 3.88 -11.58
CA ILE A 1076 -63.47 4.12 -11.22
C ILE A 1076 -63.55 4.01 -9.71
N SER A 1077 -64.37 4.87 -9.09
CA SER A 1077 -64.65 4.91 -7.65
C SER A 1077 -63.42 5.28 -6.83
N GLU A 1078 -62.43 5.92 -7.46
CA GLU A 1078 -61.29 6.51 -6.76
C GLU A 1078 -60.97 7.90 -7.30
N THR A 1079 -61.85 8.46 -8.12
CA THR A 1079 -61.62 9.76 -8.72
C THR A 1079 -61.89 10.88 -7.71
N GLU A 1080 -61.40 12.07 -8.05
CA GLU A 1080 -61.55 13.32 -7.28
C GLU A 1080 -61.07 13.21 -5.84
N LYS B 447 -60.75 -25.34 -17.41
CA LYS B 447 -60.80 -24.56 -16.18
C LYS B 447 -59.58 -24.82 -15.31
N LYS B 448 -58.64 -25.63 -15.84
CA LYS B 448 -57.44 -25.97 -15.09
C LYS B 448 -56.49 -24.77 -15.01
N SER B 449 -56.16 -24.20 -16.16
CA SER B 449 -55.25 -23.05 -16.21
C SER B 449 -55.72 -21.80 -15.45
N PRO B 450 -57.01 -21.44 -15.38
CA PRO B 450 -57.40 -20.38 -14.43
C PRO B 450 -57.13 -20.74 -12.97
N LEU B 451 -57.28 -22.01 -12.60
CA LEU B 451 -56.96 -22.40 -11.23
C LEU B 451 -55.46 -22.35 -10.98
N HIS B 452 -54.66 -22.75 -11.98
CA HIS B 452 -53.20 -22.64 -11.86
C HIS B 452 -52.76 -21.19 -11.72
N PHE B 453 -53.39 -20.29 -12.48
CA PHE B 453 -53.05 -18.86 -12.38
C PHE B 453 -53.46 -18.28 -11.03
N ALA B 454 -54.68 -18.57 -10.59
CA ALA B 454 -55.19 -18.01 -9.34
C ALA B 454 -54.49 -18.60 -8.13
N ALA B 455 -53.95 -19.81 -8.25
CA ALA B 455 -53.15 -20.36 -7.16
C ALA B 455 -51.72 -19.87 -7.22
N SER B 456 -51.19 -19.61 -8.42
CA SER B 456 -49.82 -19.13 -8.52
C SER B 456 -49.69 -17.68 -8.09
N TYR B 457 -50.76 -16.90 -8.18
CA TYR B 457 -50.68 -15.49 -7.81
C TYR B 457 -51.57 -15.12 -6.64
N GLY B 458 -52.00 -16.10 -5.86
CA GLY B 458 -52.60 -15.81 -4.56
C GLY B 458 -54.00 -15.27 -4.59
N ARG B 459 -54.71 -15.41 -5.70
CA ARG B 459 -56.10 -14.95 -5.78
C ARG B 459 -57.00 -15.89 -4.99
N ILE B 460 -57.31 -15.51 -3.76
CA ILE B 460 -58.03 -16.42 -2.88
C ILE B 460 -59.51 -16.50 -3.24
N ASN B 461 -60.12 -15.42 -3.71
CA ASN B 461 -61.54 -15.44 -4.02
C ASN B 461 -61.82 -16.19 -5.31
N THR B 462 -60.90 -16.08 -6.28
CA THR B 462 -61.02 -16.85 -7.51
C THR B 462 -60.85 -18.35 -7.22
N CYS B 463 -59.96 -18.69 -6.30
CA CYS B 463 -59.81 -20.09 -5.91
C CYS B 463 -61.01 -20.60 -5.13
N GLN B 464 -61.68 -19.74 -4.37
CA GLN B 464 -62.91 -20.16 -3.71
C GLN B 464 -64.04 -20.36 -4.72
N ARG B 465 -64.11 -19.52 -5.75
CA ARG B 465 -65.17 -19.66 -6.73
C ARG B 465 -64.92 -20.83 -7.67
N LEU B 466 -63.67 -21.16 -7.96
CA LEU B 466 -63.38 -22.33 -8.77
C LEU B 466 -63.61 -23.62 -7.99
N LEU B 467 -63.33 -23.61 -6.69
CA LEU B 467 -63.54 -24.79 -5.84
C LEU B 467 -64.90 -24.79 -5.17
N GLN B 468 -65.89 -24.13 -5.75
CA GLN B 468 -67.24 -24.21 -5.21
C GLN B 468 -67.87 -25.56 -5.51
N ASP B 469 -67.59 -26.10 -6.69
CA ASP B 469 -68.03 -27.44 -7.06
C ASP B 469 -67.00 -28.46 -6.58
N ILE B 470 -67.43 -29.40 -5.75
CA ILE B 470 -66.52 -30.38 -5.17
C ILE B 470 -66.77 -31.74 -5.81
N SER B 471 -67.24 -31.74 -7.06
CA SER B 471 -67.56 -32.98 -7.75
C SER B 471 -66.31 -33.73 -8.16
N ASP B 472 -65.49 -33.11 -9.01
CA ASP B 472 -64.30 -33.75 -9.56
C ASP B 472 -63.07 -33.24 -8.80
N THR B 473 -62.44 -34.13 -8.04
CA THR B 473 -61.21 -33.81 -7.34
C THR B 473 -59.97 -34.05 -8.20
N ARG B 474 -60.13 -34.60 -9.40
CA ARG B 474 -59.00 -34.75 -10.30
C ARG B 474 -58.53 -33.40 -10.83
N LEU B 475 -59.42 -32.41 -10.89
CA LEU B 475 -59.02 -31.07 -11.27
C LEU B 475 -58.25 -30.39 -10.16
N LEU B 476 -58.48 -30.80 -8.92
CA LEU B 476 -57.77 -30.22 -7.79
C LEU B 476 -56.32 -30.68 -7.76
N ASN B 477 -56.12 -31.97 -7.95
CA ASN B 477 -54.78 -32.56 -7.96
C ASN B 477 -54.26 -32.78 -9.38
N GLU B 478 -54.62 -31.91 -10.32
CA GLU B 478 -54.22 -32.06 -11.69
C GLU B 478 -52.73 -31.73 -11.87
N GLY B 479 -52.18 -32.16 -12.99
CA GLY B 479 -50.78 -31.96 -13.30
C GLY B 479 -50.52 -30.62 -13.96
N ASP B 480 -49.42 -30.57 -14.71
CA ASP B 480 -48.97 -29.35 -15.37
C ASP B 480 -47.99 -29.78 -16.46
N LEU B 481 -47.54 -28.79 -17.24
CA LEU B 481 -46.44 -29.02 -18.16
C LEU B 481 -45.17 -29.41 -17.40
N HIS B 482 -44.92 -28.75 -16.28
CA HIS B 482 -43.84 -29.12 -15.38
C HIS B 482 -44.32 -29.99 -14.22
N GLY B 483 -45.56 -30.47 -14.28
CA GLY B 483 -46.03 -31.42 -13.29
C GLY B 483 -46.30 -30.87 -11.91
N MET B 484 -46.49 -29.56 -11.79
CA MET B 484 -46.77 -28.95 -10.51
C MET B 484 -48.28 -28.80 -10.33
N THR B 485 -48.81 -29.43 -9.30
CA THR B 485 -50.20 -29.23 -8.92
C THR B 485 -50.32 -27.84 -8.28
N PRO B 486 -51.52 -27.25 -8.22
CA PRO B 486 -51.67 -25.91 -7.60
C PRO B 486 -51.26 -25.80 -6.13
N LEU B 487 -51.09 -26.92 -5.42
CA LEU B 487 -50.43 -26.87 -4.12
C LEU B 487 -48.99 -26.37 -4.26
N HIS B 488 -48.26 -26.89 -5.26
CA HIS B 488 -46.90 -26.43 -5.52
C HIS B 488 -46.86 -24.98 -5.98
N LEU B 489 -47.88 -24.55 -6.73
CA LEU B 489 -47.92 -23.17 -7.20
C LEU B 489 -48.21 -22.22 -6.04
N ALA B 490 -49.11 -22.61 -5.15
CA ALA B 490 -49.42 -21.76 -4.00
C ALA B 490 -48.28 -21.74 -3.00
N ALA B 491 -47.51 -22.82 -2.90
CA ALA B 491 -46.38 -22.85 -1.98
C ALA B 491 -45.11 -22.23 -2.55
N LYS B 492 -44.99 -22.16 -3.88
CA LYS B 492 -43.79 -21.62 -4.50
C LYS B 492 -43.69 -20.12 -4.30
N ASN B 493 -44.79 -19.40 -4.49
CA ASN B 493 -44.79 -17.96 -4.37
C ASN B 493 -45.12 -17.48 -2.95
N GLY B 494 -45.44 -18.40 -2.05
CA GLY B 494 -45.58 -18.05 -0.65
C GLY B 494 -46.91 -17.42 -0.28
N HIS B 495 -48.01 -18.11 -0.54
CA HIS B 495 -49.34 -17.64 -0.18
C HIS B 495 -49.93 -18.60 0.84
N ASP B 496 -49.97 -18.18 2.10
CA ASP B 496 -50.35 -19.09 3.18
C ASP B 496 -51.85 -19.36 3.20
N LYS B 497 -52.66 -18.37 2.87
CA LYS B 497 -54.11 -18.56 2.91
C LYS B 497 -54.58 -19.44 1.75
N VAL B 498 -53.93 -19.34 0.59
CA VAL B 498 -54.31 -20.18 -0.55
C VAL B 498 -53.94 -21.63 -0.29
N VAL B 499 -52.74 -21.87 0.24
CA VAL B 499 -52.34 -23.25 0.51
C VAL B 499 -53.14 -23.81 1.69
N GLN B 500 -53.57 -22.95 2.62
CA GLN B 500 -54.45 -23.38 3.70
C GLN B 500 -55.83 -23.76 3.16
N LEU B 501 -56.34 -23.02 2.18
CA LEU B 501 -57.62 -23.35 1.58
C LEU B 501 -57.54 -24.64 0.78
N LEU B 502 -56.43 -24.84 0.05
CA LEU B 502 -56.27 -26.08 -0.71
C LEU B 502 -56.06 -27.29 0.19
N LEU B 503 -55.46 -27.11 1.37
CA LEU B 503 -55.37 -28.22 2.29
C LEU B 503 -56.69 -28.46 3.02
N LYS B 504 -57.49 -27.42 3.23
CA LYS B 504 -58.79 -27.58 3.85
C LYS B 504 -59.76 -28.28 2.92
N LYS B 505 -59.70 -27.98 1.62
CA LYS B 505 -60.50 -28.68 0.64
C LYS B 505 -59.96 -30.06 0.30
N GLY B 506 -58.74 -30.38 0.73
CA GLY B 506 -58.18 -31.70 0.50
C GLY B 506 -57.27 -31.75 -0.71
N ALA B 507 -55.96 -31.80 -0.45
CA ALA B 507 -54.97 -31.91 -1.51
C ALA B 507 -53.94 -32.95 -1.12
N LEU B 508 -53.33 -33.57 -2.12
CA LEU B 508 -52.35 -34.62 -1.90
C LEU B 508 -50.95 -34.09 -2.16
N PHE B 509 -50.03 -34.44 -1.27
CA PHE B 509 -48.63 -34.01 -1.39
C PHE B 509 -47.97 -34.82 -2.48
N LEU B 510 -48.19 -34.40 -3.73
CA LEU B 510 -47.67 -35.11 -4.88
C LEU B 510 -46.23 -34.69 -5.12
N SER B 511 -45.64 -35.18 -6.21
CA SER B 511 -44.24 -34.95 -6.49
C SER B 511 -44.07 -34.21 -7.81
N ASP B 512 -43.08 -33.34 -7.85
CA ASP B 512 -42.63 -32.68 -9.07
C ASP B 512 -41.91 -33.70 -9.96
N HIS B 513 -41.70 -33.33 -11.22
CA HIS B 513 -40.83 -34.14 -12.08
C HIS B 513 -39.39 -34.14 -11.60
N ASN B 514 -38.98 -33.10 -10.87
CA ASN B 514 -37.72 -33.10 -10.15
C ASN B 514 -37.86 -33.65 -8.74
N GLY B 515 -39.00 -34.27 -8.42
CA GLY B 515 -39.19 -34.92 -7.15
C GLY B 515 -39.51 -33.99 -5.99
N TRP B 516 -39.73 -32.71 -6.25
CA TRP B 516 -39.95 -31.78 -5.15
C TRP B 516 -41.39 -31.89 -4.64
N THR B 517 -41.62 -31.28 -3.48
CA THR B 517 -42.91 -31.23 -2.82
C THR B 517 -43.24 -29.76 -2.60
N ALA B 518 -44.42 -29.47 -2.04
CA ALA B 518 -44.77 -28.11 -1.68
C ALA B 518 -43.84 -27.55 -0.61
N LEU B 519 -43.38 -28.40 0.31
CA LEU B 519 -42.45 -27.95 1.33
C LEU B 519 -41.08 -27.65 0.76
N HIS B 520 -40.67 -28.38 -0.29
CA HIS B 520 -39.43 -28.07 -0.99
C HIS B 520 -39.49 -26.69 -1.63
N HIS B 521 -40.63 -26.32 -2.20
CA HIS B 521 -40.76 -24.99 -2.80
C HIS B 521 -40.85 -23.91 -1.74
N ALA B 522 -41.54 -24.18 -0.63
CA ALA B 522 -41.64 -23.21 0.45
C ALA B 522 -40.30 -22.99 1.14
N SER B 523 -39.44 -24.01 1.15
CA SER B 523 -38.10 -23.84 1.70
C SER B 523 -37.14 -23.23 0.69
N MET B 524 -37.36 -23.48 -0.59
CA MET B 524 -36.58 -22.83 -1.64
C MET B 524 -36.86 -21.33 -1.67
N GLY B 525 -38.10 -20.93 -1.40
CA GLY B 525 -38.43 -19.52 -1.33
C GLY B 525 -38.17 -18.92 0.04
N GLY B 526 -38.17 -19.76 1.06
CA GLY B 526 -37.95 -19.27 2.41
C GLY B 526 -39.16 -18.64 3.05
N TYR B 527 -40.36 -19.07 2.68
CA TYR B 527 -41.59 -18.49 3.20
C TYR B 527 -42.01 -19.30 4.43
N THR B 528 -41.85 -18.71 5.62
CA THR B 528 -42.08 -19.44 6.85
C THR B 528 -43.57 -19.64 7.14
N GLN B 529 -44.45 -18.81 6.58
CA GLN B 529 -45.86 -18.92 6.89
C GLN B 529 -46.49 -20.14 6.22
N THR B 530 -46.25 -20.30 4.91
CA THR B 530 -46.71 -21.49 4.20
C THR B 530 -46.05 -22.74 4.74
N MET B 531 -44.80 -22.62 5.18
CA MET B 531 -44.08 -23.72 5.80
C MET B 531 -44.74 -24.15 7.10
N LYS B 532 -45.14 -23.19 7.92
CA LYS B 532 -45.82 -23.49 9.18
C LYS B 532 -47.20 -24.07 8.93
N VAL B 533 -47.88 -23.63 7.87
CA VAL B 533 -49.18 -24.19 7.52
C VAL B 533 -49.03 -25.64 7.05
N ILE B 534 -47.99 -25.94 6.29
CA ILE B 534 -47.77 -27.31 5.82
C ILE B 534 -47.39 -28.23 6.98
N LEU B 535 -46.51 -27.77 7.87
CA LEU B 535 -46.06 -28.63 8.97
C LEU B 535 -47.10 -28.84 10.05
N ASP B 536 -48.18 -28.07 10.08
CA ASP B 536 -49.24 -28.31 11.06
C ASP B 536 -50.26 -29.34 10.62
N THR B 537 -50.20 -29.81 9.37
CA THR B 537 -51.16 -30.78 8.86
C THR B 537 -50.64 -32.21 8.97
N ASN B 538 -49.50 -32.50 8.33
CA ASN B 538 -48.95 -33.84 8.28
C ASN B 538 -47.47 -33.78 8.61
N LEU B 539 -47.05 -34.54 9.62
CA LEU B 539 -45.64 -34.60 9.98
C LEU B 539 -44.84 -35.53 9.08
N LYS B 540 -45.51 -36.32 8.23
CA LYS B 540 -44.82 -37.23 7.34
C LYS B 540 -44.33 -36.57 6.05
N CYS B 541 -44.51 -35.25 5.91
CA CYS B 541 -44.06 -34.54 4.73
C CYS B 541 -42.65 -34.00 4.88
N THR B 542 -42.12 -33.96 6.10
CA THR B 542 -40.80 -33.37 6.35
C THR B 542 -39.70 -34.23 5.75
N ASP B 543 -39.60 -35.48 6.16
CA ASP B 543 -38.61 -36.38 5.62
C ASP B 543 -39.03 -36.84 4.23
N ARG B 544 -38.65 -36.08 3.20
CA ARG B 544 -39.00 -36.42 1.83
C ARG B 544 -37.81 -36.09 0.95
N LEU B 545 -37.48 -37.01 0.03
CA LEU B 545 -36.32 -36.87 -0.82
C LEU B 545 -36.75 -36.55 -2.25
N ASP B 546 -35.94 -35.75 -2.92
CA ASP B 546 -36.13 -35.47 -4.34
C ASP B 546 -35.35 -36.48 -5.17
N GLU B 547 -35.18 -36.20 -6.46
CA GLU B 547 -34.37 -37.06 -7.31
C GLU B 547 -32.88 -36.97 -6.99
N ASP B 548 -32.46 -35.92 -6.28
CA ASP B 548 -31.08 -35.74 -5.89
C ASP B 548 -30.83 -36.17 -4.45
N GLY B 549 -31.89 -36.51 -3.71
CA GLY B 549 -31.75 -36.90 -2.33
C GLY B 549 -31.73 -35.77 -1.34
N ASN B 550 -32.11 -34.57 -1.75
CA ASN B 550 -32.16 -33.43 -0.84
C ASN B 550 -33.49 -33.38 -0.11
N THR B 551 -33.45 -32.91 1.13
CA THR B 551 -34.65 -32.61 1.89
C THR B 551 -34.95 -31.12 1.78
N ALA B 552 -36.01 -30.69 2.46
CA ALA B 552 -36.35 -29.27 2.47
C ALA B 552 -35.33 -28.46 3.27
N LEU B 553 -34.71 -29.08 4.27
CA LEU B 553 -33.70 -28.41 5.06
C LEU B 553 -32.44 -28.15 4.25
N HIS B 554 -32.14 -29.02 3.28
CA HIS B 554 -31.03 -28.78 2.37
C HIS B 554 -31.25 -27.53 1.53
N PHE B 555 -32.46 -27.33 1.01
CA PHE B 555 -32.73 -26.13 0.22
C PHE B 555 -32.78 -24.89 1.09
N ALA B 556 -33.37 -25.00 2.28
CA ALA B 556 -33.47 -23.86 3.19
C ALA B 556 -32.10 -23.44 3.72
N ALA B 557 -31.15 -24.36 3.82
CA ALA B 557 -29.79 -24.01 4.19
C ALA B 557 -28.96 -23.58 3.00
N ARG B 558 -29.28 -24.06 1.79
CA ARG B 558 -28.55 -23.65 0.61
C ARG B 558 -28.85 -22.21 0.25
N GLU B 559 -30.12 -21.81 0.34
CA GLU B 559 -30.50 -20.46 -0.05
C GLU B 559 -30.31 -19.44 1.07
N GLY B 560 -29.96 -19.88 2.28
CA GLY B 560 -29.62 -18.94 3.33
C GLY B 560 -30.79 -18.30 4.03
N HIS B 561 -31.85 -19.07 4.29
CA HIS B 561 -33.02 -18.57 5.01
C HIS B 561 -32.93 -19.08 6.44
N ALA B 562 -32.61 -18.18 7.37
CA ALA B 562 -32.29 -18.61 8.74
C ALA B 562 -33.53 -19.06 9.49
N LYS B 563 -34.65 -18.35 9.32
CA LYS B 563 -35.86 -18.70 10.06
C LYS B 563 -36.49 -19.97 9.52
N ALA B 564 -36.30 -20.28 8.25
CA ALA B 564 -36.79 -21.55 7.70
C ALA B 564 -35.99 -22.73 8.25
N VAL B 565 -34.68 -22.57 8.36
CA VAL B 565 -33.83 -23.60 8.96
C VAL B 565 -34.17 -23.77 10.43
N ALA B 566 -34.42 -22.65 11.15
CA ALA B 566 -34.81 -22.74 12.55
C ALA B 566 -36.19 -23.37 12.72
N LEU B 567 -37.09 -23.18 11.75
CA LEU B 567 -38.41 -23.77 11.85
C LEU B 567 -38.38 -25.27 11.58
N LEU B 568 -37.63 -25.70 10.56
CA LEU B 568 -37.44 -27.15 10.38
C LEU B 568 -36.58 -27.77 11.45
N LEU B 569 -35.77 -26.98 12.15
CA LEU B 569 -34.85 -27.49 13.14
C LEU B 569 -35.51 -27.60 14.51
N SER B 570 -36.48 -26.74 14.80
CA SER B 570 -37.28 -26.88 16.01
C SER B 570 -38.14 -28.13 15.95
N HIS B 571 -38.60 -28.51 14.77
CA HIS B 571 -39.24 -29.79 14.56
C HIS B 571 -38.16 -30.83 14.23
N ASN B 572 -38.59 -32.08 14.10
CA ASN B 572 -37.67 -33.16 13.80
C ASN B 572 -37.42 -33.20 12.30
N ALA B 573 -36.19 -32.87 11.89
CA ALA B 573 -35.89 -32.64 10.49
C ALA B 573 -35.38 -33.87 9.76
N ASP B 574 -34.94 -34.91 10.49
CA ASP B 574 -34.41 -36.16 9.94
C ASP B 574 -33.20 -35.90 9.03
N ILE B 575 -32.12 -35.44 9.67
CA ILE B 575 -30.90 -35.03 8.99
C ILE B 575 -30.28 -36.22 8.26
N VAL B 576 -30.01 -36.04 6.97
CA VAL B 576 -29.50 -37.09 6.11
C VAL B 576 -28.52 -36.45 5.14
N LEU B 577 -27.71 -37.28 4.49
CA LEU B 577 -26.74 -36.79 3.53
C LEU B 577 -27.35 -36.68 2.14
N ASN B 578 -26.59 -36.14 1.20
CA ASN B 578 -27.03 -35.89 -0.15
C ASN B 578 -26.70 -37.12 -0.99
N LYS B 579 -26.93 -37.05 -2.31
CA LYS B 579 -26.34 -38.02 -3.22
C LYS B 579 -24.82 -37.91 -3.23
N GLN B 580 -24.30 -36.70 -3.06
CA GLN B 580 -22.87 -36.46 -2.95
C GLN B 580 -22.40 -36.46 -1.49
N GLN B 581 -23.17 -37.10 -0.60
CA GLN B 581 -22.86 -37.27 0.83
C GLN B 581 -22.64 -35.95 1.55
N ALA B 582 -23.39 -34.92 1.17
CA ALA B 582 -23.31 -33.61 1.80
C ALA B 582 -24.50 -33.41 2.72
N SER B 583 -24.24 -32.93 3.94
CA SER B 583 -25.34 -32.55 4.80
C SER B 583 -25.83 -31.16 4.41
N PHE B 584 -26.86 -30.69 5.12
CA PHE B 584 -27.32 -29.33 4.90
C PHE B 584 -26.33 -28.32 5.46
N LEU B 585 -25.56 -28.72 6.47
CA LEU B 585 -24.53 -27.84 7.03
C LEU B 585 -23.37 -27.68 6.06
N HIS B 586 -22.99 -28.76 5.37
CA HIS B 586 -21.98 -28.68 4.32
C HIS B 586 -22.45 -27.77 3.18
N LEU B 587 -23.69 -27.93 2.76
CA LEU B 587 -24.24 -27.15 1.67
C LEU B 587 -24.43 -25.69 2.06
N ALA B 588 -24.61 -25.42 3.35
CA ALA B 588 -24.63 -24.03 3.82
C ALA B 588 -23.23 -23.45 3.88
N LEU B 589 -22.23 -24.24 4.24
CA LEU B 589 -20.86 -23.72 4.31
C LEU B 589 -20.24 -23.52 2.94
N HIS B 590 -20.65 -24.31 1.93
CA HIS B 590 -20.10 -24.09 0.60
C HIS B 590 -20.63 -22.84 -0.07
N ASN B 591 -21.68 -22.22 0.47
CA ASN B 591 -22.22 -20.98 -0.09
C ASN B 591 -21.97 -19.79 0.82
N LYS B 592 -21.18 -19.97 1.89
CA LYS B 592 -20.74 -18.91 2.80
C LYS B 592 -21.91 -18.20 3.47
N ARG B 593 -22.98 -18.95 3.76
CA ARG B 593 -24.16 -18.40 4.41
C ARG B 593 -23.88 -18.33 5.90
N LYS B 594 -23.53 -17.14 6.40
CA LYS B 594 -23.07 -17.00 7.77
C LYS B 594 -24.20 -17.16 8.77
N GLU B 595 -25.37 -16.62 8.45
CA GLU B 595 -26.45 -16.55 9.44
C GLU B 595 -27.06 -17.91 9.71
N VAL B 596 -27.16 -18.78 8.70
CA VAL B 596 -27.78 -20.07 8.95
C VAL B 596 -26.84 -20.98 9.74
N VAL B 597 -25.52 -20.91 9.50
CA VAL B 597 -24.65 -21.76 10.29
C VAL B 597 -24.48 -21.18 11.69
N LEU B 598 -24.65 -19.86 11.83
CA LEU B 598 -24.63 -19.26 13.16
C LEU B 598 -25.84 -19.70 13.97
N THR B 599 -27.02 -19.73 13.35
CA THR B 599 -28.19 -20.18 14.10
C THR B 599 -28.25 -21.70 14.24
N ILE B 600 -27.48 -22.46 13.45
CA ILE B 600 -27.30 -23.88 13.75
C ILE B 600 -26.40 -24.05 14.97
N ILE B 601 -25.36 -23.22 15.08
CA ILE B 601 -24.49 -23.24 16.26
C ILE B 601 -25.26 -22.85 17.52
N ARG B 602 -26.11 -21.82 17.43
CA ARG B 602 -26.87 -21.39 18.59
C ARG B 602 -28.02 -22.35 18.95
N SER B 603 -28.26 -23.37 18.14
CA SER B 603 -29.38 -24.27 18.36
C SER B 603 -29.05 -25.30 19.43
N LYS B 604 -29.99 -26.22 19.64
CA LYS B 604 -29.82 -27.31 20.59
C LYS B 604 -29.36 -28.60 19.93
N ARG B 605 -29.56 -28.74 18.62
CA ARG B 605 -29.21 -29.97 17.91
C ARG B 605 -27.86 -29.84 17.20
N TRP B 606 -26.95 -29.03 17.75
CA TRP B 606 -25.63 -28.86 17.15
C TRP B 606 -24.79 -30.13 17.24
N ASP B 607 -24.90 -30.85 18.36
CA ASP B 607 -24.11 -32.05 18.53
C ASP B 607 -24.56 -33.17 17.60
N GLU B 608 -25.85 -33.19 17.25
CA GLU B 608 -26.32 -34.17 16.27
C GLU B 608 -25.87 -33.79 14.86
N CYS B 609 -25.82 -32.48 14.57
CA CYS B 609 -25.38 -32.03 13.26
C CYS B 609 -23.88 -32.24 13.06
N LEU B 610 -23.11 -32.18 14.15
CA LEU B 610 -21.66 -32.27 14.05
C LEU B 610 -21.18 -33.68 13.72
N LYS B 611 -21.96 -34.70 14.06
CA LYS B 611 -21.48 -36.08 13.97
C LYS B 611 -21.41 -36.58 12.54
N ILE B 612 -22.52 -36.44 11.82
CA ILE B 612 -22.68 -36.94 10.46
C ILE B 612 -21.91 -36.36 9.27
N PHE B 613 -20.97 -37.13 8.74
CA PHE B 613 -20.30 -36.74 7.51
C PHE B 613 -19.55 -37.97 7.00
N SER B 614 -19.29 -37.98 5.70
CA SER B 614 -18.60 -39.09 5.08
C SER B 614 -17.10 -38.89 5.17
N HIS B 615 -16.38 -39.94 5.57
CA HIS B 615 -14.92 -39.90 5.64
C HIS B 615 -14.26 -40.16 4.30
N ASN B 616 -15.02 -40.36 3.24
CA ASN B 616 -14.46 -40.73 1.95
C ASN B 616 -14.58 -39.65 0.89
N SER B 617 -15.48 -38.68 1.06
CA SER B 617 -15.64 -37.62 0.07
C SER B 617 -14.51 -36.61 0.22
N PRO B 618 -13.85 -36.22 -0.88
CA PRO B 618 -12.76 -35.24 -0.78
C PRO B 618 -13.26 -33.83 -0.55
N GLY B 619 -14.47 -33.53 -1.02
CA GLY B 619 -15.01 -32.20 -0.90
C GLY B 619 -15.80 -31.98 0.38
N ASN B 620 -16.58 -32.98 0.77
CA ASN B 620 -17.43 -32.88 1.95
C ASN B 620 -16.70 -33.50 3.14
N LYS B 621 -15.77 -32.73 3.70
CA LYS B 621 -14.95 -33.20 4.80
C LYS B 621 -15.65 -32.98 6.15
N SER B 622 -14.88 -33.08 7.22
CA SER B 622 -15.40 -32.80 8.56
C SER B 622 -15.86 -31.34 8.65
N PRO B 623 -16.93 -31.06 9.39
CA PRO B 623 -17.47 -29.69 9.42
C PRO B 623 -16.55 -28.65 10.03
N ILE B 624 -15.65 -29.06 10.93
CA ILE B 624 -14.75 -28.10 11.56
C ILE B 624 -13.72 -27.59 10.57
N THR B 625 -13.17 -28.48 9.74
CA THR B 625 -12.25 -28.06 8.69
C THR B 625 -12.94 -27.21 7.64
N GLU B 626 -14.21 -27.49 7.37
CA GLU B 626 -14.96 -26.67 6.42
C GLU B 626 -15.24 -25.28 6.98
N MET B 627 -15.51 -25.19 8.28
CA MET B 627 -15.67 -23.88 8.91
C MET B 627 -14.36 -23.10 8.96
N ILE B 628 -13.23 -23.82 9.11
CA ILE B 628 -11.94 -23.14 9.06
C ILE B 628 -11.66 -22.65 7.65
N GLU B 629 -12.02 -23.42 6.64
CA GLU B 629 -11.72 -23.05 5.26
C GLU B 629 -12.61 -21.92 4.76
N TYR B 630 -13.89 -21.94 5.09
CA TYR B 630 -14.85 -21.03 4.47
C TYR B 630 -15.30 -19.87 5.36
N LEU B 631 -15.81 -20.15 6.56
CA LEU B 631 -16.37 -19.12 7.42
C LEU B 631 -15.63 -19.11 8.76
N PRO B 632 -14.49 -18.43 8.83
CA PRO B 632 -13.69 -18.48 10.07
C PRO B 632 -14.27 -17.68 11.21
N GLU B 633 -15.14 -16.71 10.94
CA GLU B 633 -15.76 -15.94 12.01
C GLU B 633 -16.72 -16.80 12.82
N CYS B 634 -17.44 -17.70 12.15
CA CYS B 634 -18.27 -18.67 12.86
C CYS B 634 -17.43 -19.65 13.65
N MET B 635 -16.24 -19.98 13.16
CA MET B 635 -15.33 -20.81 13.95
C MET B 635 -14.82 -20.08 15.18
N LYS B 636 -14.64 -18.75 15.08
CA LYS B 636 -14.27 -17.96 16.26
C LYS B 636 -15.41 -17.93 17.27
N VAL B 637 -16.65 -17.80 16.78
CA VAL B 637 -17.82 -17.85 17.66
C VAL B 637 -17.94 -19.22 18.33
N LEU B 638 -17.62 -20.29 17.58
CA LEU B 638 -17.66 -21.64 18.13
C LEU B 638 -16.56 -21.85 19.18
N LEU B 639 -15.37 -21.28 18.96
CA LEU B 639 -14.31 -21.37 19.95
C LEU B 639 -14.57 -20.50 21.17
N ASP B 640 -15.41 -19.47 21.04
CA ASP B 640 -15.78 -18.67 22.20
C ASP B 640 -16.61 -19.44 23.22
N PHE B 641 -17.27 -20.54 22.82
CA PHE B 641 -18.01 -21.33 23.78
C PHE B 641 -17.11 -22.17 24.67
N CYS B 642 -15.87 -22.45 24.23
CA CYS B 642 -14.96 -23.26 25.04
C CYS B 642 -14.07 -22.40 25.93
N MET B 643 -14.69 -21.46 26.65
CA MET B 643 -13.99 -20.62 27.62
C MET B 643 -14.94 -20.41 28.78
N LEU B 644 -14.81 -21.23 29.82
CA LEU B 644 -15.72 -21.22 30.96
C LEU B 644 -15.10 -20.37 32.07
N HIS B 645 -15.71 -19.22 32.35
CA HIS B 645 -15.26 -18.35 33.42
C HIS B 645 -15.91 -18.76 34.73
N SER B 646 -15.17 -18.61 35.83
CA SER B 646 -15.65 -19.07 37.12
C SER B 646 -16.63 -18.08 37.74
N THR B 647 -16.16 -16.88 38.04
CA THR B 647 -16.99 -15.90 38.75
C THR B 647 -16.84 -14.48 38.23
N GLU B 648 -16.07 -14.25 37.16
CA GLU B 648 -15.82 -12.94 36.56
C GLU B 648 -15.23 -11.95 37.57
N ASP B 649 -14.32 -12.44 38.41
CA ASP B 649 -13.65 -11.61 39.42
C ASP B 649 -12.16 -11.91 39.35
N LYS B 650 -11.39 -10.98 38.77
CA LYS B 650 -9.96 -11.20 38.58
C LYS B 650 -9.18 -11.09 39.88
N SER B 651 -9.73 -10.40 40.89
CA SER B 651 -9.02 -10.22 42.15
C SER B 651 -9.03 -11.47 43.03
N CYS B 652 -9.91 -12.43 42.74
CA CYS B 652 -9.99 -13.63 43.56
C CYS B 652 -8.81 -14.55 43.29
N ARG B 653 -8.19 -15.05 44.36
CA ARG B 653 -7.11 -16.01 44.21
C ARG B 653 -7.64 -17.37 43.75
N ASP B 654 -8.87 -17.72 44.13
CA ASP B 654 -9.50 -18.96 43.73
C ASP B 654 -10.20 -18.86 42.38
N TYR B 655 -10.05 -17.74 41.68
CA TYR B 655 -10.65 -17.59 40.36
C TYR B 655 -9.89 -18.40 39.33
N TYR B 656 -10.63 -19.02 38.40
CA TYR B 656 -10.03 -19.82 37.35
C TYR B 656 -10.83 -19.63 36.07
N ILE B 657 -10.27 -20.14 34.98
CA ILE B 657 -10.96 -20.26 33.70
C ILE B 657 -10.68 -21.65 33.15
N GLU B 658 -11.60 -22.17 32.36
CA GLU B 658 -11.51 -23.53 31.85
C GLU B 658 -11.54 -23.51 30.33
N TYR B 659 -10.60 -24.23 29.73
CA TYR B 659 -10.49 -24.38 28.28
C TYR B 659 -10.85 -25.80 27.90
N ASN B 660 -11.80 -25.95 26.99
CA ASN B 660 -12.21 -27.24 26.46
C ASN B 660 -11.68 -27.40 25.04
N PHE B 661 -11.22 -28.61 24.72
CA PHE B 661 -10.55 -28.86 23.45
C PHE B 661 -11.29 -29.91 22.64
N LYS B 662 -12.62 -29.98 22.77
CA LYS B 662 -13.37 -31.02 22.10
C LYS B 662 -13.56 -30.77 20.62
N TYR B 663 -13.34 -29.54 20.14
CA TYR B 663 -13.43 -29.27 18.72
C TYR B 663 -12.10 -29.35 18.01
N LEU B 664 -11.00 -29.28 18.75
CA LEU B 664 -9.67 -29.31 18.15
C LEU B 664 -9.15 -30.72 17.94
N GLN B 665 -9.85 -31.73 18.45
CA GLN B 665 -9.35 -33.09 18.48
C GLN B 665 -9.51 -33.76 17.12
N CYS B 666 -9.22 -35.07 17.11
CA CYS B 666 -9.31 -35.91 15.88
C CYS B 666 -10.79 -36.10 15.50
N PRO B 667 -11.17 -35.99 14.20
CA PRO B 667 -12.57 -36.16 13.78
C PRO B 667 -13.18 -37.49 14.18
N LEU B 668 -12.38 -38.54 14.36
CA LEU B 668 -12.92 -39.80 14.87
C LEU B 668 -13.36 -39.65 16.33
N GLU B 669 -12.61 -38.90 17.12
CA GLU B 669 -12.94 -38.70 18.52
C GLU B 669 -14.01 -37.60 18.67
N ASP B 678 -11.53 -46.89 7.10
CA ASP B 678 -10.19 -47.46 7.09
C ASP B 678 -9.15 -46.40 6.74
N VAL B 679 -9.57 -45.14 6.76
CA VAL B 679 -8.66 -44.04 6.47
C VAL B 679 -7.92 -43.63 7.72
N ILE B 680 -6.80 -42.91 7.53
CA ILE B 680 -6.00 -42.40 8.63
C ILE B 680 -5.90 -40.89 8.48
N TYR B 681 -5.70 -40.22 9.62
CA TYR B 681 -5.53 -38.77 9.67
C TYR B 681 -4.22 -38.43 10.34
N GLU B 682 -3.57 -37.38 9.84
CA GLU B 682 -2.40 -36.84 10.51
C GLU B 682 -2.84 -36.15 11.81
N PRO B 683 -1.96 -36.07 12.81
CA PRO B 683 -2.34 -35.36 14.04
C PRO B 683 -2.43 -33.87 13.81
N LEU B 684 -3.15 -33.21 14.74
CA LEU B 684 -3.42 -31.77 14.73
C LEU B 684 -4.10 -31.35 13.43
N THR B 685 -5.32 -31.85 13.24
CA THR B 685 -6.05 -31.63 11.99
C THR B 685 -6.52 -30.18 11.88
N ALA B 686 -7.18 -29.68 12.92
CA ALA B 686 -7.73 -28.33 12.90
C ALA B 686 -6.63 -27.29 12.87
N LEU B 687 -5.50 -27.55 13.51
CA LEU B 687 -4.40 -26.59 13.54
C LEU B 687 -3.70 -26.52 12.20
N ASN B 688 -3.51 -27.68 11.55
CA ASN B 688 -2.96 -27.68 10.19
C ASN B 688 -3.90 -27.05 9.21
N ALA B 689 -5.22 -27.21 9.41
CA ALA B 689 -6.18 -26.54 8.55
C ALA B 689 -6.18 -25.03 8.76
N MET B 690 -5.96 -24.58 10.00
CA MET B 690 -5.87 -23.15 10.25
C MET B 690 -4.57 -22.55 9.72
N VAL B 691 -3.50 -23.34 9.70
CA VAL B 691 -2.23 -22.83 9.16
C VAL B 691 -2.27 -22.78 7.64
N GLN B 692 -2.79 -23.83 7.01
CA GLN B 692 -2.84 -23.88 5.55
C GLN B 692 -3.83 -22.89 4.93
N ASN B 693 -4.73 -22.31 5.73
CA ASN B 693 -5.67 -21.32 5.24
C ASN B 693 -5.37 -19.92 5.74
N ASN B 694 -4.21 -19.73 6.39
CA ASN B 694 -3.68 -18.43 6.83
C ASN B 694 -4.60 -17.72 7.80
N ARG B 695 -5.31 -18.48 8.63
CA ARG B 695 -6.30 -17.90 9.55
C ARG B 695 -5.61 -17.52 10.87
N ILE B 696 -4.75 -16.50 10.78
CA ILE B 696 -3.89 -16.12 11.89
C ILE B 696 -4.67 -15.54 13.07
N GLU B 697 -5.86 -15.01 12.83
CA GLU B 697 -6.68 -14.53 13.94
C GLU B 697 -7.28 -15.67 14.76
N LEU B 698 -7.31 -16.88 14.19
CA LEU B 698 -7.75 -18.06 14.93
C LEU B 698 -6.59 -18.75 15.64
N LEU B 699 -5.37 -18.61 15.12
CA LEU B 699 -4.20 -19.15 15.83
C LEU B 699 -3.90 -18.37 17.09
N ASN B 700 -4.23 -17.08 17.12
CA ASN B 700 -4.03 -16.25 18.29
C ASN B 700 -5.19 -16.30 19.27
N HIS B 701 -6.17 -17.17 19.03
CA HIS B 701 -7.25 -17.34 19.99
C HIS B 701 -6.71 -18.07 21.22
N PRO B 702 -7.15 -17.67 22.43
CA PRO B 702 -6.55 -18.23 23.65
C PRO B 702 -6.78 -19.72 23.85
N VAL B 703 -7.84 -20.29 23.27
CA VAL B 703 -8.02 -21.74 23.31
C VAL B 703 -6.91 -22.43 22.52
N CYS B 704 -6.55 -21.89 21.36
CA CYS B 704 -5.46 -22.46 20.58
C CYS B 704 -4.11 -22.24 21.26
N LYS B 705 -3.92 -21.09 21.91
CA LYS B 705 -2.67 -20.83 22.62
C LYS B 705 -2.49 -21.78 23.79
N GLU B 706 -3.56 -22.03 24.55
CA GLU B 706 -3.46 -23.00 25.63
C GLU B 706 -3.37 -24.42 25.11
N TYR B 707 -3.89 -24.69 23.92
CA TYR B 707 -3.73 -26.02 23.32
C TYR B 707 -2.28 -26.27 22.93
N LEU B 708 -1.62 -25.27 22.34
CA LEU B 708 -0.18 -25.40 22.06
C LEU B 708 0.64 -25.45 23.33
N LEU B 709 0.24 -24.72 24.37
CA LEU B 709 0.98 -24.75 25.63
C LEU B 709 0.87 -26.11 26.31
N MET B 710 -0.33 -26.70 26.31
CA MET B 710 -0.52 -28.05 26.82
C MET B 710 0.26 -29.06 25.99
N LYS B 711 0.24 -28.90 24.66
CA LYS B 711 0.95 -29.83 23.79
C LYS B 711 2.46 -29.72 23.96
N TRP B 712 2.95 -28.53 24.31
CA TRP B 712 4.36 -28.33 24.59
C TRP B 712 4.75 -28.99 25.90
N LEU B 713 4.06 -28.63 26.99
CA LEU B 713 4.35 -29.17 28.32
C LEU B 713 4.05 -30.65 28.45
N ALA B 714 3.29 -31.23 27.52
CA ALA B 714 3.05 -32.67 27.54
C ALA B 714 4.32 -33.45 27.22
N TYR B 715 4.83 -33.28 26.00
CA TYR B 715 6.00 -34.03 25.56
C TYR B 715 7.04 -33.23 24.79
N GLY B 716 6.71 -32.04 24.30
CA GLY B 716 7.56 -31.36 23.34
C GLY B 716 8.80 -30.78 23.95
N PHE B 717 8.66 -30.20 25.14
CA PHE B 717 9.82 -29.69 25.88
C PHE B 717 10.76 -30.81 26.28
N ARG B 718 10.22 -31.96 26.68
CA ARG B 718 11.06 -33.08 27.08
C ARG B 718 11.83 -33.65 25.89
N ALA B 719 11.14 -33.86 24.76
CA ALA B 719 11.80 -34.38 23.58
C ALA B 719 12.80 -33.37 23.01
N HIS B 720 12.50 -32.08 23.12
CA HIS B 720 13.40 -31.07 22.61
C HIS B 720 14.66 -30.94 23.46
N MET B 721 14.51 -31.00 24.79
CA MET B 721 15.69 -30.97 25.65
C MET B 721 16.51 -32.24 25.53
N MET B 722 15.87 -33.38 25.26
CA MET B 722 16.63 -34.61 25.01
C MET B 722 17.43 -34.52 23.72
N ASN B 723 16.80 -34.03 22.65
CA ASN B 723 17.49 -33.87 21.37
C ASN B 723 18.61 -32.84 21.45
N LEU B 724 18.43 -31.79 22.26
CA LEU B 724 19.48 -30.79 22.40
C LEU B 724 20.61 -31.30 23.29
N GLY B 725 20.29 -32.07 24.33
CA GLY B 725 21.33 -32.60 25.19
C GLY B 725 22.17 -33.68 24.53
N SER B 726 21.57 -34.43 23.61
CA SER B 726 22.32 -35.45 22.88
C SER B 726 23.41 -34.85 22.01
N TYR B 727 23.21 -33.63 21.51
CA TYR B 727 24.23 -32.91 20.76
C TYR B 727 25.16 -32.12 21.67
N CYS B 728 24.62 -31.57 22.76
CA CYS B 728 25.42 -30.75 23.66
C CYS B 728 26.41 -31.59 24.45
N LEU B 729 26.12 -32.89 24.61
CA LEU B 729 27.06 -33.83 25.23
C LEU B 729 28.32 -34.02 24.38
N GLY B 730 28.22 -33.77 23.08
CA GLY B 730 29.40 -33.77 22.24
C GLY B 730 29.96 -32.38 22.06
N LEU B 731 29.10 -31.38 22.26
CA LEU B 731 29.53 -29.99 22.07
C LEU B 731 30.45 -29.52 23.18
N ILE B 732 30.03 -29.65 24.44
CA ILE B 732 30.76 -29.10 25.59
C ILE B 732 32.16 -29.65 25.82
N PRO B 733 32.43 -30.98 25.85
CA PRO B 733 33.77 -31.44 26.22
C PRO B 733 34.85 -31.09 25.20
N MET B 734 34.51 -30.94 23.92
CA MET B 734 35.50 -30.47 22.96
C MET B 734 35.89 -29.02 23.23
N THR B 735 34.93 -28.19 23.65
CA THR B 735 35.26 -26.81 24.00
C THR B 735 36.10 -26.74 25.26
N ILE B 736 35.81 -27.59 26.24
CA ILE B 736 36.64 -27.66 27.44
C ILE B 736 38.04 -28.12 27.10
N LEU B 737 38.14 -29.12 26.23
CA LEU B 737 39.42 -29.70 25.82
C LEU B 737 40.25 -28.69 25.01
N VAL B 738 39.58 -27.80 24.30
CA VAL B 738 40.27 -26.74 23.57
C VAL B 738 40.74 -25.66 24.52
N VAL B 739 39.86 -25.16 25.40
CA VAL B 739 40.25 -24.03 26.25
C VAL B 739 41.19 -24.43 27.37
N ASN B 740 41.41 -25.73 27.62
CA ASN B 740 42.43 -26.08 28.61
C ASN B 740 43.79 -26.35 27.98
N ILE B 741 43.85 -27.18 26.95
CA ILE B 741 45.12 -27.54 26.33
C ILE B 741 45.56 -26.42 25.39
N LYS B 742 46.83 -26.03 25.50
CA LYS B 742 47.39 -25.06 24.56
C LYS B 742 47.46 -25.67 23.16
N PRO B 743 47.06 -24.92 22.14
CA PRO B 743 47.13 -25.45 20.77
C PRO B 743 48.55 -25.66 20.30
N GLY B 744 48.71 -26.60 19.38
CA GLY B 744 50.01 -26.99 18.88
C GLY B 744 50.60 -28.21 19.58
N MET B 745 50.29 -28.39 20.87
CA MET B 745 50.83 -29.50 21.63
C MET B 745 50.04 -30.77 21.36
N ALA B 746 50.74 -31.91 21.42
CA ALA B 746 50.10 -33.21 21.32
C ALA B 746 49.76 -33.73 22.70
N PHE B 747 48.75 -34.60 22.76
CA PHE B 747 48.29 -35.11 24.05
C PHE B 747 47.66 -36.49 23.88
N ASN B 748 48.05 -37.40 24.76
CA ASN B 748 47.43 -38.71 24.88
C ASN B 748 46.34 -38.66 25.94
N SER B 749 45.86 -39.83 26.37
CA SER B 749 45.01 -39.91 27.55
C SER B 749 45.81 -39.72 28.83
N THR B 750 47.13 -39.91 28.79
CA THR B 750 47.96 -39.75 29.96
C THR B 750 48.21 -38.29 30.30
N GLY B 751 48.19 -37.41 29.31
CA GLY B 751 48.42 -36.00 29.55
C GLY B 751 48.98 -35.34 28.30
N ILE B 752 49.49 -34.13 28.49
CA ILE B 752 49.97 -33.31 27.39
C ILE B 752 51.44 -33.62 27.13
N ILE B 753 51.73 -34.07 25.92
CA ILE B 753 53.11 -34.37 25.53
C ILE B 753 53.84 -33.06 25.25
N ASN B 754 54.96 -32.84 25.93
CA ASN B 754 55.77 -31.66 25.70
C ASN B 754 57.20 -32.07 25.38
N ILE B 762 58.79 -35.46 28.52
CA ILE B 762 58.24 -34.36 29.31
C ILE B 762 56.73 -34.31 29.16
N LEU B 763 56.01 -34.64 30.23
CA LEU B 763 54.56 -34.59 30.22
C LEU B 763 54.07 -34.39 31.65
N ASP B 764 52.84 -33.90 31.77
CA ASP B 764 52.23 -33.64 33.06
C ASP B 764 50.88 -34.36 33.17
N THR B 765 50.54 -34.75 34.39
CA THR B 765 49.29 -35.43 34.71
C THR B 765 48.48 -34.62 35.72
N THR B 766 48.39 -33.31 35.50
CA THR B 766 47.68 -32.44 36.43
C THR B 766 46.17 -32.63 36.32
N ASN B 767 45.63 -32.41 35.12
CA ASN B 767 44.21 -32.58 34.85
C ASN B 767 43.99 -33.67 33.82
N SER B 768 44.71 -34.80 33.96
CA SER B 768 44.64 -35.85 32.97
C SER B 768 43.31 -36.60 33.01
N TYR B 769 42.67 -36.65 34.18
CA TYR B 769 41.38 -37.31 34.29
C TYR B 769 40.30 -36.56 33.53
N LEU B 770 40.31 -35.23 33.60
CA LEU B 770 39.35 -34.42 32.89
C LEU B 770 39.55 -34.52 31.37
N ILE B 771 40.81 -34.52 30.93
CA ILE B 771 41.12 -34.66 29.51
C ILE B 771 40.69 -36.02 29.00
N LYS B 772 40.91 -37.06 29.80
CA LYS B 772 40.53 -38.42 29.42
C LYS B 772 39.02 -38.57 29.32
N THR B 773 38.28 -38.03 30.30
CA THR B 773 36.82 -38.13 30.26
C THR B 773 36.24 -37.31 29.11
N CYS B 774 36.83 -36.15 28.81
CA CYS B 774 36.35 -35.35 27.69
C CYS B 774 36.59 -36.04 26.36
N MET B 775 37.75 -36.68 26.19
CA MET B 775 38.01 -37.40 24.94
C MET B 775 37.11 -38.62 24.80
N ILE B 776 36.82 -39.31 25.91
CA ILE B 776 35.91 -40.45 25.86
C ILE B 776 34.50 -40.00 25.50
N LEU B 777 34.04 -38.87 26.06
CA LEU B 777 32.71 -38.36 25.75
C LEU B 777 32.59 -37.94 24.29
N VAL B 778 33.62 -37.28 23.75
CA VAL B 778 33.56 -36.84 22.35
C VAL B 778 33.63 -38.05 21.41
N PHE B 779 34.43 -39.06 21.77
CA PHE B 779 34.54 -40.27 20.94
C PHE B 779 33.22 -41.04 20.92
N LEU B 780 32.60 -41.22 22.09
CA LEU B 780 31.34 -41.95 22.15
C LEU B 780 30.21 -41.18 21.48
N SER B 781 30.20 -39.85 21.61
CA SER B 781 29.19 -39.05 20.91
C SER B 781 29.37 -39.13 19.41
N SER B 782 30.63 -39.20 18.95
CA SER B 782 30.89 -39.29 17.52
C SER B 782 30.45 -40.64 16.96
N ILE B 783 30.73 -41.73 17.67
CA ILE B 783 30.31 -43.02 17.12
C ILE B 783 28.80 -43.22 17.26
N PHE B 784 28.16 -42.57 18.25
CA PHE B 784 26.71 -42.56 18.30
C PHE B 784 26.14 -41.79 17.12
N GLY B 785 26.78 -40.70 16.72
CA GLY B 785 26.37 -39.98 15.53
C GLY B 785 26.56 -40.81 14.26
N TYR B 786 27.64 -41.59 14.21
CA TYR B 786 27.84 -42.52 13.10
C TYR B 786 26.74 -43.57 13.03
N CYS B 787 26.35 -44.14 14.17
CA CYS B 787 25.29 -45.16 14.17
C CYS B 787 23.95 -44.55 13.78
N LYS B 788 23.64 -43.35 14.27
CA LYS B 788 22.39 -42.69 13.91
C LYS B 788 22.34 -42.34 12.43
N GLU B 789 23.45 -41.84 11.88
CA GLU B 789 23.46 -41.50 10.46
C GLU B 789 23.50 -42.74 9.58
N ALA B 790 24.11 -43.83 10.05
CA ALA B 790 24.09 -45.08 9.29
C ALA B 790 22.70 -45.69 9.29
N GLY B 791 21.93 -45.46 10.36
CA GLY B 791 20.51 -45.81 10.31
C GLY B 791 19.72 -44.94 9.36
N GLN B 792 20.03 -43.63 9.35
CA GLN B 792 19.29 -42.71 8.49
C GLN B 792 19.63 -42.85 7.02
N ILE B 793 20.80 -43.44 6.69
CA ILE B 793 21.10 -43.75 5.28
C ILE B 793 20.12 -44.78 4.75
N PHE B 794 19.94 -45.89 5.46
CA PHE B 794 18.99 -46.90 5.04
C PHE B 794 17.54 -46.47 5.24
N GLN B 795 17.30 -45.53 6.15
CA GLN B 795 15.93 -45.04 6.34
C GLN B 795 15.53 -44.07 5.22
N GLN B 796 16.44 -43.18 4.80
CA GLN B 796 16.11 -42.18 3.79
C GLN B 796 16.10 -42.75 2.38
N LYS B 797 16.94 -43.76 2.12
CA LYS B 797 17.08 -44.44 0.83
C LYS B 797 17.43 -43.45 -0.29
N ARG B 798 18.62 -42.86 -0.16
CA ARG B 798 19.22 -41.93 -1.13
C ARG B 798 18.36 -40.69 -1.34
N ASN B 799 17.76 -40.21 -0.27
CA ASN B 799 17.01 -38.95 -0.28
C ASN B 799 17.65 -37.86 0.56
N TYR B 800 18.68 -38.19 1.35
CA TYR B 800 19.36 -37.25 2.23
C TYR B 800 20.49 -36.51 1.53
N PHE B 801 20.59 -36.62 0.20
CA PHE B 801 21.75 -36.08 -0.51
C PHE B 801 21.68 -34.56 -0.61
N MET B 802 20.50 -34.02 -0.92
CA MET B 802 20.33 -32.57 -1.05
C MET B 802 19.96 -31.98 0.31
N ASP B 803 20.92 -32.03 1.22
CA ASP B 803 20.76 -31.50 2.56
C ASP B 803 22.12 -31.10 3.09
N ILE B 804 22.24 -29.88 3.61
CA ILE B 804 23.53 -29.40 4.08
C ILE B 804 23.78 -29.78 5.53
N SER B 805 22.74 -30.07 6.31
CA SER B 805 22.92 -30.43 7.71
C SER B 805 23.59 -31.79 7.84
N ASN B 806 23.27 -32.70 6.93
CA ASN B 806 23.92 -34.01 6.92
C ASN B 806 25.40 -33.88 6.57
N VAL B 807 25.73 -32.99 5.63
CA VAL B 807 27.13 -32.75 5.26
C VAL B 807 27.90 -32.15 6.42
N LEU B 808 27.29 -31.19 7.12
CA LEU B 808 27.92 -30.62 8.30
C LEU B 808 28.13 -31.65 9.39
N GLU B 809 27.17 -32.57 9.55
CA GLU B 809 27.33 -33.60 10.58
C GLU B 809 28.42 -34.61 10.20
N TRP B 810 28.54 -34.96 8.91
CA TRP B 810 29.65 -35.81 8.48
C TRP B 810 30.99 -35.16 8.77
N ILE B 811 31.11 -33.86 8.47
CA ILE B 811 32.35 -33.13 8.72
C ILE B 811 32.66 -33.09 10.21
N ILE B 812 31.64 -32.82 11.04
CA ILE B 812 31.82 -32.74 12.49
C ILE B 812 32.28 -34.06 13.07
N TYR B 813 31.60 -35.17 12.71
CA TYR B 813 31.90 -36.42 13.37
C TYR B 813 33.23 -37.00 12.89
N THR B 814 33.53 -36.92 11.58
CA THR B 814 34.83 -37.38 11.10
C THR B 814 35.97 -36.55 11.69
N THR B 815 35.81 -35.24 11.74
CA THR B 815 36.89 -34.37 12.17
C THR B 815 37.10 -34.47 13.68
N GLY B 816 36.02 -34.69 14.43
CA GLY B 816 36.16 -34.92 15.86
C GLY B 816 36.78 -36.26 16.18
N ILE B 817 36.48 -37.30 15.37
CA ILE B 817 37.15 -38.58 15.52
C ILE B 817 38.66 -38.43 15.32
N ILE B 818 39.07 -37.70 14.28
CA ILE B 818 40.51 -37.54 14.03
C ILE B 818 41.15 -36.68 15.12
N PHE B 819 40.39 -35.73 15.69
CA PHE B 819 40.91 -34.94 16.80
C PHE B 819 41.06 -35.76 18.08
N VAL B 820 40.23 -36.79 18.27
CA VAL B 820 40.25 -37.57 19.51
C VAL B 820 41.18 -38.79 19.45
N LEU B 821 41.41 -39.37 18.25
CA LEU B 821 42.20 -40.60 18.03
C LEU B 821 43.56 -40.79 18.70
N PRO B 822 44.36 -39.74 19.10
CA PRO B 822 45.58 -40.03 19.86
C PRO B 822 45.44 -40.69 21.23
N LEU B 823 44.24 -41.08 21.68
CA LEU B 823 44.19 -41.99 22.82
C LEU B 823 44.35 -43.44 22.37
N PHE B 824 44.01 -43.76 21.12
CA PHE B 824 44.28 -45.07 20.54
C PHE B 824 45.57 -45.10 19.74
N VAL B 825 45.64 -44.31 18.68
CA VAL B 825 46.69 -44.40 17.66
C VAL B 825 47.45 -43.08 17.63
N GLU B 826 48.78 -43.16 17.66
CA GLU B 826 49.60 -41.97 17.69
C GLU B 826 49.53 -41.22 16.36
N ILE B 827 49.20 -39.93 16.44
CA ILE B 827 49.04 -39.05 15.28
C ILE B 827 49.84 -37.78 15.57
N PRO B 828 50.56 -37.22 14.58
CA PRO B 828 51.27 -35.96 14.82
C PRO B 828 50.33 -34.81 15.14
N ALA B 829 50.84 -33.85 15.91
CA ALA B 829 50.02 -32.77 16.46
C ALA B 829 49.53 -31.81 15.40
N HIS B 830 50.21 -31.73 14.25
CA HIS B 830 49.81 -30.81 13.20
C HIS B 830 48.44 -31.19 12.62
N LEU B 831 48.27 -32.47 12.25
CA LEU B 831 46.98 -32.95 11.78
C LEU B 831 45.92 -32.90 12.87
N GLN B 832 46.33 -33.11 14.12
CA GLN B 832 45.40 -33.13 15.24
C GLN B 832 44.79 -31.74 15.47
N TRP B 833 45.62 -30.71 15.52
CA TRP B 833 45.07 -29.38 15.72
C TRP B 833 44.44 -28.81 14.45
N GLN B 834 44.91 -29.25 13.28
CA GLN B 834 44.24 -28.92 12.02
C GLN B 834 42.82 -29.44 12.01
N CYS B 835 42.60 -30.62 12.58
CA CYS B 835 41.24 -31.12 12.71
C CYS B 835 40.48 -30.47 13.86
N GLY B 836 41.17 -30.09 14.94
CA GLY B 836 40.49 -29.45 16.05
C GLY B 836 39.88 -28.11 15.69
N ALA B 837 40.58 -27.35 14.85
CA ALA B 837 40.07 -26.09 14.32
C ALA B 837 38.74 -26.27 13.60
N ILE B 838 38.74 -27.18 12.61
CA ILE B 838 37.56 -27.42 11.78
C ILE B 838 36.42 -27.99 12.60
N ALA B 839 36.75 -28.85 13.57
CA ALA B 839 35.72 -29.50 14.38
C ALA B 839 35.02 -28.51 15.29
N VAL B 840 35.78 -27.65 15.97
CA VAL B 840 35.16 -26.67 16.88
C VAL B 840 34.35 -25.64 16.09
N TYR B 841 34.88 -25.21 14.94
CA TYR B 841 34.18 -24.26 14.09
C TYR B 841 32.85 -24.82 13.61
N PHE B 842 32.84 -26.06 13.11
CA PHE B 842 31.58 -26.58 12.59
C PHE B 842 30.62 -27.05 13.66
N TYR B 843 31.10 -27.44 14.85
CA TYR B 843 30.20 -27.63 15.99
C TYR B 843 29.41 -26.37 16.32
N TRP B 844 30.12 -25.25 16.52
CA TRP B 844 29.37 -24.07 16.90
C TRP B 844 28.65 -23.42 15.73
N MET B 845 29.01 -23.72 14.48
CA MET B 845 28.15 -23.28 13.38
C MET B 845 26.91 -24.15 13.23
N ASN B 846 27.01 -25.44 13.56
CA ASN B 846 25.86 -26.32 13.43
C ASN B 846 24.86 -26.14 14.55
N PHE B 847 25.29 -25.59 15.71
CA PHE B 847 24.36 -25.38 16.81
C PHE B 847 23.29 -24.33 16.49
N LEU B 848 23.56 -23.44 15.54
CA LEU B 848 22.55 -22.49 15.06
C LEU B 848 21.38 -23.20 14.40
N LEU B 849 21.61 -24.35 13.76
CA LEU B 849 20.51 -25.08 13.16
C LEU B 849 19.64 -25.73 14.22
N TYR B 850 20.22 -26.14 15.35
CA TYR B 850 19.43 -26.58 16.49
C TYR B 850 18.66 -25.44 17.13
N LEU B 851 19.14 -24.21 16.98
CA LEU B 851 18.37 -23.08 17.50
C LEU B 851 17.11 -22.73 16.71
N GLN B 852 16.78 -23.43 15.62
CA GLN B 852 15.63 -23.05 14.81
C GLN B 852 14.30 -23.35 15.48
N ARG B 853 14.27 -24.31 16.41
CA ARG B 853 13.00 -24.79 16.93
C ARG B 853 12.40 -23.89 18.00
N PHE B 854 13.15 -22.91 18.50
CA PHE B 854 12.60 -21.98 19.47
C PHE B 854 11.76 -20.91 18.77
N GLU B 855 10.91 -20.24 19.53
CA GLU B 855 10.12 -19.16 18.96
C GLU B 855 10.88 -17.85 18.94
N ASN B 856 11.65 -17.56 19.99
CA ASN B 856 12.37 -16.30 20.09
C ASN B 856 13.67 -16.27 19.29
N CYS B 857 13.99 -17.34 18.56
CA CYS B 857 15.28 -17.45 17.89
C CYS B 857 15.19 -17.86 16.44
N GLY B 858 14.08 -18.46 15.99
CA GLY B 858 14.04 -19.05 14.67
C GLY B 858 13.94 -18.04 13.55
N ILE B 859 13.32 -16.90 13.80
CA ILE B 859 13.06 -15.92 12.74
C ILE B 859 14.36 -15.25 12.29
N PHE B 860 15.33 -15.09 13.21
CA PHE B 860 16.62 -14.56 12.84
C PHE B 860 17.38 -15.53 11.95
N ILE B 861 17.20 -16.83 12.20
CA ILE B 861 17.86 -17.85 11.40
C ILE B 861 17.22 -17.93 10.02
N VAL B 862 15.90 -17.72 9.94
CA VAL B 862 15.22 -17.70 8.65
C VAL B 862 15.69 -16.51 7.80
N MET B 863 15.78 -15.32 8.44
CA MET B 863 16.29 -14.14 7.73
C MET B 863 17.75 -14.34 7.30
N LEU B 864 18.53 -15.01 8.14
CA LEU B 864 19.92 -15.34 7.82
C LEU B 864 20.01 -16.24 6.59
N GLU B 865 19.12 -17.25 6.53
CA GLU B 865 19.04 -18.13 5.36
C GLU B 865 18.72 -17.37 4.09
N VAL B 866 17.76 -16.44 4.16
CA VAL B 866 17.32 -15.71 2.98
C VAL B 866 18.44 -14.81 2.44
N ILE B 867 19.09 -14.05 3.34
CA ILE B 867 20.15 -13.16 2.89
C ILE B 867 21.38 -13.95 2.43
N LEU B 868 21.63 -15.12 3.00
CA LEU B 868 22.79 -15.89 2.60
C LEU B 868 22.58 -16.55 1.24
N LYS B 869 21.36 -17.00 0.96
CA LYS B 869 21.05 -17.52 -0.37
C LYS B 869 21.07 -16.43 -1.43
N THR B 870 20.67 -15.20 -1.07
CA THR B 870 20.77 -14.10 -2.03
C THR B 870 22.22 -13.76 -2.34
N LEU B 871 23.10 -13.84 -1.34
CA LEU B 871 24.52 -13.62 -1.57
C LEU B 871 25.12 -14.74 -2.43
N LEU B 872 24.57 -15.93 -2.27
CA LEU B 872 24.98 -17.08 -3.06
C LEU B 872 24.61 -16.81 -4.51
N ARG B 873 23.45 -16.19 -4.73
CA ARG B 873 23.05 -15.88 -6.09
C ARG B 873 23.85 -14.74 -6.71
N SER B 874 24.40 -13.84 -5.90
CA SER B 874 25.19 -12.72 -6.43
C SER B 874 26.69 -13.02 -6.57
N THR B 875 27.14 -14.18 -6.07
CA THR B 875 28.58 -14.49 -6.02
C THR B 875 29.29 -14.49 -7.38
N VAL B 876 28.59 -14.70 -8.50
CA VAL B 876 29.30 -14.73 -9.77
C VAL B 876 29.67 -13.32 -10.24
N VAL B 877 28.78 -12.35 -9.98
CA VAL B 877 29.11 -10.96 -10.22
C VAL B 877 30.23 -10.51 -9.29
N PHE B 878 30.19 -10.99 -8.04
CA PHE B 878 31.30 -10.78 -7.11
C PHE B 878 32.63 -11.28 -7.68
N ILE B 879 32.64 -12.53 -8.17
CA ILE B 879 33.87 -13.15 -8.67
C ILE B 879 34.43 -12.40 -9.86
N PHE B 880 33.58 -12.02 -10.81
CA PHE B 880 34.12 -11.39 -12.01
C PHE B 880 34.57 -9.96 -11.77
N LEU B 881 33.82 -9.19 -10.96
CA LEU B 881 34.22 -7.82 -10.64
C LEU B 881 35.51 -7.80 -9.82
N LEU B 882 35.58 -8.67 -8.82
CA LEU B 882 36.77 -8.75 -7.97
C LEU B 882 37.96 -9.30 -8.73
N LEU B 883 37.73 -10.15 -9.74
CA LEU B 883 38.83 -10.67 -10.53
C LEU B 883 39.39 -9.61 -11.46
N ALA B 884 38.51 -8.75 -11.99
CA ALA B 884 38.92 -7.57 -12.75
C ALA B 884 39.86 -6.69 -11.94
N PHE B 885 39.40 -6.26 -10.77
CA PHE B 885 40.23 -5.36 -9.95
C PHE B 885 41.46 -6.07 -9.41
N GLY B 886 41.39 -7.37 -9.14
CA GLY B 886 42.55 -8.08 -8.63
C GLY B 886 43.65 -8.22 -9.64
N LEU B 887 43.31 -8.58 -10.88
CA LEU B 887 44.32 -8.65 -11.93
C LEU B 887 44.87 -7.28 -12.28
N SER B 888 44.02 -6.25 -12.23
CA SER B 888 44.49 -4.89 -12.52
C SER B 888 45.50 -4.42 -11.49
N PHE B 889 45.18 -4.56 -10.19
CA PHE B 889 46.14 -4.18 -9.17
C PHE B 889 47.34 -5.12 -9.11
N TYR B 890 47.23 -6.34 -9.63
CA TYR B 890 48.43 -7.17 -9.78
C TYR B 890 49.35 -6.58 -10.84
N ILE B 891 48.78 -6.04 -11.92
CA ILE B 891 49.62 -5.44 -12.96
C ILE B 891 50.28 -4.15 -12.45
N LEU B 892 49.46 -3.18 -12.02
CA LEU B 892 50.01 -1.84 -11.80
C LEU B 892 50.85 -1.75 -10.54
N LEU B 893 50.55 -2.54 -9.52
CA LEU B 893 51.28 -2.50 -8.27
C LEU B 893 52.00 -3.83 -8.17
N ASN B 894 53.20 -3.92 -8.75
CA ASN B 894 53.91 -5.19 -8.71
C ASN B 894 54.98 -5.22 -7.64
N LEU B 895 55.63 -4.09 -7.37
CA LEU B 895 56.77 -4.07 -6.47
C LEU B 895 56.38 -4.15 -5.01
N GLN B 896 55.09 -3.99 -4.70
CA GLN B 896 54.65 -4.03 -3.32
C GLN B 896 54.37 -5.47 -2.88
N ASP B 897 54.68 -5.74 -1.62
CA ASP B 897 54.42 -7.06 -1.03
C ASP B 897 52.96 -7.52 -1.01
N PRO B 898 51.93 -6.68 -0.76
CA PRO B 898 50.56 -7.22 -0.80
C PRO B 898 50.07 -7.66 -2.17
N PHE B 899 50.75 -7.29 -3.24
CA PHE B 899 50.33 -7.66 -4.57
C PHE B 899 51.41 -8.43 -5.32
N SER B 900 52.17 -9.26 -4.60
CA SER B 900 53.29 -9.96 -5.22
C SER B 900 52.80 -11.08 -6.12
N SER B 901 51.88 -11.88 -5.64
CA SER B 901 51.23 -12.96 -6.38
C SER B 901 49.90 -12.49 -6.91
N PRO B 902 49.37 -13.11 -7.97
CA PRO B 902 48.01 -12.76 -8.40
C PRO B 902 46.94 -13.20 -7.42
N LEU B 903 47.13 -14.35 -6.76
CA LEU B 903 46.16 -14.80 -5.76
C LEU B 903 46.18 -13.91 -4.53
N LEU B 904 47.38 -13.45 -4.12
CA LEU B 904 47.47 -12.49 -3.03
C LEU B 904 46.83 -11.16 -3.39
N SER B 905 46.91 -10.76 -4.67
CA SER B 905 46.24 -9.55 -5.10
C SER B 905 44.73 -9.71 -5.09
N ILE B 906 44.24 -10.90 -5.43
CA ILE B 906 42.80 -11.19 -5.37
C ILE B 906 42.30 -11.12 -3.93
N ILE B 907 43.05 -11.73 -3.00
CA ILE B 907 42.65 -11.69 -1.59
C ILE B 907 42.78 -10.28 -1.02
N GLN B 908 43.76 -9.51 -1.49
CA GLN B 908 43.91 -8.13 -1.04
C GLN B 908 42.75 -7.25 -1.51
N THR B 909 42.31 -7.42 -2.75
CA THR B 909 41.14 -6.66 -3.21
C THR B 909 39.86 -7.12 -2.51
N PHE B 910 39.78 -8.40 -2.15
CA PHE B 910 38.66 -8.85 -1.34
C PHE B 910 38.67 -8.23 0.05
N SER B 911 39.86 -8.00 0.60
CA SER B 911 39.94 -7.31 1.89
C SER B 911 39.64 -5.81 1.74
N MET B 912 40.01 -5.23 0.59
CA MET B 912 39.73 -3.83 0.31
C MET B 912 38.27 -3.56 -0.04
N MET B 913 37.48 -4.62 -0.26
CA MET B 913 36.05 -4.48 -0.53
C MET B 913 35.31 -3.63 0.50
N LEU B 914 35.60 -3.83 1.78
CA LEU B 914 34.83 -3.17 2.82
C LEU B 914 35.19 -1.70 3.02
N GLY B 915 36.32 -1.25 2.49
CA GLY B 915 36.75 0.13 2.66
C GLY B 915 38.11 0.28 3.31
N ASP B 916 38.81 -0.80 3.65
CA ASP B 916 40.16 -0.72 4.17
C ASP B 916 41.10 -0.64 2.96
N ILE B 917 41.17 0.57 2.39
CA ILE B 917 41.86 0.76 1.11
C ILE B 917 43.37 0.78 1.28
N ASN B 918 43.85 1.27 2.43
CA ASN B 918 45.26 1.58 2.69
C ASN B 918 45.80 2.54 1.63
N TYR B 919 45.21 3.73 1.60
CA TYR B 919 45.59 4.73 0.61
C TYR B 919 46.99 5.25 0.84
N ARG B 920 47.34 5.58 2.09
CA ARG B 920 48.62 6.19 2.34
C ARG B 920 49.76 5.20 2.24
N GLU B 921 49.51 3.93 2.57
CA GLU B 921 50.59 2.96 2.57
C GLU B 921 50.88 2.44 1.16
N SER B 922 49.86 2.29 0.33
CA SER B 922 50.03 1.65 -0.97
C SER B 922 50.08 2.61 -2.14
N PHE B 923 49.46 3.77 -2.04
CA PHE B 923 49.32 4.68 -3.17
C PHE B 923 50.07 5.99 -2.99
N LEU B 924 50.01 6.58 -1.81
CA LEU B 924 50.55 7.92 -1.60
C LEU B 924 52.06 7.92 -1.39
N GLU B 925 52.51 7.22 -0.36
CA GLU B 925 53.92 7.14 -0.01
C GLU B 925 54.80 6.46 -1.06
N PRO B 926 54.35 5.46 -1.85
CA PRO B 926 55.15 5.09 -3.01
C PRO B 926 55.18 6.15 -4.10
N TYR B 927 54.13 6.97 -4.22
CA TYR B 927 54.14 8.04 -5.21
C TYR B 927 55.12 9.15 -4.83
N LEU B 928 55.21 9.46 -3.55
CA LEU B 928 56.13 10.51 -3.10
C LEU B 928 57.57 10.05 -3.08
N ARG B 929 57.83 8.75 -3.21
CA ARG B 929 59.18 8.22 -3.30
C ARG B 929 59.56 7.79 -4.70
N ASN B 930 58.73 8.13 -5.70
CA ASN B 930 58.90 7.75 -7.11
C ASN B 930 59.00 6.25 -7.28
N GLU B 931 58.17 5.51 -6.55
CA GLU B 931 58.21 4.05 -6.57
C GLU B 931 57.00 3.45 -7.26
N LEU B 932 56.16 4.26 -7.89
CA LEU B 932 55.01 3.76 -8.64
C LEU B 932 55.34 3.78 -10.13
N ALA B 933 55.46 2.59 -10.71
CA ALA B 933 55.32 2.49 -12.15
C ALA B 933 53.87 2.77 -12.51
N HIS B 934 53.66 3.63 -13.51
CA HIS B 934 52.38 4.13 -14.02
C HIS B 934 51.57 4.79 -12.91
N PRO B 935 51.95 5.98 -12.42
CA PRO B 935 51.22 6.54 -11.28
C PRO B 935 49.86 7.10 -11.63
N VAL B 936 49.71 7.73 -12.80
CA VAL B 936 48.44 8.34 -13.19
C VAL B 936 47.37 7.28 -13.37
N LEU B 937 47.72 6.19 -14.04
CA LEU B 937 46.80 5.07 -14.21
C LEU B 937 46.53 4.38 -12.89
N SER B 938 47.48 4.46 -11.94
CA SER B 938 47.27 3.88 -10.62
C SER B 938 46.24 4.66 -9.81
N PHE B 939 46.32 5.99 -9.83
CA PHE B 939 45.30 6.78 -9.15
C PHE B 939 43.95 6.70 -9.84
N ALA B 940 43.94 6.53 -11.17
CA ALA B 940 42.68 6.31 -11.87
C ALA B 940 42.06 4.97 -11.48
N GLN B 941 42.90 3.94 -11.31
CA GLN B 941 42.42 2.65 -10.85
C GLN B 941 41.92 2.73 -9.40
N LEU B 942 42.57 3.57 -8.58
CA LEU B 942 42.12 3.78 -7.21
C LEU B 942 40.75 4.42 -7.14
N VAL B 943 40.53 5.49 -7.91
CA VAL B 943 39.24 6.18 -7.86
C VAL B 943 38.14 5.31 -8.49
N SER B 944 38.48 4.51 -9.51
CA SER B 944 37.49 3.62 -10.10
C SER B 944 37.12 2.48 -9.14
N PHE B 945 38.11 1.93 -8.44
CA PHE B 945 37.83 0.89 -7.45
C PHE B 945 36.99 1.43 -6.31
N THR B 946 37.31 2.63 -5.82
CA THR B 946 36.58 3.18 -4.69
C THR B 946 35.14 3.53 -5.08
N ILE B 947 34.92 3.92 -6.33
CA ILE B 947 33.55 4.16 -6.79
C ILE B 947 32.79 2.84 -6.92
N PHE B 948 33.38 1.83 -7.56
CA PHE B 948 32.62 0.61 -7.87
C PHE B 948 32.39 -0.26 -6.65
N VAL B 949 33.45 -0.76 -6.03
CA VAL B 949 33.25 -1.87 -5.09
C VAL B 949 32.72 -1.45 -3.72
N PRO B 950 33.33 -0.53 -2.94
CA PRO B 950 32.80 -0.31 -1.60
C PRO B 950 31.57 0.58 -1.54
N ILE B 951 31.26 1.31 -2.60
CA ILE B 951 30.11 2.22 -2.56
C ILE B 951 28.93 1.59 -3.28
N VAL B 952 29.11 1.19 -4.53
CA VAL B 952 27.99 0.72 -5.34
C VAL B 952 27.57 -0.69 -4.93
N LEU B 953 28.54 -1.61 -4.87
CA LEU B 953 28.22 -3.02 -4.64
C LEU B 953 27.75 -3.27 -3.21
N MET B 954 28.36 -2.57 -2.24
CA MET B 954 27.95 -2.76 -0.85
C MET B 954 26.55 -2.18 -0.60
N ASN B 955 26.22 -1.06 -1.24
CA ASN B 955 24.88 -0.52 -1.08
C ASN B 955 23.86 -1.36 -1.84
N LEU B 956 24.29 -2.05 -2.90
CA LEU B 956 23.43 -3.04 -3.53
C LEU B 956 23.11 -4.18 -2.57
N LEU B 957 24.12 -4.64 -1.82
CA LEU B 957 23.89 -5.67 -0.82
C LEU B 957 22.96 -5.18 0.30
N ILE B 958 23.11 -3.92 0.70
CA ILE B 958 22.26 -3.35 1.75
C ILE B 958 20.81 -3.27 1.28
N GLY B 959 20.58 -2.86 0.03
CA GLY B 959 19.22 -2.77 -0.47
C GLY B 959 18.56 -4.13 -0.64
N LEU B 960 19.33 -5.13 -1.09
CA LEU B 960 18.82 -6.50 -1.15
C LEU B 960 18.48 -7.04 0.24
N ALA B 961 19.31 -6.70 1.23
CA ALA B 961 19.06 -7.14 2.61
C ALA B 961 17.78 -6.52 3.17
N VAL B 962 17.59 -5.22 2.94
CA VAL B 962 16.40 -4.53 3.44
C VAL B 962 15.14 -5.09 2.80
N GLY B 963 15.18 -5.35 1.49
CA GLY B 963 14.04 -5.93 0.80
C GLY B 963 13.71 -7.34 1.28
N ASP B 964 14.73 -8.17 1.48
CA ASP B 964 14.50 -9.55 1.92
C ASP B 964 13.98 -9.60 3.35
N ILE B 965 14.49 -8.74 4.24
CA ILE B 965 14.03 -8.74 5.62
C ILE B 965 12.62 -8.19 5.72
N ALA B 966 12.27 -7.20 4.89
CA ALA B 966 10.87 -6.74 4.86
C ALA B 966 9.94 -7.82 4.35
N GLU B 967 10.42 -8.61 3.38
CA GLU B 967 9.63 -9.69 2.84
C GLU B 967 9.39 -10.78 3.88
N VAL B 968 10.41 -11.07 4.69
CA VAL B 968 10.26 -12.10 5.72
C VAL B 968 9.37 -11.61 6.85
N GLN B 969 9.63 -10.40 7.35
CA GLN B 969 8.84 -9.87 8.46
C GLN B 969 7.43 -9.46 8.07
N LYS B 970 7.08 -9.48 6.78
CA LYS B 970 5.69 -9.35 6.40
C LYS B 970 4.84 -10.52 6.91
N HIS B 971 5.42 -11.72 7.02
CA HIS B 971 4.70 -12.92 7.40
C HIS B 971 5.42 -13.66 8.52
N ALA B 972 5.78 -12.94 9.59
CA ALA B 972 6.55 -13.56 10.66
C ALA B 972 5.68 -14.23 11.71
N SER B 973 4.57 -13.58 12.08
CA SER B 973 3.72 -14.08 13.16
C SER B 973 3.01 -15.37 12.78
N LEU B 974 2.73 -15.57 11.50
CA LEU B 974 2.23 -16.85 11.05
C LEU B 974 3.34 -17.88 10.98
N LYS B 975 4.56 -17.44 10.63
CA LYS B 975 5.67 -18.37 10.43
C LYS B 975 6.12 -19.01 11.74
N ARG B 976 6.08 -18.25 12.83
CA ARG B 976 6.47 -18.80 14.13
C ARG B 976 5.55 -19.94 14.57
N ILE B 977 4.24 -19.68 14.51
CA ILE B 977 3.28 -20.68 14.97
C ILE B 977 3.21 -21.83 13.96
N ALA B 978 3.49 -21.56 12.68
CA ALA B 978 3.56 -22.63 11.70
C ALA B 978 4.73 -23.56 11.96
N MET B 979 5.89 -23.01 12.33
CA MET B 979 7.03 -23.86 12.68
C MET B 979 6.76 -24.66 13.95
N GLN B 980 6.06 -24.05 14.92
CA GLN B 980 5.73 -24.78 16.14
C GLN B 980 4.75 -25.92 15.88
N VAL B 981 3.71 -25.67 15.09
CA VAL B 981 2.73 -26.72 14.84
C VAL B 981 3.31 -27.79 13.92
N GLU B 982 4.27 -27.42 13.06
CA GLU B 982 4.94 -28.42 12.24
C GLU B 982 5.85 -29.29 13.08
N LEU B 983 6.51 -28.69 14.08
CA LEU B 983 7.33 -29.45 15.02
C LEU B 983 6.49 -30.45 15.82
N HIS B 984 5.34 -29.99 16.31
CA HIS B 984 4.48 -30.88 17.09
C HIS B 984 3.86 -31.98 16.23
N THR B 985 3.40 -31.66 15.02
CA THR B 985 2.79 -32.69 14.19
C THR B 985 3.82 -33.60 13.54
N SER B 986 5.09 -33.22 13.52
CA SER B 986 6.12 -34.14 13.06
C SER B 986 6.63 -35.02 14.19
N LEU B 987 6.66 -34.50 15.42
CA LEU B 987 7.13 -35.30 16.53
C LEU B 987 6.06 -36.26 17.02
N GLU B 988 4.79 -35.91 16.84
CA GLU B 988 3.69 -36.73 17.35
C GLU B 988 3.46 -37.98 16.51
N LYS B 989 3.93 -37.99 15.25
CA LYS B 989 3.75 -39.16 14.39
C LYS B 989 4.61 -40.33 14.83
N LYS B 990 5.74 -40.07 15.49
CA LYS B 990 6.67 -41.11 15.86
C LYS B 990 6.47 -41.65 17.27
N LEU B 991 5.62 -41.02 18.07
CA LEU B 991 5.39 -41.46 19.43
C LEU B 991 4.53 -42.73 19.46
N PRO B 992 4.70 -43.57 20.47
CA PRO B 992 3.78 -44.71 20.63
C PRO B 992 2.40 -44.25 21.04
N LEU B 993 1.39 -44.99 20.58
CA LEU B 993 0.01 -44.54 20.68
C LEU B 993 -0.55 -44.65 22.10
N TRP B 994 -0.04 -45.59 22.91
CA TRP B 994 -0.46 -45.67 24.30
C TRP B 994 0.07 -44.48 25.10
N PHE B 995 1.28 -44.03 24.76
CA PHE B 995 1.82 -42.81 25.36
C PHE B 995 0.99 -41.60 24.98
N LEU B 996 0.55 -41.55 23.72
CA LEU B 996 -0.27 -40.44 23.24
C LEU B 996 -1.65 -40.47 23.89
N ARG B 997 -2.16 -41.66 24.24
CA ARG B 997 -3.40 -41.71 25.02
C ARG B 997 -3.16 -41.29 26.46
N LYS B 998 -2.01 -41.67 27.03
CA LYS B 998 -1.79 -41.46 28.45
C LYS B 998 -1.52 -39.99 28.78
N VAL B 999 -0.79 -39.30 27.91
CA VAL B 999 -0.37 -37.94 28.25
C VAL B 999 -1.42 -36.90 27.81
N ASP B 1000 -2.31 -37.25 26.88
CA ASP B 1000 -3.30 -36.30 26.36
C ASP B 1000 -4.33 -35.95 27.42
N GLN B 1001 -4.88 -34.75 27.29
CA GLN B 1001 -5.83 -34.18 28.24
C GLN B 1001 -6.82 -33.35 27.45
N LYS B 1002 -8.11 -33.49 27.76
CA LYS B 1002 -9.16 -32.89 26.94
C LYS B 1002 -9.55 -31.50 27.39
N SER B 1003 -9.22 -31.10 28.63
CA SER B 1003 -9.59 -29.79 29.11
C SER B 1003 -8.59 -29.35 30.17
N THR B 1004 -8.32 -28.04 30.20
CA THR B 1004 -7.38 -27.46 31.14
C THR B 1004 -8.06 -26.40 32.00
N ILE B 1005 -7.48 -26.17 33.18
CA ILE B 1005 -7.95 -25.18 34.13
C ILE B 1005 -6.79 -24.27 34.48
N VAL B 1006 -6.97 -22.96 34.28
CA VAL B 1006 -5.92 -21.98 34.49
C VAL B 1006 -6.35 -21.05 35.62
N TYR B 1007 -5.48 -20.90 36.62
CA TYR B 1007 -5.68 -19.93 37.69
C TYR B 1007 -4.88 -18.68 37.38
N PRO B 1008 -5.51 -17.57 37.02
CA PRO B 1008 -4.72 -16.37 36.66
C PRO B 1008 -4.06 -15.70 37.83
N ASN B 1009 -4.66 -15.75 39.02
CA ASN B 1009 -4.10 -15.05 40.17
C ASN B 1009 -2.95 -15.82 40.80
N LYS B 1010 -2.97 -17.15 40.75
CA LYS B 1010 -1.94 -17.96 41.36
C LYS B 1010 -0.84 -18.27 40.35
N PRO B 1011 0.40 -17.85 40.59
CA PRO B 1011 1.49 -18.20 39.66
C PRO B 1011 1.86 -19.66 39.76
N ARG B 1012 2.37 -20.19 38.65
CA ARG B 1012 2.81 -21.58 38.62
C ARG B 1012 4.16 -21.72 39.30
N SER B 1013 4.31 -22.79 40.09
CA SER B 1013 5.53 -23.04 40.83
C SER B 1013 6.63 -23.58 39.92
N MET B 1016 9.59 -23.12 41.16
CA MET B 1016 10.55 -24.19 40.93
C MET B 1016 10.81 -24.38 39.44
N LEU B 1017 10.22 -25.43 38.87
CA LEU B 1017 10.43 -25.75 37.46
C LEU B 1017 9.74 -24.73 36.55
N PHE B 1018 8.49 -24.39 36.86
CA PHE B 1018 7.78 -23.39 36.07
C PHE B 1018 8.35 -21.99 36.29
N HIS B 1019 8.87 -21.73 37.49
CA HIS B 1019 9.54 -20.44 37.74
C HIS B 1019 10.85 -20.34 36.97
N ILE B 1020 11.59 -21.46 36.86
CA ILE B 1020 12.82 -21.47 36.06
C ILE B 1020 12.49 -21.36 34.58
N PHE B 1021 11.37 -21.94 34.15
CA PHE B 1021 10.96 -21.81 32.75
C PHE B 1021 10.52 -20.38 32.43
N CYS B 1022 9.86 -19.72 33.37
CA CYS B 1022 9.48 -18.32 33.18
C CYS B 1022 10.69 -17.40 33.23
N PHE B 1023 11.71 -17.76 34.01
CA PHE B 1023 12.93 -16.96 34.04
C PHE B 1023 13.75 -17.15 32.76
N LEU B 1024 13.80 -18.38 32.24
CA LEU B 1024 14.52 -18.63 31.00
C LEU B 1024 13.78 -18.09 29.79
N PHE B 1025 12.45 -17.99 29.87
CA PHE B 1025 11.68 -17.43 28.77
C PHE B 1025 11.86 -15.92 28.65
N CYS B 1026 12.20 -15.26 29.75
CA CYS B 1026 12.42 -13.81 29.74
C CYS B 1026 13.90 -13.49 29.57
N SER B 1040 -8.01 -5.81 5.17
CA SER B 1040 -9.27 -6.53 5.22
C SER B 1040 -10.32 -5.87 4.34
N LEU B 1041 -9.88 -5.35 3.19
CA LEU B 1041 -10.78 -4.71 2.25
C LEU B 1041 -11.27 -5.64 1.15
N GLU B 1042 -10.64 -6.80 0.98
CA GLU B 1042 -11.06 -7.70 -0.09
C GLU B 1042 -12.37 -8.40 0.25
N MET B 1043 -12.51 -8.87 1.48
CA MET B 1043 -13.74 -9.54 1.89
C MET B 1043 -14.92 -8.57 1.98
N GLU B 1044 -14.63 -7.29 2.25
CA GLU B 1044 -15.68 -6.29 2.31
C GLU B 1044 -16.29 -6.06 0.92
N ILE B 1045 -15.43 -5.90 -0.10
CA ILE B 1045 -15.92 -5.73 -1.46
C ILE B 1045 -16.49 -7.04 -1.99
N LEU B 1046 -16.05 -8.18 -1.46
CA LEU B 1046 -16.65 -9.45 -1.84
C LEU B 1046 -18.09 -9.58 -1.31
N LYS B 1047 -18.31 -9.17 -0.06
CA LYS B 1047 -19.67 -9.14 0.49
C LYS B 1047 -20.54 -8.12 -0.23
N GLN B 1048 -19.93 -6.98 -0.62
CA GLN B 1048 -20.57 -5.98 -1.47
C GLN B 1048 -21.06 -6.58 -2.78
N LYS B 1049 -20.21 -7.40 -3.42
CA LYS B 1049 -20.57 -8.01 -4.69
C LYS B 1049 -21.67 -9.05 -4.52
N TYR B 1050 -21.63 -9.82 -3.41
CA TYR B 1050 -22.70 -10.78 -3.14
C TYR B 1050 -24.04 -10.10 -2.94
N ARG B 1051 -24.06 -9.01 -2.18
CA ARG B 1051 -25.30 -8.29 -1.94
C ARG B 1051 -25.83 -7.64 -3.22
N LEU B 1052 -24.93 -7.15 -4.08
CA LEU B 1052 -25.40 -6.57 -5.34
C LEU B 1052 -25.93 -7.63 -6.30
N LYS B 1053 -25.37 -8.84 -6.27
CA LYS B 1053 -25.89 -9.92 -7.11
C LYS B 1053 -27.27 -10.37 -6.65
N ASP B 1054 -27.48 -10.45 -5.34
CA ASP B 1054 -28.81 -10.75 -4.80
C ASP B 1054 -29.81 -9.64 -5.18
N LEU B 1055 -29.33 -8.40 -5.17
CA LEU B 1055 -30.16 -7.25 -5.53
C LEU B 1055 -30.63 -7.33 -6.98
N THR B 1056 -29.71 -7.63 -7.90
CA THR B 1056 -30.10 -7.66 -9.30
C THR B 1056 -30.96 -8.88 -9.63
N PHE B 1057 -30.80 -9.99 -8.90
CA PHE B 1057 -31.70 -11.13 -9.09
C PHE B 1057 -33.13 -10.79 -8.68
N LEU B 1058 -33.28 -10.13 -7.52
CA LEU B 1058 -34.60 -9.76 -7.06
C LEU B 1058 -35.24 -8.72 -7.98
N LEU B 1059 -34.42 -7.81 -8.52
CA LEU B 1059 -34.98 -6.80 -9.43
C LEU B 1059 -35.39 -7.41 -10.76
N GLU B 1060 -34.69 -8.46 -11.22
CA GLU B 1060 -35.11 -9.19 -12.41
C GLU B 1060 -36.48 -9.85 -12.22
N LYS B 1061 -36.67 -10.51 -11.06
CA LYS B 1061 -37.98 -11.11 -10.76
C LYS B 1061 -39.08 -10.07 -10.71
N GLN B 1062 -38.79 -8.91 -10.12
CA GLN B 1062 -39.75 -7.82 -10.01
C GLN B 1062 -40.12 -7.24 -11.38
N HIS B 1063 -39.13 -7.11 -12.27
CA HIS B 1063 -39.40 -6.63 -13.63
C HIS B 1063 -40.29 -7.59 -14.40
N GLU B 1064 -40.07 -8.90 -14.20
CA GLU B 1064 -40.94 -9.89 -14.84
C GLU B 1064 -42.37 -9.80 -14.32
N LEU B 1065 -42.53 -9.55 -13.02
CA LEU B 1065 -43.88 -9.39 -12.47
C LEU B 1065 -44.58 -8.15 -13.01
N ILE B 1066 -43.84 -7.06 -13.24
CA ILE B 1066 -44.47 -5.86 -13.77
C ILE B 1066 -44.87 -6.04 -15.23
N LYS B 1067 -44.06 -6.78 -16.01
CA LYS B 1067 -44.48 -7.14 -17.36
C LYS B 1067 -45.72 -8.03 -17.35
N LEU B 1068 -45.86 -8.89 -16.34
CA LEU B 1068 -47.08 -9.67 -16.20
C LEU B 1068 -48.29 -8.78 -15.87
N ILE B 1069 -48.06 -7.72 -15.08
CA ILE B 1069 -49.13 -6.77 -14.76
C ILE B 1069 -49.63 -6.09 -16.03
N ILE B 1070 -48.70 -5.63 -16.88
CA ILE B 1070 -49.10 -4.97 -18.12
C ILE B 1070 -49.78 -5.94 -19.06
N GLN B 1071 -49.35 -7.22 -19.04
CA GLN B 1071 -49.97 -8.22 -19.90
C GLN B 1071 -51.39 -8.54 -19.46
N LYS B 1072 -51.69 -8.50 -18.16
CA LYS B 1072 -53.00 -8.88 -17.67
C LYS B 1072 -53.91 -7.72 -17.30
N MET B 1073 -53.46 -6.47 -17.48
CA MET B 1073 -54.22 -5.31 -17.05
C MET B 1073 -55.43 -5.09 -17.94
N GLU B 1074 -56.48 -4.51 -17.37
CA GLU B 1074 -57.70 -4.17 -18.10
C GLU B 1074 -57.68 -2.68 -18.46
N ILE B 1075 -57.85 -2.38 -19.74
CA ILE B 1075 -57.82 -1.00 -20.23
C ILE B 1075 -59.16 -0.69 -20.87
N ILE B 1076 -59.93 0.18 -20.23
CA ILE B 1076 -61.13 0.80 -20.80
C ILE B 1076 -60.95 2.30 -20.65
N SER B 1077 -61.39 3.06 -21.66
CA SER B 1077 -61.38 4.53 -21.70
C SER B 1077 -59.97 5.10 -21.70
N GLU B 1078 -58.98 4.30 -22.08
CA GLU B 1078 -57.63 4.77 -22.34
C GLU B 1078 -57.06 4.18 -23.62
N THR B 1079 -57.88 3.53 -24.43
CA THR B 1079 -57.43 2.90 -25.66
C THR B 1079 -57.22 3.94 -26.75
N GLU B 1080 -56.50 3.51 -27.79
CA GLU B 1080 -56.19 4.30 -29.00
C GLU B 1080 -55.50 5.62 -28.69
N LYS C 447 -63.91 20.75 -11.11
CA LYS C 447 -63.36 19.98 -12.23
C LYS C 447 -61.90 20.35 -12.48
N LYS C 448 -61.35 21.20 -11.61
CA LYS C 448 -59.97 21.64 -11.77
C LYS C 448 -59.01 20.52 -11.40
N SER C 449 -59.16 19.95 -10.21
CA SER C 449 -58.28 18.88 -9.76
C SER C 449 -58.30 17.61 -10.61
N PRO C 450 -59.40 17.15 -11.23
CA PRO C 450 -59.25 16.08 -12.24
C PRO C 450 -58.40 16.48 -13.44
N LEU C 451 -58.46 17.74 -13.87
CA LEU C 451 -57.60 18.17 -14.97
C LEU C 451 -56.14 18.24 -14.53
N HIS C 452 -55.89 18.68 -13.29
CA HIS C 452 -54.52 18.67 -12.77
C HIS C 452 -53.97 17.26 -12.66
N PHE C 453 -54.80 16.31 -12.25
CA PHE C 453 -54.35 14.91 -12.16
C PHE C 453 -54.09 14.32 -13.54
N ALA C 454 -55.02 14.53 -14.48
CA ALA C 454 -54.89 13.94 -15.81
C ALA C 454 -53.77 14.60 -16.61
N ALA C 455 -53.42 15.85 -16.29
CA ALA C 455 -52.27 16.47 -16.94
C ALA C 455 -50.97 16.08 -16.25
N SER C 456 -51.01 15.85 -14.94
CA SER C 456 -49.79 15.47 -14.23
C SER C 456 -49.38 14.03 -14.53
N TYR C 457 -50.33 13.19 -14.91
CA TYR C 457 -49.99 11.78 -15.17
C TYR C 457 -50.26 11.37 -16.61
N GLY C 458 -50.37 12.33 -17.52
CA GLY C 458 -50.32 12.02 -18.94
C GLY C 458 -51.55 11.37 -19.52
N ARG C 459 -52.68 11.45 -18.84
CA ARG C 459 -53.93 10.87 -19.35
C ARG C 459 -54.46 11.76 -20.46
N ILE C 460 -54.17 11.39 -21.71
CA ILE C 460 -54.50 12.25 -22.84
C ILE C 460 -56.00 12.22 -23.15
N ASN C 461 -56.67 11.08 -22.98
CA ASN C 461 -58.08 11.00 -23.32
C ASN C 461 -58.94 11.72 -22.29
N THR C 462 -58.54 11.66 -21.01
CA THR C 462 -59.24 12.41 -19.98
C THR C 462 -59.07 13.91 -20.19
N CYS C 463 -57.89 14.33 -20.64
CA CYS C 463 -57.67 15.74 -20.94
C CYS C 463 -58.45 16.18 -22.19
N GLN C 464 -58.67 15.28 -23.15
CA GLN C 464 -59.52 15.62 -24.29
C GLN C 464 -60.98 15.72 -23.88
N ARG C 465 -61.42 14.86 -22.96
CA ARG C 465 -62.82 14.91 -22.54
C ARG C 465 -63.09 16.09 -21.61
N LEU C 466 -62.11 16.50 -20.81
CA LEU C 466 -62.29 17.68 -19.98
C LEU C 466 -62.25 18.96 -20.80
N LEU C 467 -61.42 18.99 -21.86
CA LEU C 467 -61.32 20.16 -22.73
C LEU C 467 -62.26 20.08 -23.93
N GLN C 468 -63.35 19.34 -23.83
CA GLN C 468 -64.33 19.32 -24.90
C GLN C 468 -65.13 20.63 -24.93
N ASP C 469 -65.42 21.17 -23.75
CA ASP C 469 -66.08 22.47 -23.64
C ASP C 469 -65.02 23.56 -23.62
N ILE C 470 -65.10 24.48 -24.59
CA ILE C 470 -64.11 25.54 -24.74
C ILE C 470 -64.71 26.86 -24.29
N SER C 471 -65.67 26.80 -23.37
CA SER C 471 -66.36 28.01 -22.93
C SER C 471 -65.46 28.84 -22.01
N ASP C 472 -65.05 28.27 -20.88
CA ASP C 472 -64.26 28.98 -19.89
C ASP C 472 -62.80 28.58 -20.03
N THR C 473 -61.96 29.52 -20.45
CA THR C 473 -60.53 29.31 -20.53
C THR C 473 -59.81 29.62 -19.23
N ARG C 474 -60.51 30.13 -18.22
CA ARG C 474 -59.90 30.36 -16.92
C ARG C 474 -59.61 29.04 -16.21
N LEU C 475 -60.38 27.99 -16.53
CA LEU C 475 -60.10 26.67 -15.98
C LEU C 475 -58.86 26.06 -16.64
N LEU C 476 -58.56 26.47 -17.87
CA LEU C 476 -57.39 25.96 -18.57
C LEU C 476 -56.11 26.53 -17.98
N ASN C 477 -56.10 27.84 -17.72
CA ASN C 477 -54.95 28.50 -17.15
C ASN C 477 -55.12 28.75 -15.65
N GLU C 478 -55.78 27.83 -14.95
CA GLU C 478 -56.03 28.00 -13.54
C GLU C 478 -54.75 27.76 -12.73
N GLY C 479 -54.77 28.23 -11.48
CA GLY C 479 -53.64 28.12 -10.60
C GLY C 479 -53.59 26.80 -9.86
N ASP C 480 -52.94 26.82 -8.71
CA ASP C 480 -52.73 25.63 -7.89
C ASP C 480 -52.37 26.10 -6.49
N LEU C 481 -52.23 25.14 -5.57
CA LEU C 481 -51.65 25.44 -4.27
C LEU C 481 -50.21 25.91 -4.41
N HIS C 482 -49.46 25.30 -5.30
CA HIS C 482 -48.13 25.76 -5.65
C HIS C 482 -48.11 26.61 -6.91
N GLY C 483 -49.28 27.00 -7.41
CA GLY C 483 -49.34 27.94 -8.52
C GLY C 483 -48.94 27.39 -9.86
N MET C 484 -48.96 26.07 -10.03
CA MET C 484 -48.61 25.44 -11.30
C MET C 484 -49.88 25.19 -12.11
N THR C 485 -49.96 25.80 -13.29
CA THR C 485 -51.02 25.50 -14.23
C THR C 485 -50.74 24.12 -14.83
N PRO C 486 -51.76 23.44 -15.39
CA PRO C 486 -51.53 22.11 -15.98
C PRO C 486 -50.51 22.05 -17.13
N LEU C 487 -50.12 23.19 -17.72
CA LEU C 487 -48.96 23.19 -18.60
C LEU C 487 -47.70 22.80 -17.84
N HIS C 488 -47.52 23.35 -16.64
CA HIS C 488 -46.37 23.00 -15.79
C HIS C 488 -46.44 21.54 -15.35
N LEU C 489 -47.65 21.04 -15.09
CA LEU C 489 -47.79 19.64 -14.67
C LEU C 489 -47.48 18.69 -15.81
N ALA C 490 -47.93 19.02 -17.03
CA ALA C 490 -47.65 18.18 -18.18
C ALA C 490 -46.18 18.25 -18.59
N ALA C 491 -45.52 19.38 -18.35
CA ALA C 491 -44.12 19.51 -18.69
C ALA C 491 -43.18 18.98 -17.61
N LYS C 492 -43.65 18.90 -16.36
CA LYS C 492 -42.79 18.43 -15.28
C LYS C 492 -42.52 16.94 -15.37
N ASN C 493 -43.54 16.15 -15.66
CA ASN C 493 -43.39 14.71 -15.76
C ASN C 493 -43.03 14.24 -17.15
N GLY C 494 -42.99 15.14 -18.13
CA GLY C 494 -42.48 14.80 -19.45
C GLY C 494 -43.46 14.08 -20.35
N HIS C 495 -44.61 14.68 -20.61
CA HIS C 495 -45.61 14.12 -21.51
C HIS C 495 -45.78 15.06 -22.69
N ASP C 496 -45.23 14.66 -23.84
CA ASP C 496 -45.17 15.54 -24.99
C ASP C 496 -46.52 15.71 -25.66
N LYS C 497 -47.32 14.65 -25.70
CA LYS C 497 -48.61 14.75 -26.37
C LYS C 497 -49.60 15.58 -25.56
N VAL C 498 -49.52 15.51 -24.23
CA VAL C 498 -50.41 16.29 -23.39
C VAL C 498 -50.08 17.77 -23.48
N VAL C 499 -48.78 18.11 -23.43
CA VAL C 499 -48.41 19.52 -23.54
C VAL C 499 -48.65 20.03 -24.96
N GLN C 500 -48.58 19.15 -25.96
CA GLN C 500 -48.92 19.54 -27.33
C GLN C 500 -50.42 19.82 -27.45
N LEU C 501 -51.25 19.02 -26.78
CA LEU C 501 -52.69 19.25 -26.81
C LEU C 501 -53.06 20.54 -26.06
N LEU C 502 -52.40 20.80 -24.93
CA LEU C 502 -52.66 22.04 -24.21
C LEU C 502 -52.17 23.28 -24.94
N LEU C 503 -51.10 23.15 -25.73
CA LEU C 503 -50.69 24.29 -26.56
C LEU C 503 -51.58 24.44 -27.79
N LYS C 504 -52.13 23.34 -28.30
CA LYS C 504 -53.03 23.43 -29.44
C LYS C 504 -54.37 24.04 -29.03
N LYS C 505 -54.85 23.72 -27.84
CA LYS C 505 -56.05 24.35 -27.31
C LYS C 505 -55.81 25.76 -26.79
N GLY C 506 -54.55 26.17 -26.66
CA GLY C 506 -54.25 27.52 -26.23
C GLY C 506 -53.95 27.62 -24.75
N ALA C 507 -52.68 27.77 -24.40
CA ALA C 507 -52.26 27.94 -23.02
C ALA C 507 -51.23 29.05 -22.95
N LEU C 508 -51.17 29.70 -21.80
CA LEU C 508 -50.27 30.83 -21.58
C LEU C 508 -49.09 30.40 -20.74
N PHE C 509 -47.89 30.81 -21.14
CA PHE C 509 -46.67 30.49 -20.42
C PHE C 509 -46.60 31.34 -19.15
N LEU C 510 -47.32 30.88 -18.13
CA LEU C 510 -47.41 31.60 -16.87
C LEU C 510 -46.19 31.29 -16.01
N SER C 511 -46.16 31.80 -14.79
CA SER C 511 -45.01 31.67 -13.92
C SER C 511 -45.39 30.92 -12.65
N ASP C 512 -44.45 30.12 -12.16
CA ASP C 512 -44.54 29.49 -10.87
C ASP C 512 -44.36 30.55 -9.77
N HIS C 513 -44.68 30.17 -8.53
CA HIS C 513 -44.34 31.03 -7.39
C HIS C 513 -42.83 31.13 -7.20
N ASN C 514 -42.07 30.14 -7.65
CA ASN C 514 -40.63 30.24 -7.76
C ASN C 514 -40.18 30.80 -9.10
N GLY C 515 -41.11 31.34 -9.89
CA GLY C 515 -40.77 31.99 -11.14
C GLY C 515 -40.49 31.07 -12.29
N TRP C 516 -40.70 29.76 -12.14
CA TRP C 516 -40.37 28.84 -13.20
C TRP C 516 -41.44 28.85 -14.29
N THR C 517 -41.09 28.24 -15.42
CA THR C 517 -41.95 28.12 -16.58
C THR C 517 -42.06 26.62 -16.89
N ALA C 518 -42.84 26.25 -17.91
CA ALA C 518 -42.91 24.87 -18.35
C ALA C 518 -41.57 24.39 -18.90
N LEU C 519 -40.82 25.30 -19.54
CA LEU C 519 -39.50 24.93 -20.06
C LEU C 519 -38.50 24.72 -18.93
N HIS C 520 -38.65 25.46 -17.82
CA HIS C 520 -37.82 25.23 -16.65
C HIS C 520 -38.04 23.84 -16.07
N HIS C 521 -39.29 23.38 -16.04
CA HIS C 521 -39.58 22.04 -15.54
C HIS C 521 -39.12 20.96 -16.51
N ALA C 522 -39.28 21.21 -17.82
CA ALA C 522 -38.83 20.24 -18.81
C ALA C 522 -37.31 20.13 -18.85
N SER C 523 -36.61 21.21 -18.50
CA SER C 523 -35.15 21.14 -18.41
C SER C 523 -34.69 20.58 -17.08
N MET C 524 -35.46 20.81 -16.02
CA MET C 524 -35.17 20.20 -14.73
C MET C 524 -35.33 18.68 -14.79
N GLY C 525 -36.29 18.20 -15.57
CA GLY C 525 -36.46 16.77 -15.74
C GLY C 525 -35.60 16.22 -16.85
N GLY C 526 -35.21 17.06 -17.80
CA GLY C 526 -34.39 16.62 -18.90
C GLY C 526 -35.14 15.90 -19.99
N TYR C 527 -36.41 16.24 -20.19
CA TYR C 527 -37.25 15.58 -21.19
C TYR C 527 -37.14 16.37 -22.48
N THR C 528 -36.44 15.81 -23.47
CA THR C 528 -36.17 16.54 -24.70
C THR C 528 -37.39 16.64 -25.62
N GLN C 529 -38.36 15.74 -25.47
CA GLN C 529 -39.51 15.75 -26.37
C GLN C 529 -40.45 16.91 -26.07
N THR C 530 -40.81 17.08 -24.79
CA THR C 530 -41.62 18.21 -24.37
C THR C 530 -40.88 19.52 -24.60
N MET C 531 -39.56 19.50 -24.44
CA MET C 531 -38.72 20.66 -24.70
C MET C 531 -38.78 21.06 -26.17
N LYS C 532 -38.70 20.07 -27.07
CA LYS C 532 -38.79 20.35 -28.50
C LYS C 532 -40.18 20.82 -28.89
N VAL C 533 -41.22 20.32 -28.21
CA VAL C 533 -42.58 20.78 -28.48
C VAL C 533 -42.75 22.23 -28.04
N ILE C 534 -42.17 22.59 -26.89
CA ILE C 534 -42.27 23.97 -26.40
C ILE C 534 -41.50 24.93 -27.29
N LEU C 535 -40.28 24.54 -27.70
CA LEU C 535 -39.46 25.45 -28.51
C LEU C 535 -39.94 25.60 -29.95
N ASP C 536 -40.85 24.76 -30.43
CA ASP C 536 -41.38 24.93 -31.77
C ASP C 536 -42.57 25.88 -31.83
N THR C 537 -43.08 26.33 -30.70
CA THR C 537 -44.24 27.24 -30.68
C THR C 537 -43.83 28.70 -30.57
N ASN C 538 -43.11 29.05 -29.51
CA ASN C 538 -42.73 30.43 -29.26
C ASN C 538 -41.25 30.49 -28.90
N LEU C 539 -40.49 31.28 -29.64
CA LEU C 539 -39.07 31.45 -29.36
C LEU C 539 -38.81 32.42 -28.21
N LYS C 540 -39.83 33.14 -27.75
CA LYS C 540 -39.67 34.09 -26.66
C LYS C 540 -39.74 33.45 -25.29
N CYS C 541 -39.87 32.13 -25.21
CA CYS C 541 -39.94 31.43 -23.94
C CYS C 541 -38.57 31.00 -23.44
N THR C 542 -37.55 31.00 -24.31
CA THR C 542 -36.22 30.52 -23.95
C THR C 542 -35.56 31.44 -22.95
N ASP C 543 -35.38 32.71 -23.31
CA ASP C 543 -34.79 33.67 -22.39
C ASP C 543 -35.80 34.08 -21.34
N ARG C 544 -35.85 33.34 -20.24
CA ARG C 544 -36.79 33.63 -19.16
C ARG C 544 -36.09 33.38 -17.83
N LEU C 545 -36.26 34.30 -16.90
CA LEU C 545 -35.58 34.23 -15.61
C LEU C 545 -36.56 33.86 -14.51
N ASP C 546 -36.07 33.11 -13.53
CA ASP C 546 -36.84 32.80 -12.34
C ASP C 546 -36.57 33.85 -11.27
N GLU C 547 -36.96 33.57 -10.02
CA GLU C 547 -36.66 34.47 -8.93
C GLU C 547 -35.19 34.49 -8.57
N ASP C 548 -34.43 33.48 -9.00
CA ASP C 548 -33.00 33.42 -8.74
C ASP C 548 -32.19 33.87 -9.95
N GLY C 549 -32.84 34.15 -11.07
CA GLY C 549 -32.13 34.57 -12.27
C GLY C 549 -31.60 33.45 -13.12
N ASN C 550 -32.04 32.23 -12.90
CA ASN C 550 -31.61 31.10 -13.71
C ASN C 550 -32.48 30.96 -14.95
N THR C 551 -31.87 30.52 -16.04
CA THR C 551 -32.59 30.14 -17.24
C THR C 551 -32.82 28.63 -17.25
N ALA C 552 -33.43 28.14 -18.32
CA ALA C 552 -33.63 26.69 -18.45
C ALA C 552 -32.31 25.97 -18.71
N LEU C 553 -31.36 26.66 -19.35
CA LEU C 553 -30.05 26.06 -19.61
C LEU C 553 -29.27 25.88 -18.32
N HIS C 554 -29.48 26.75 -17.34
CA HIS C 554 -28.87 26.59 -16.03
C HIS C 554 -29.33 25.31 -15.35
N PHE C 555 -30.64 25.02 -15.40
CA PHE C 555 -31.14 23.80 -14.78
C PHE C 555 -30.71 22.56 -15.56
N ALA C 556 -30.74 22.65 -16.90
CA ALA C 556 -30.35 21.52 -17.73
C ALA C 556 -28.86 21.20 -17.60
N ALA C 557 -28.04 22.20 -17.31
CA ALA C 557 -26.63 21.96 -17.04
C ALA C 557 -26.37 21.56 -15.60
N ARG C 558 -27.21 22.00 -14.66
CA ARG C 558 -27.04 21.62 -13.27
C ARG C 558 -27.38 20.16 -13.04
N GLU C 559 -28.44 19.67 -13.67
CA GLU C 559 -28.85 18.30 -13.47
C GLU C 559 -28.13 17.30 -14.37
N GLY C 560 -27.32 17.79 -15.31
CA GLY C 560 -26.49 16.89 -16.09
C GLY C 560 -27.18 16.18 -17.23
N HIS C 561 -28.07 16.86 -17.93
CA HIS C 561 -28.77 16.30 -19.08
C HIS C 561 -28.11 16.84 -20.34
N ALA C 562 -27.35 15.98 -21.02
CA ALA C 562 -26.50 16.44 -22.12
C ALA C 562 -27.32 16.82 -23.34
N LYS C 563 -28.34 16.02 -23.66
CA LYS C 563 -29.13 16.30 -24.85
C LYS C 563 -30.02 17.51 -24.68
N ALA C 564 -30.43 17.81 -23.45
CA ALA C 564 -31.19 19.04 -23.19
C ALA C 564 -30.33 20.27 -23.37
N VAL C 565 -29.08 20.21 -22.89
CA VAL C 565 -28.13 21.31 -23.09
C VAL C 565 -27.81 21.48 -24.56
N ALA C 566 -27.65 20.36 -25.28
CA ALA C 566 -27.40 20.43 -26.72
C ALA C 566 -28.61 20.97 -27.49
N LEU C 567 -29.82 20.70 -27.00
CA LEU C 567 -31.01 21.19 -27.67
C LEU C 567 -31.20 22.69 -27.45
N LEU C 568 -30.99 23.17 -26.21
CA LEU C 568 -31.02 24.61 -25.99
C LEU C 568 -29.82 25.31 -26.60
N LEU C 569 -28.73 24.59 -26.85
CA LEU C 569 -27.51 25.18 -27.36
C LEU C 569 -27.51 25.27 -28.88
N SER C 570 -28.20 24.33 -29.55
CA SER C 570 -28.39 24.43 -30.99
C SER C 570 -29.28 25.61 -31.34
N HIS C 571 -30.24 25.94 -30.47
CA HIS C 571 -30.99 27.18 -30.59
C HIS C 571 -30.24 28.29 -29.85
N ASN C 572 -30.77 29.50 -29.94
CA ASN C 572 -30.15 30.65 -29.29
C ASN C 572 -30.58 30.68 -27.83
N ALA C 573 -29.63 30.43 -26.93
CA ALA C 573 -29.96 30.20 -25.53
C ALA C 573 -29.90 31.45 -24.66
N ASP C 574 -29.27 32.53 -25.15
CA ASP C 574 -29.12 33.81 -24.45
C ASP C 574 -28.41 33.62 -23.10
N ILE C 575 -27.13 33.25 -23.21
CA ILE C 575 -26.31 32.93 -22.04
C ILE C 575 -26.15 34.14 -21.15
N VAL C 576 -26.46 33.96 -19.87
CA VAL C 576 -26.45 35.05 -18.89
C VAL C 576 -25.95 34.47 -17.57
N LEU C 577 -25.56 35.34 -16.64
CA LEU C 577 -25.07 34.91 -15.35
C LEU C 577 -26.23 34.73 -14.37
N ASN C 578 -25.90 34.24 -13.18
CA ASN C 578 -26.87 33.94 -12.15
C ASN C 578 -27.03 35.18 -11.26
N LYS C 579 -27.81 35.06 -10.18
CA LYS C 579 -27.75 36.06 -9.13
C LYS C 579 -26.38 36.07 -8.45
N GLN C 580 -25.76 34.90 -8.36
CA GLN C 580 -24.41 34.76 -7.84
C GLN C 580 -23.35 34.81 -8.94
N GLN C 581 -23.70 35.41 -10.08
CA GLN C 581 -22.80 35.63 -11.24
C GLN C 581 -22.20 34.32 -11.77
N ALA C 582 -22.97 33.25 -11.74
CA ALA C 582 -22.53 31.95 -12.24
C ALA C 582 -23.18 31.68 -13.59
N SER C 583 -22.39 31.23 -14.55
CA SER C 583 -22.96 30.79 -15.80
C SER C 583 -23.48 29.37 -15.65
N PHE C 584 -24.06 28.83 -16.71
CA PHE C 584 -24.47 27.44 -16.70
C PHE C 584 -23.26 26.51 -16.76
N LEU C 585 -22.16 26.98 -17.33
CA LEU C 585 -20.94 26.18 -17.37
C LEU C 585 -20.31 26.10 -15.99
N HIS C 586 -20.34 27.19 -15.23
CA HIS C 586 -19.89 27.16 -13.83
C HIS C 586 -20.73 26.21 -13.01
N LEU C 587 -22.05 26.28 -13.17
CA LEU C 587 -22.97 25.44 -12.40
C LEU C 587 -22.86 23.98 -12.82
N ALA C 588 -22.43 23.70 -14.05
CA ALA C 588 -22.15 22.33 -14.45
C ALA C 588 -20.83 21.84 -13.88
N LEU C 589 -19.83 22.73 -13.79
CA LEU C 589 -18.54 22.30 -13.24
C LEU C 589 -18.57 22.13 -11.73
N HIS C 590 -19.42 22.86 -11.03
CA HIS C 590 -19.50 22.68 -9.58
C HIS C 590 -20.17 21.37 -9.19
N ASN C 591 -20.85 20.69 -10.11
CA ASN C 591 -21.48 19.41 -9.83
C ASN C 591 -20.77 18.25 -10.51
N LYS C 592 -19.62 18.50 -11.14
CA LYS C 592 -18.75 17.50 -11.75
C LYS C 592 -19.46 16.70 -12.85
N ARG C 593 -20.33 17.38 -13.57
CA ARG C 593 -21.08 16.75 -14.67
C ARG C 593 -20.17 16.73 -15.89
N LYS C 594 -19.57 15.58 -16.16
CA LYS C 594 -18.53 15.50 -17.19
C LYS C 594 -19.12 15.58 -18.60
N GLU C 595 -20.28 14.96 -18.81
CA GLU C 595 -20.81 14.82 -20.15
C GLU C 595 -21.34 16.14 -20.70
N VAL C 596 -21.92 16.99 -19.85
CA VAL C 596 -22.47 18.24 -20.37
C VAL C 596 -21.34 19.22 -20.68
N VAL C 597 -20.27 19.24 -19.89
CA VAL C 597 -19.19 20.16 -20.24
C VAL C 597 -18.39 19.61 -21.42
N LEU C 598 -18.39 18.28 -21.59
CA LEU C 598 -17.74 17.71 -22.77
C LEU C 598 -18.52 18.06 -24.03
N THR C 599 -19.85 18.01 -23.99
CA THR C 599 -20.60 18.39 -25.18
C THR C 599 -20.70 19.89 -25.36
N ILE C 600 -20.41 20.69 -24.33
CA ILE C 600 -20.21 22.13 -24.55
C ILE C 600 -18.88 22.38 -25.25
N ILE C 601 -17.84 21.63 -24.89
CA ILE C 601 -16.54 21.73 -25.57
C ILE C 601 -16.67 21.30 -27.04
N ARG C 602 -17.38 20.21 -27.31
CA ARG C 602 -17.55 19.75 -28.68
C ARG C 602 -18.48 20.62 -29.51
N SER C 603 -19.13 21.61 -28.91
CA SER C 603 -20.10 22.43 -29.62
C SER C 603 -19.41 23.51 -30.45
N LYS C 604 -20.23 24.35 -31.07
CA LYS C 604 -19.74 25.46 -31.87
C LYS C 604 -19.70 26.78 -31.10
N ARG C 605 -20.46 26.89 -30.01
CA ARG C 605 -20.53 28.12 -29.24
C ARG C 605 -19.63 28.08 -28.01
N TRP C 606 -18.52 27.34 -28.09
CA TRP C 606 -17.58 27.26 -26.97
C TRP C 606 -16.88 28.59 -26.71
N ASP C 607 -16.54 29.31 -27.78
CA ASP C 607 -15.84 30.58 -27.62
C ASP C 607 -16.73 31.64 -27.00
N GLU C 608 -18.04 31.57 -27.24
CA GLU C 608 -18.96 32.49 -26.58
C GLU C 608 -19.15 32.12 -25.11
N CYS C 609 -19.14 30.83 -24.81
CA CYS C 609 -19.27 30.38 -23.42
C CYS C 609 -18.04 30.70 -22.59
N LEU C 610 -16.87 30.71 -23.24
CA LEU C 610 -15.62 30.90 -22.52
C LEU C 610 -15.42 32.33 -22.05
N LYS C 611 -16.06 33.31 -22.71
CA LYS C 611 -15.76 34.72 -22.45
C LYS C 611 -16.36 35.20 -21.13
N ILE C 612 -17.65 34.97 -20.97
CA ILE C 612 -18.43 35.44 -19.83
C ILE C 612 -18.22 34.90 -18.41
N PHE C 613 -17.64 35.73 -17.53
CA PHE C 613 -17.56 35.37 -16.13
C PHE C 613 -17.20 36.63 -15.37
N SER C 614 -17.53 36.65 -14.08
CA SER C 614 -17.26 37.81 -13.25
C SER C 614 -15.86 37.71 -12.66
N HIS C 615 -15.12 38.81 -12.73
CA HIS C 615 -13.78 38.88 -12.16
C HIS C 615 -13.78 39.18 -10.67
N ASN C 616 -14.95 39.30 -10.05
CA ASN C 616 -15.04 39.69 -8.66
C ASN C 616 -15.52 38.58 -7.73
N SER C 617 -16.18 37.57 -8.26
CA SER C 617 -16.68 36.49 -7.41
C SER C 617 -15.54 35.56 -7.04
N PRO C 618 -15.39 35.20 -5.76
CA PRO C 618 -14.30 34.31 -5.36
C PRO C 618 -14.55 32.86 -5.76
N GLY C 619 -15.82 32.47 -5.85
CA GLY C 619 -16.16 31.10 -6.17
C GLY C 619 -16.29 30.84 -7.66
N ASN C 620 -16.89 31.80 -8.38
CA ASN C 620 -17.14 31.64 -9.81
C ASN C 620 -16.02 32.34 -10.57
N LYS C 621 -14.88 31.64 -10.65
CA LYS C 621 -13.68 32.18 -11.29
C LYS C 621 -13.72 31.94 -12.80
N SER C 622 -12.56 32.10 -13.44
CA SER C 622 -12.43 31.80 -14.87
C SER C 622 -12.70 30.32 -15.11
N PRO C 623 -13.32 29.97 -16.24
CA PRO C 623 -13.70 28.56 -16.48
C PRO C 623 -12.53 27.61 -16.61
N ILE C 624 -11.35 28.10 -17.04
CA ILE C 624 -10.20 27.21 -17.19
C ILE C 624 -9.68 26.77 -15.84
N THR C 625 -9.61 27.68 -14.87
CA THR C 625 -9.20 27.31 -13.52
C THR C 625 -10.22 26.40 -12.85
N GLU C 626 -11.51 26.57 -13.18
CA GLU C 626 -12.54 25.70 -12.63
C GLU C 626 -12.44 24.30 -13.22
N MET C 627 -12.11 24.20 -14.51
CA MET C 627 -11.89 22.90 -15.13
C MET C 627 -10.63 22.23 -14.59
N ILE C 628 -9.61 23.01 -14.25
CA ILE C 628 -8.42 22.43 -13.62
C ILE C 628 -8.75 21.93 -12.22
N GLU C 629 -9.58 22.68 -11.49
CA GLU C 629 -9.88 22.31 -10.11
C GLU C 629 -10.81 21.10 -10.02
N TYR C 630 -11.82 21.04 -10.88
CA TYR C 630 -12.88 20.05 -10.72
C TYR C 630 -12.81 18.88 -11.69
N LEU C 631 -12.77 19.12 -13.00
CA LEU C 631 -12.83 18.07 -14.02
C LEU C 631 -11.58 18.14 -14.88
N PRO C 632 -10.47 17.55 -14.44
CA PRO C 632 -9.22 17.67 -15.20
C PRO C 632 -9.19 16.85 -16.47
N GLU C 633 -10.02 15.81 -16.59
CA GLU C 633 -10.05 15.02 -17.81
C GLU C 633 -10.62 15.82 -18.97
N CYS C 634 -11.63 16.66 -18.69
CA CYS C 634 -12.14 17.56 -19.71
C CYS C 634 -11.11 18.61 -20.08
N MET C 635 -10.26 19.02 -19.13
CA MET C 635 -9.17 19.93 -19.45
C MET C 635 -8.12 19.25 -20.32
N LYS C 636 -7.90 17.94 -20.13
CA LYS C 636 -7.02 17.20 -21.02
C LYS C 636 -7.60 17.10 -22.42
N VAL C 637 -8.91 16.87 -22.53
CA VAL C 637 -9.58 16.86 -23.83
C VAL C 637 -9.48 18.22 -24.50
N LEU C 638 -9.61 19.29 -23.71
CA LEU C 638 -9.49 20.64 -24.25
C LEU C 638 -8.06 20.94 -24.72
N LEU C 639 -7.06 20.46 -23.99
CA LEU C 639 -5.67 20.64 -24.41
C LEU C 639 -5.32 19.78 -25.61
N ASP C 640 -6.06 18.69 -25.84
CA ASP C 640 -5.83 17.87 -27.04
C ASP C 640 -6.19 18.60 -28.33
N PHE C 641 -7.02 19.64 -28.28
CA PHE C 641 -7.32 20.39 -29.48
C PHE C 641 -6.18 21.31 -29.90
N CYS C 642 -5.29 21.68 -28.98
CA CYS C 642 -4.18 22.56 -29.32
C CYS C 642 -2.93 21.77 -29.71
N MET C 643 -3.10 20.81 -30.62
CA MET C 643 -1.99 20.02 -31.18
C MET C 643 -2.33 19.77 -32.64
N LEU C 644 -1.82 20.61 -33.52
CA LEU C 644 -2.14 20.54 -34.94
C LEU C 644 -1.04 19.76 -35.66
N HIS C 645 -1.38 18.57 -36.15
CA HIS C 645 -0.44 17.75 -36.89
C HIS C 645 -0.48 18.13 -38.37
N SER C 646 0.68 18.06 -39.03
CA SER C 646 0.76 18.50 -40.42
C SER C 646 0.22 17.46 -41.38
N THR C 647 0.86 16.28 -41.43
CA THR C 647 0.49 15.26 -42.40
C THR C 647 0.51 13.85 -41.85
N GLU C 648 0.75 13.66 -40.55
CA GLU C 648 0.81 12.36 -39.87
C GLU C 648 1.85 11.43 -40.51
N ASP C 649 3.00 11.99 -40.87
CA ASP C 649 4.09 11.23 -41.47
C ASP C 649 5.37 11.64 -40.76
N LYS C 650 5.87 10.76 -39.89
CA LYS C 650 7.06 11.07 -39.11
C LYS C 650 8.33 11.04 -39.93
N SER C 651 8.34 10.33 -41.06
CA SER C 651 9.53 10.21 -41.89
C SER C 651 9.82 11.46 -42.71
N CYS C 652 8.84 12.36 -42.84
CA CYS C 652 9.04 13.57 -43.64
C CYS C 652 9.92 14.57 -42.90
N ARG C 653 10.90 15.12 -43.61
CA ARG C 653 11.73 16.17 -43.02
C ARG C 653 10.97 17.47 -42.86
N ASP C 654 10.01 17.73 -43.74
CA ASP C 654 9.17 18.92 -43.69
C ASP C 654 7.96 18.75 -42.77
N TYR C 655 7.88 17.64 -42.05
CA TYR C 655 6.77 17.43 -41.12
C TYR C 655 6.94 18.28 -39.88
N TYR C 656 5.84 18.81 -39.38
CA TYR C 656 5.85 19.64 -38.19
C TYR C 656 4.59 19.38 -37.38
N ILE C 657 4.59 19.92 -36.16
CA ILE C 657 3.40 19.98 -35.32
C ILE C 657 3.32 21.37 -34.73
N GLU C 658 2.11 21.82 -34.43
CA GLU C 658 1.87 23.17 -33.95
C GLU C 658 1.19 23.12 -32.59
N TYR C 659 1.71 23.91 -31.65
CA TYR C 659 1.17 24.04 -30.32
C TYR C 659 0.58 25.43 -30.15
N ASN C 660 -0.68 25.49 -29.74
CA ASN C 660 -1.37 26.74 -29.48
C ASN C 660 -1.52 26.92 -27.98
N PHE C 661 -1.34 28.15 -27.51
CA PHE C 661 -1.31 28.44 -26.08
C PHE C 661 -2.40 29.42 -25.68
N LYS C 662 -3.53 29.39 -26.38
CA LYS C 662 -4.58 30.36 -26.13
C LYS C 662 -5.38 30.08 -24.87
N TYR C 663 -5.30 28.87 -24.32
CA TYR C 663 -5.99 28.57 -23.08
C TYR C 663 -5.10 28.74 -21.86
N LEU C 664 -3.78 28.76 -22.05
CA LEU C 664 -2.86 28.87 -20.93
C LEU C 664 -2.59 30.31 -20.54
N GLN C 665 -3.07 31.27 -21.33
CA GLN C 665 -2.70 32.67 -21.16
C GLN C 665 -3.49 33.31 -20.01
N CYS C 666 -3.32 34.63 -19.90
CA CYS C 666 -4.01 35.45 -18.86
C CYS C 666 -5.50 35.53 -19.16
N PRO C 667 -6.39 35.37 -18.16
CA PRO C 667 -7.85 35.44 -18.38
C PRO C 667 -8.32 36.72 -19.05
N LEU C 668 -7.60 37.83 -18.88
CA LEU C 668 -7.94 39.05 -19.59
C LEU C 668 -7.69 38.90 -21.09
N GLU C 669 -6.62 38.21 -21.47
CA GLU C 669 -6.30 38.00 -22.86
C GLU C 669 -7.11 36.84 -23.43
N ASP C 678 -10.59 46.12 -12.13
CA ASP C 678 -9.43 46.79 -11.55
C ASP C 678 -8.57 45.80 -10.76
N VAL C 679 -8.86 44.50 -10.94
CA VAL C 679 -8.08 43.48 -10.25
C VAL C 679 -6.84 43.12 -11.06
N ILE C 680 -5.89 42.49 -10.38
CA ILE C 680 -4.64 42.05 -11.01
C ILE C 680 -4.50 40.55 -10.81
N TYR C 681 -3.78 39.92 -11.73
CA TYR C 681 -3.51 38.49 -11.67
C TYR C 681 -2.02 38.25 -11.70
N GLU C 682 -1.58 37.25 -10.95
CA GLU C 682 -0.20 36.79 -11.03
C GLU C 682 0.02 36.10 -12.38
N PRO C 683 1.25 36.09 -12.89
CA PRO C 683 1.50 35.38 -14.15
C PRO C 683 1.43 33.88 -13.96
N LEU C 684 1.22 33.19 -15.08
CA LEU C 684 1.08 31.73 -15.18
C LEU C 684 -0.07 31.23 -14.29
N THR C 685 -1.28 31.66 -14.66
CA THR C 685 -2.46 31.35 -13.86
C THR C 685 -2.83 29.88 -13.93
N ALA C 686 -2.94 29.35 -15.15
CA ALA C 686 -3.34 27.96 -15.35
C ALA C 686 -2.29 27.00 -14.81
N LEU C 687 -1.01 27.36 -14.91
CA LEU C 687 0.05 26.48 -14.44
C LEU C 687 0.10 26.44 -12.92
N ASN C 688 -0.09 27.60 -12.27
CA ASN C 688 -0.19 27.62 -10.82
C ASN C 688 -1.43 26.90 -10.33
N ALA C 689 -2.53 26.98 -11.08
CA ALA C 689 -3.72 26.23 -10.71
C ALA C 689 -3.52 24.73 -10.88
N MET C 690 -2.75 24.31 -11.89
CA MET C 690 -2.46 22.89 -12.05
C MET C 690 -1.49 22.38 -11.00
N VAL C 691 -0.58 23.24 -10.52
CA VAL C 691 0.35 22.82 -9.48
C VAL C 691 -0.34 22.74 -8.13
N GLN C 692 -1.16 23.74 -7.80
CA GLN C 692 -1.85 23.76 -6.51
C GLN C 692 -2.93 22.71 -6.37
N ASN C 693 -3.35 22.07 -7.47
CA ASN C 693 -4.34 21.01 -7.42
C ASN C 693 -3.74 19.64 -7.72
N ASN C 694 -2.41 19.55 -7.78
CA ASN C 694 -1.65 18.30 -7.92
C ASN C 694 -2.00 17.53 -9.19
N ARG C 695 -2.33 18.24 -10.26
CA ARG C 695 -2.77 17.62 -11.50
C ARG C 695 -1.56 17.30 -12.39
N ILE C 696 -0.75 16.35 -11.91
CA ILE C 696 0.53 16.04 -12.53
C ILE C 696 0.39 15.42 -13.92
N GLU C 697 -0.76 14.81 -14.22
CA GLU C 697 -0.97 14.29 -15.57
C GLU C 697 -1.23 15.40 -16.58
N LEU C 698 -1.59 16.59 -16.12
CA LEU C 698 -1.75 17.74 -16.98
C LEU C 698 -0.44 18.51 -17.14
N LEU C 699 0.44 18.47 -16.13
CA LEU C 699 1.75 19.09 -16.26
C LEU C 699 2.62 18.36 -17.26
N ASN C 700 2.43 17.05 -17.41
CA ASN C 700 3.19 16.25 -18.36
C ASN C 700 2.57 16.24 -19.75
N HIS C 701 1.53 17.03 -19.97
CA HIS C 701 0.96 17.14 -21.30
C HIS C 701 1.93 17.91 -22.20
N PRO C 702 2.09 17.51 -23.46
CA PRO C 702 3.12 18.13 -24.31
C PRO C 702 2.88 19.60 -24.62
N VAL C 703 1.64 20.08 -24.56
CA VAL C 703 1.40 21.51 -24.71
C VAL C 703 2.02 22.27 -23.54
N CYS C 704 1.86 21.74 -22.33
CA CYS C 704 2.46 22.37 -21.16
C CYS C 704 3.98 22.26 -21.17
N LYS C 705 4.51 21.13 -21.65
CA LYS C 705 5.96 20.98 -21.74
C LYS C 705 6.56 21.96 -22.73
N GLU C 706 5.93 22.13 -23.90
CA GLU C 706 6.42 23.13 -24.84
C GLU C 706 6.17 24.55 -24.36
N TYR C 707 5.16 24.76 -23.52
CA TYR C 707 4.96 26.08 -22.94
C TYR C 707 6.07 26.43 -21.95
N LEU C 708 6.47 25.48 -21.11
CA LEU C 708 7.62 25.71 -20.23
C LEU C 708 8.93 25.85 -21.03
N LEU C 709 9.07 25.09 -22.13
CA LEU C 709 10.28 25.20 -22.93
C LEU C 709 10.39 26.56 -23.62
N MET C 710 9.26 27.05 -24.16
CA MET C 710 9.23 28.39 -24.72
C MET C 710 9.49 29.45 -23.66
N LYS C 711 8.91 29.27 -22.47
CA LYS C 711 9.09 30.23 -21.39
C LYS C 711 10.53 30.23 -20.89
N TRP C 712 11.20 29.08 -20.96
CA TRP C 712 12.61 28.99 -20.59
C TRP C 712 13.47 29.71 -21.62
N LEU C 713 13.36 29.30 -22.89
CA LEU C 713 14.17 29.88 -23.97
C LEU C 713 13.84 31.34 -24.25
N ALA C 714 12.71 31.85 -23.75
CA ALA C 714 12.40 33.26 -23.90
C ALA C 714 13.35 34.13 -23.07
N TYR C 715 13.29 33.98 -21.75
CA TYR C 715 14.10 34.81 -20.86
C TYR C 715 14.74 34.07 -19.70
N GLY C 716 14.33 32.85 -19.39
CA GLY C 716 14.71 32.22 -18.13
C GLY C 716 16.14 31.75 -18.14
N PHE C 717 16.58 31.17 -19.25
CA PHE C 717 17.97 30.75 -19.40
C PHE C 717 18.92 31.95 -19.36
N ARG C 718 18.51 33.05 -19.99
CA ARG C 718 19.37 34.24 -20.00
C ARG C 718 19.50 34.85 -18.61
N ALA C 719 18.37 34.99 -17.90
CA ALA C 719 18.42 35.54 -16.55
C ALA C 719 19.13 34.61 -15.59
N HIS C 720 19.00 33.30 -15.79
CA HIS C 720 19.67 32.34 -14.92
C HIS C 720 21.17 32.33 -15.13
N MET C 721 21.62 32.38 -16.40
CA MET C 721 23.05 32.45 -16.67
C MET C 721 23.64 33.78 -16.22
N MET C 722 22.87 34.86 -16.27
CA MET C 722 23.35 36.14 -15.75
C MET C 722 23.51 36.10 -14.23
N ASN C 723 22.51 35.54 -13.53
CA ASN C 723 22.59 35.42 -12.08
C ASN C 723 23.71 34.47 -11.65
N LEU C 724 23.97 33.42 -12.43
CA LEU C 724 25.04 32.50 -12.09
C LEU C 724 26.40 33.11 -12.39
N GLY C 725 26.52 33.85 -13.48
CA GLY C 725 27.79 34.47 -13.82
C GLY C 725 28.17 35.59 -12.89
N SER C 726 27.18 36.30 -12.33
CA SER C 726 27.47 37.36 -11.37
C SER C 726 28.12 36.82 -10.09
N TYR C 727 27.80 35.59 -9.71
CA TYR C 727 28.45 34.94 -8.58
C TYR C 727 29.72 34.22 -8.97
N CYS C 728 29.75 33.65 -10.18
CA CYS C 728 30.93 32.91 -10.63
C CYS C 728 32.10 33.83 -10.93
N LEU C 729 31.81 35.10 -11.22
CA LEU C 729 32.86 36.11 -11.38
C LEU C 729 33.60 36.38 -10.08
N GLY C 730 32.97 36.12 -8.94
CA GLY C 730 33.66 36.19 -7.67
C GLY C 730 34.19 34.84 -7.24
N LEU C 731 33.57 33.77 -7.78
CA LEU C 731 33.97 32.42 -7.40
C LEU C 731 35.32 32.03 -7.98
N ILE C 732 35.47 32.15 -9.30
CA ILE C 732 36.67 31.67 -10.01
C ILE C 732 37.99 32.33 -9.61
N PRO C 733 38.14 33.67 -9.55
CA PRO C 733 39.48 34.23 -9.30
C PRO C 733 40.02 33.95 -7.91
N MET C 734 39.17 33.75 -6.91
CA MET C 734 39.68 33.34 -5.60
C MET C 734 40.25 31.93 -5.65
N THR C 735 39.63 31.04 -6.43
CA THR C 735 40.17 29.68 -6.57
C THR C 735 41.49 29.69 -7.34
N ILE C 736 41.59 30.54 -8.36
CA ILE C 736 42.86 30.68 -9.09
C ILE C 736 43.94 31.24 -8.17
N LEU C 737 43.58 32.24 -7.37
CA LEU C 737 44.50 32.89 -6.45
C LEU C 737 44.96 31.94 -5.35
N VAL C 738 44.11 30.99 -4.97
CA VAL C 738 44.49 29.97 -4.00
C VAL C 738 45.42 28.94 -4.63
N VAL C 739 45.04 28.39 -5.79
CA VAL C 739 45.83 27.30 -6.37
C VAL C 739 47.14 27.78 -6.98
N ASN C 740 47.36 29.10 -7.13
CA ASN C 740 48.67 29.53 -7.57
C ASN C 740 49.60 29.89 -6.42
N ILE C 741 49.14 30.71 -5.48
CA ILE C 741 49.99 31.15 -4.38
C ILE C 741 50.06 30.06 -3.33
N LYS C 742 51.27 29.76 -2.87
CA LYS C 742 51.43 28.82 -1.76
C LYS C 742 50.85 29.41 -0.49
N PRO C 743 50.09 28.63 0.28
CA PRO C 743 49.51 29.13 1.53
C PRO C 743 50.58 29.44 2.57
N GLY C 744 50.26 30.38 3.45
CA GLY C 744 51.16 30.87 4.45
C GLY C 744 51.92 32.13 4.06
N MET C 745 52.19 32.30 2.77
CA MET C 745 52.93 33.45 2.30
C MET C 745 52.02 34.66 2.17
N ALA C 746 52.58 35.84 2.40
CA ALA C 746 51.87 37.09 2.19
C ALA C 746 52.12 37.61 0.78
N PHE C 747 51.19 38.41 0.28
CA PHE C 747 51.30 38.90 -1.09
C PHE C 747 50.56 40.22 -1.24
N ASN C 748 51.24 41.18 -1.89
CA ASN C 748 50.64 42.44 -2.28
C ASN C 748 50.12 42.33 -3.71
N SER C 749 49.80 43.46 -4.33
CA SER C 749 49.56 43.50 -5.75
C SER C 749 50.84 43.39 -6.57
N THR C 750 51.98 43.67 -5.95
CA THR C 750 53.26 43.59 -6.65
C THR C 750 53.73 42.15 -6.82
N GLY C 751 53.35 41.26 -5.91
CA GLY C 751 53.76 39.88 -6.00
C GLY C 751 53.75 39.24 -4.63
N ILE C 752 54.38 38.08 -4.55
CA ILE C 752 54.40 37.26 -3.33
C ILE C 752 55.57 37.68 -2.47
N ILE C 753 55.28 38.14 -1.26
CA ILE C 753 56.33 38.53 -0.32
C ILE C 753 56.95 37.28 0.28
N ASN C 754 58.27 37.15 0.16
CA ASN C 754 58.98 36.02 0.74
C ASN C 754 60.09 36.52 1.65
N ILE C 762 62.65 40.07 -0.54
CA ILE C 762 62.58 38.95 -1.49
C ILE C 762 61.16 38.77 -2.00
N LEU C 763 60.96 39.07 -3.28
CA LEU C 763 59.66 38.92 -3.91
C LEU C 763 59.86 38.71 -5.40
N ASP C 764 58.84 38.14 -6.03
CA ASP C 764 58.86 37.86 -7.46
C ASP C 764 57.66 38.47 -8.15
N THR C 765 57.86 38.85 -9.42
CA THR C 765 56.83 39.45 -10.26
C THR C 765 56.60 38.59 -11.50
N THR C 766 56.52 37.27 -11.32
CA THR C 766 56.34 36.37 -12.45
C THR C 766 54.93 36.45 -13.01
N ASN C 767 53.94 36.17 -12.16
CA ASN C 767 52.53 36.23 -12.54
C ASN C 767 51.80 37.29 -11.72
N SER C 768 52.43 38.46 -11.56
CA SER C 768 51.87 39.51 -10.72
C SER C 768 50.64 40.15 -11.35
N TYR C 769 50.57 40.17 -12.68
CA TYR C 769 49.41 40.75 -13.36
C TYR C 769 48.17 39.91 -13.13
N LEU C 770 48.31 38.58 -13.17
CA LEU C 770 47.17 37.69 -12.92
C LEU C 770 46.69 37.79 -11.49
N ILE C 771 47.63 37.87 -10.53
CA ILE C 771 47.29 38.01 -9.12
C ILE C 771 46.58 39.33 -8.87
N LYS C 772 47.05 40.40 -9.52
CA LYS C 772 46.45 41.72 -9.37
C LYS C 772 45.04 41.75 -9.94
N THR C 773 44.84 41.18 -11.14
CA THR C 773 43.50 41.18 -11.73
C THR C 773 42.54 40.30 -10.95
N CYS C 774 43.03 39.18 -10.39
CA CYS C 774 42.15 38.33 -9.58
C CYS C 774 41.74 39.02 -8.29
N MET C 775 42.67 39.74 -7.64
CA MET C 775 42.30 40.46 -6.42
C MET C 775 41.34 41.61 -6.71
N ILE C 776 41.52 42.29 -7.84
CA ILE C 776 40.61 43.36 -8.22
C ILE C 776 39.22 42.80 -8.51
N LEU C 777 39.13 41.65 -9.19
CA LEU C 777 37.83 41.05 -9.48
C LEU C 777 37.12 40.60 -8.20
N VAL C 778 37.85 40.00 -7.26
CA VAL C 778 37.22 39.54 -6.02
C VAL C 778 36.79 40.75 -5.16
N PHE C 779 37.59 41.81 -5.15
CA PHE C 779 37.25 43.01 -4.39
C PHE C 779 36.01 43.70 -4.96
N LEU C 780 35.94 43.84 -6.29
CA LEU C 780 34.78 44.48 -6.91
C LEU C 780 33.53 43.63 -6.77
N SER C 781 33.67 42.30 -6.87
CA SER C 781 32.52 41.42 -6.67
C SER C 781 32.02 41.49 -5.23
N SER C 782 32.95 41.63 -4.28
CA SER C 782 32.55 41.73 -2.88
C SER C 782 31.82 43.04 -2.59
N ILE C 783 32.30 44.16 -3.13
CA ILE C 783 31.60 45.41 -2.84
C ILE C 783 30.28 45.50 -3.63
N PHE C 784 30.20 44.82 -4.79
CA PHE C 784 28.90 44.70 -5.45
C PHE C 784 27.93 43.87 -4.63
N GLY C 785 28.42 42.83 -3.98
CA GLY C 785 27.58 42.07 -3.07
C GLY C 785 27.14 42.88 -1.86
N TYR C 786 28.03 43.74 -1.36
CA TYR C 786 27.65 44.68 -0.29
C TYR C 786 26.57 45.63 -0.73
N CYS C 787 26.67 46.18 -1.94
CA CYS C 787 25.66 47.13 -2.41
C CYS C 787 24.32 46.43 -2.64
N LYS C 788 24.35 45.21 -3.19
CA LYS C 788 23.11 44.47 -3.40
C LYS C 788 22.45 44.08 -2.08
N GLU C 789 23.23 43.65 -1.09
CA GLU C 789 22.65 43.30 0.19
C GLU C 789 22.21 44.53 0.98
N ALA C 790 22.90 45.67 0.81
CA ALA C 790 22.46 46.90 1.45
C ALA C 790 21.16 47.41 0.83
N GLY C 791 20.95 47.14 -0.45
CA GLY C 791 19.64 47.39 -1.04
C GLY C 791 18.57 46.45 -0.51
N GLN C 792 18.93 45.17 -0.35
CA GLN C 792 17.97 44.19 0.13
C GLN C 792 17.63 44.34 1.61
N ILE C 793 18.47 45.00 2.40
CA ILE C 793 18.12 45.31 3.78
C ILE C 793 16.93 46.25 3.82
N PHE C 794 17.01 47.36 3.08
CA PHE C 794 15.89 48.30 3.02
C PHE C 794 14.72 47.77 2.21
N GLN C 795 14.95 46.82 1.31
CA GLN C 795 13.85 46.23 0.57
C GLN C 795 13.07 45.22 1.41
N GLN C 796 13.77 44.40 2.20
CA GLN C 796 13.10 43.36 2.97
C GLN C 796 12.44 43.91 4.23
N LYS C 797 13.01 44.97 4.82
CA LYS C 797 12.52 45.63 6.03
C LYS C 797 12.42 44.66 7.21
N ARG C 798 13.58 44.16 7.62
CA ARG C 798 13.77 43.26 8.78
C ARG C 798 12.99 41.96 8.61
N ASN C 799 12.95 41.45 7.39
CA ASN C 799 12.36 40.15 7.09
C ASN C 799 13.38 39.12 6.64
N TYR C 800 14.62 39.53 6.38
CA TYR C 800 15.69 38.66 5.90
C TYR C 800 16.44 37.98 7.04
N PHE C 801 15.96 38.09 8.27
CA PHE C 801 16.72 37.63 9.42
C PHE C 801 16.72 36.10 9.51
N MET C 802 15.56 35.47 9.28
CA MET C 802 15.45 34.01 9.35
C MET C 802 15.76 33.41 7.98
N ASP C 803 17.03 33.54 7.58
CA ASP C 803 17.49 33.03 6.31
C ASP C 803 18.97 32.74 6.44
N ILE C 804 19.39 31.53 6.05
CA ILE C 804 20.78 31.15 6.20
C ILE C 804 21.63 31.57 4.99
N SER C 805 21.00 31.79 3.83
CA SER C 805 21.75 32.18 2.64
C SER C 805 22.31 33.59 2.79
N ASN C 806 21.56 34.47 3.46
CA ASN C 806 22.05 35.81 3.73
C ASN C 806 23.23 35.79 4.69
N VAL C 807 23.19 34.91 5.70
CA VAL C 807 24.29 34.78 6.64
C VAL C 807 25.53 34.25 5.95
N LEU C 808 25.36 33.25 5.06
CA LEU C 808 26.48 32.73 4.28
C LEU C 808 27.07 33.80 3.38
N GLU C 809 26.22 34.65 2.80
CA GLU C 809 26.73 35.70 1.94
C GLU C 809 27.47 36.78 2.72
N TRP C 810 27.00 37.12 3.92
CA TRP C 810 27.74 38.05 4.77
C TRP C 810 29.13 37.50 5.11
N ILE C 811 29.18 36.21 5.47
CA ILE C 811 30.46 35.57 5.80
C ILE C 811 31.39 35.57 4.59
N ILE C 812 30.86 35.24 3.41
CA ILE C 812 31.66 35.19 2.18
C ILE C 812 32.22 36.56 1.83
N TYR C 813 31.38 37.59 1.83
CA TYR C 813 31.85 38.89 1.35
C TYR C 813 32.79 39.55 2.35
N THR C 814 32.50 39.47 3.67
CA THR C 814 33.43 40.02 4.66
C THR C 814 34.76 39.28 4.63
N THR C 815 34.73 37.96 4.54
CA THR C 815 35.95 37.18 4.65
C THR C 815 36.79 37.31 3.38
N GLY C 816 36.14 37.46 2.22
CA GLY C 816 36.86 37.72 1.00
C GLY C 816 37.46 39.11 0.95
N ILE C 817 36.77 40.11 1.52
CA ILE C 817 37.35 41.45 1.67
C ILE C 817 38.62 41.40 2.50
N ILE C 818 38.59 40.68 3.64
CA ILE C 818 39.79 40.63 4.48
C ILE C 818 40.90 39.83 3.80
N PHE C 819 40.53 38.84 2.97
CA PHE C 819 41.54 38.10 2.21
C PHE C 819 42.17 38.95 1.11
N VAL C 820 41.43 39.91 0.56
CA VAL C 820 41.94 40.71 -0.55
C VAL C 820 42.66 41.99 -0.12
N LEU C 821 42.30 42.58 1.04
CA LEU C 821 42.83 43.84 1.57
C LEU C 821 44.33 44.15 1.54
N PRO C 822 45.29 43.17 1.56
CA PRO C 822 46.70 43.55 1.41
C PRO C 822 47.13 44.23 0.10
N LEU C 823 46.22 44.53 -0.84
CA LEU C 823 46.60 45.45 -1.90
C LEU C 823 46.45 46.90 -1.45
N PHE C 824 45.58 47.18 -0.48
CA PHE C 824 45.47 48.50 0.12
C PHE C 824 46.27 48.61 1.41
N VAL C 825 45.94 47.80 2.42
CA VAL C 825 46.43 47.97 3.78
C VAL C 825 47.18 46.71 4.17
N GLU C 826 48.39 46.88 4.71
CA GLU C 826 49.23 45.75 5.08
C GLU C 826 48.63 44.97 6.26
N ILE C 827 48.45 43.67 6.06
CA ILE C 827 47.87 42.76 7.05
C ILE C 827 48.81 41.55 7.16
N PRO C 828 49.07 41.03 8.37
CA PRO C 828 49.89 39.83 8.50
C PRO C 828 49.27 38.63 7.82
N ALA C 829 50.14 37.71 7.37
CA ALA C 829 49.71 36.59 6.53
C ALA C 829 48.88 35.57 7.28
N HIS C 830 48.99 35.53 8.62
CA HIS C 830 48.24 34.58 9.42
C HIS C 830 46.74 34.85 9.33
N LEU C 831 46.33 36.10 9.57
CA LEU C 831 44.94 36.48 9.43
C LEU C 831 44.47 36.37 7.97
N GLN C 832 45.36 36.63 7.02
CA GLN C 832 45.00 36.59 5.61
C GLN C 832 44.66 35.18 5.16
N TRP C 833 45.50 34.20 5.50
CA TRP C 833 45.18 32.83 5.10
C TRP C 833 44.12 32.21 5.99
N GLN C 834 43.99 32.66 7.24
CA GLN C 834 42.86 32.27 8.09
C GLN C 834 41.54 32.69 7.46
N CYS C 835 41.51 33.85 6.83
CA CYS C 835 40.31 34.25 6.12
C CYS C 835 40.18 33.57 4.76
N GLY C 836 41.30 33.25 4.10
CA GLY C 836 41.23 32.59 2.81
C GLY C 836 40.61 31.20 2.89
N ALA C 837 40.93 30.48 3.97
CA ALA C 837 40.32 29.17 4.25
C ALA C 837 38.80 29.26 4.32
N ILE C 838 38.31 30.14 5.18
CA ILE C 838 36.87 30.28 5.42
C ILE C 838 36.16 30.79 4.17
N ALA C 839 36.82 31.69 3.42
CA ALA C 839 36.21 32.27 2.23
C ALA C 839 36.04 31.24 1.13
N VAL C 840 37.08 30.45 0.86
CA VAL C 840 37.00 29.44 -0.20
C VAL C 840 36.00 28.35 0.18
N TYR C 841 36.01 27.94 1.46
CA TYR C 841 35.07 26.92 1.93
C TYR C 841 33.62 27.39 1.77
N PHE C 842 33.31 28.61 2.19
CA PHE C 842 31.92 29.03 2.10
C PHE C 842 31.49 29.45 0.70
N TYR C 843 32.42 29.89 -0.17
CA TYR C 843 32.09 30.03 -1.58
C TYR C 843 31.61 28.72 -2.19
N TRP C 844 32.41 27.66 -2.06
CA TRP C 844 31.99 26.42 -2.70
C TRP C 844 30.87 25.71 -1.95
N MET C 845 30.64 26.03 -0.68
CA MET C 845 29.43 25.51 -0.04
C MET C 845 28.18 26.28 -0.46
N ASN C 846 28.31 27.58 -0.75
CA ASN C 846 27.17 28.37 -1.15
C ASN C 846 26.77 28.13 -2.60
N PHE C 847 27.69 27.64 -3.42
CA PHE C 847 27.36 27.38 -4.82
C PHE C 847 26.34 26.25 -4.98
N LEU C 848 26.23 25.36 -3.99
CA LEU C 848 25.19 24.35 -3.99
C LEU C 848 23.80 24.95 -3.92
N LEU C 849 23.65 26.10 -3.25
CA LEU C 849 22.34 26.75 -3.22
C LEU C 849 21.97 27.35 -4.56
N TYR C 850 22.97 27.82 -5.33
CA TYR C 850 22.71 28.21 -6.71
C TYR C 850 22.39 27.03 -7.60
N LEU C 851 22.84 25.84 -7.23
CA LEU C 851 22.46 24.65 -8.02
C LEU C 851 21.00 24.21 -7.84
N GLN C 852 20.19 24.88 -7.01
CA GLN C 852 18.83 24.39 -6.79
C GLN C 852 17.91 24.61 -7.97
N ARG C 853 18.21 25.58 -8.83
CA ARG C 853 17.26 25.97 -9.87
C ARG C 853 17.26 25.04 -11.07
N PHE C 854 18.22 24.13 -11.18
CA PHE C 854 18.21 23.17 -12.28
C PHE C 854 17.23 22.04 -11.99
N GLU C 855 16.85 21.32 -13.04
CA GLU C 855 15.97 20.17 -12.85
C GLU C 855 16.74 18.92 -12.47
N ASN C 856 17.91 18.71 -13.07
CA ASN C 856 18.68 17.50 -12.82
C ASN C 856 19.50 17.56 -11.55
N CYS C 857 19.40 18.64 -10.77
CA CYS C 857 20.25 18.83 -9.60
C CYS C 857 19.50 19.22 -8.34
N GLY C 858 18.27 19.73 -8.44
CA GLY C 858 17.61 20.29 -7.27
C GLY C 858 17.11 19.26 -6.28
N ILE C 859 16.75 18.07 -6.77
CA ILE C 859 16.12 17.09 -5.90
C ILE C 859 17.13 16.49 -4.93
N PHE C 860 18.42 16.42 -5.34
CA PHE C 860 19.46 15.97 -4.42
C PHE C 860 19.68 16.98 -3.31
N ILE C 861 19.54 18.27 -3.64
CA ILE C 861 19.70 19.31 -2.65
C ILE C 861 18.52 19.33 -1.69
N VAL C 862 17.32 19.04 -2.18
CA VAL C 862 16.14 18.94 -1.31
C VAL C 862 16.28 17.78 -0.34
N MET C 863 16.73 16.62 -0.83
CA MET C 863 16.96 15.47 0.05
C MET C 863 18.06 15.75 1.06
N LEU C 864 19.09 16.50 0.64
CA LEU C 864 20.17 16.92 1.53
C LEU C 864 19.65 17.81 2.64
N GLU C 865 18.75 18.74 2.30
CA GLU C 865 18.11 19.61 3.30
C GLU C 865 17.32 18.80 4.32
N VAL C 866 16.56 17.81 3.85
CA VAL C 866 15.71 17.03 4.74
C VAL C 866 16.54 16.21 5.72
N ILE C 867 17.56 15.51 5.22
CA ILE C 867 18.39 14.69 6.09
C ILE C 867 19.23 15.55 7.04
N LEU C 868 19.62 16.76 6.61
CA LEU C 868 20.44 17.60 7.46
C LEU C 868 19.61 18.22 8.58
N LYS C 869 18.35 18.58 8.29
CA LYS C 869 17.46 19.06 9.35
C LYS C 869 17.10 17.96 10.33
N THR C 870 16.99 16.71 9.86
CA THR C 870 16.73 15.61 10.78
C THR C 870 17.93 15.37 11.70
N LEU C 871 19.14 15.52 11.16
CA LEU C 871 20.33 15.41 12.00
C LEU C 871 20.41 16.55 13.02
N LEU C 872 19.91 17.71 12.61
CA LEU C 872 19.86 18.87 13.48
C LEU C 872 18.90 18.55 14.63
N ARG C 873 17.81 17.85 14.35
CA ARG C 873 16.87 17.48 15.40
C ARG C 873 17.42 16.40 16.32
N SER C 874 18.32 15.55 15.84
CA SER C 874 18.88 14.49 16.69
C SER C 874 20.13 14.90 17.46
N THR C 875 20.68 16.09 17.20
CA THR C 875 21.97 16.49 17.76
C THR C 875 22.01 16.54 19.29
N VAL C 876 20.89 16.67 19.99
CA VAL C 876 20.97 16.75 21.46
C VAL C 876 21.19 15.36 22.06
N VAL C 877 20.58 14.33 21.47
CA VAL C 877 20.86 12.95 21.84
C VAL C 877 22.30 12.60 21.50
N PHE C 878 22.79 13.10 20.35
CA PHE C 878 24.20 12.98 20.00
C PHE C 878 25.11 13.58 21.08
N ILE C 879 24.82 14.80 21.51
CA ILE C 879 25.65 15.52 22.47
C ILE C 879 25.69 14.78 23.81
N PHE C 880 24.54 14.34 24.30
CA PHE C 880 24.54 13.73 25.63
C PHE C 880 25.16 12.33 25.63
N LEU C 881 24.89 11.52 24.60
CA LEU C 881 25.49 10.19 24.51
C LEU C 881 27.00 10.28 24.33
N LEU C 882 27.45 11.16 23.44
CA LEU C 882 28.88 11.33 23.19
C LEU C 882 29.57 11.95 24.39
N LEU C 883 28.86 12.77 25.17
CA LEU C 883 29.47 13.37 26.35
C LEU C 883 29.64 12.33 27.46
N ALA C 884 28.68 11.40 27.57
CA ALA C 884 28.80 10.25 28.46
C ALA C 884 30.06 9.45 28.15
N PHE C 885 30.19 9.01 26.90
CA PHE C 885 31.35 8.18 26.55
C PHE C 885 32.64 8.98 26.59
N GLY C 886 32.61 10.28 26.29
CA GLY C 886 33.81 11.07 26.30
C GLY C 886 34.36 11.27 27.71
N LEU C 887 33.48 11.59 28.66
CA LEU C 887 33.94 11.73 30.05
C LEU C 887 34.36 10.39 30.64
N SER C 888 33.70 9.30 30.24
CA SER C 888 34.09 7.98 30.74
C SER C 888 35.49 7.59 30.24
N PHE C 889 35.75 7.74 28.94
CA PHE C 889 37.09 7.43 28.44
C PHE C 889 38.12 8.45 28.90
N TYR C 890 37.72 9.66 29.29
CA TYR C 890 38.66 10.57 29.94
C TYR C 890 39.06 10.05 31.31
N ILE C 891 38.13 9.44 32.04
CA ILE C 891 38.47 8.89 33.35
C ILE C 891 39.35 7.65 33.21
N LEU C 892 38.89 6.64 32.47
CA LEU C 892 39.56 5.34 32.54
C LEU C 892 40.88 5.33 31.78
N LEU C 893 41.00 6.11 30.72
CA LEU C 893 42.21 6.14 29.91
C LEU C 893 42.80 7.53 30.10
N ASN C 894 43.61 7.68 31.14
CA ASN C 894 44.19 9.00 31.39
C ASN C 894 45.61 9.13 30.90
N LEU C 895 46.39 8.06 30.97
CA LEU C 895 47.81 8.13 30.65
C LEU C 895 48.08 8.21 29.16
N GLN C 896 47.08 7.96 28.33
CA GLN C 896 47.28 7.98 26.89
C GLN C 896 47.12 9.40 26.35
N ASP C 897 47.93 9.71 25.33
CA ASP C 897 47.85 11.01 24.68
C ASP C 897 46.53 11.37 24.00
N PRO C 898 45.76 10.47 23.35
CA PRO C 898 44.48 10.90 22.78
C PRO C 898 43.42 11.29 23.78
N PHE C 899 43.58 10.95 25.06
CA PHE C 899 42.59 11.28 26.07
C PHE C 899 43.20 12.11 27.20
N SER C 900 44.13 13.00 26.87
CA SER C 900 44.81 13.77 27.90
C SER C 900 43.89 14.84 28.47
N SER C 901 43.22 15.58 27.61
CA SER C 901 42.25 16.60 27.98
C SER C 901 40.86 16.01 27.89
N PRO C 902 39.88 16.59 28.61
CA PRO C 902 38.49 16.14 28.40
C PRO C 902 37.93 16.52 27.05
N LEU C 903 38.31 17.68 26.52
CA LEU C 903 37.84 18.08 25.19
C LEU C 903 38.46 17.21 24.10
N LEU C 904 39.73 16.85 24.27
CA LEU C 904 40.36 15.91 23.34
C LEU C 904 39.73 14.53 23.42
N SER C 905 39.27 14.12 24.60
CA SER C 905 38.57 12.85 24.72
C SER C 905 37.20 12.90 24.05
N ILE C 906 36.53 14.05 24.12
CA ILE C 906 35.25 14.24 23.44
C ILE C 906 35.43 14.15 21.92
N ILE C 907 36.46 14.82 21.41
CA ILE C 907 36.72 14.79 19.96
C ILE C 907 37.19 13.40 19.53
N GLN C 908 37.92 12.68 20.40
CA GLN C 908 38.35 11.32 20.07
C GLN C 908 37.16 10.36 20.02
N THR C 909 36.21 10.48 20.94
CA THR C 909 35.02 9.63 20.86
C THR C 909 34.16 10.00 19.66
N PHE C 910 34.14 11.29 19.28
CA PHE C 910 33.45 11.67 18.05
C PHE C 910 34.12 11.07 16.82
N SER C 911 35.44 10.93 16.84
CA SER C 911 36.12 10.26 15.73
C SER C 911 35.90 8.76 15.77
N MET C 912 35.76 8.18 16.97
CA MET C 912 35.48 6.76 17.12
C MET C 912 34.05 6.38 16.80
N MET C 913 33.16 7.37 16.64
CA MET C 913 31.77 7.14 16.26
C MET C 913 31.61 6.25 15.04
N LEU C 914 32.42 6.48 14.01
CA LEU C 914 32.24 5.78 12.74
C LEU C 914 32.76 4.35 12.75
N GLY C 915 33.56 3.97 13.73
CA GLY C 915 34.12 2.63 13.78
C GLY C 915 35.63 2.58 13.80
N ASP C 916 36.33 3.72 13.78
CA ASP C 916 37.78 3.73 13.90
C ASP C 916 38.10 3.70 15.40
N ILE C 917 38.00 2.50 15.97
CA ILE C 917 38.06 2.35 17.42
C ILE C 917 39.51 2.44 17.92
N ASN C 918 40.47 2.00 17.11
CA ASN C 918 41.87 1.79 17.49
C ASN C 918 41.96 0.87 18.70
N TYR C 919 41.50 -0.37 18.50
CA TYR C 919 41.48 -1.36 19.57
C TYR C 919 42.88 -1.76 19.99
N ARG C 920 43.74 -2.06 19.01
CA ARG C 920 45.07 -2.57 19.36
C ARG C 920 45.97 -1.49 19.93
N GLU C 921 45.80 -0.25 19.50
CA GLU C 921 46.70 0.80 19.96
C GLU C 921 46.31 1.31 21.34
N SER C 922 45.01 1.38 21.63
CA SER C 922 44.55 2.02 22.86
C SER C 922 44.16 1.04 23.97
N PHE C 923 43.73 -0.16 23.62
CA PHE C 923 43.18 -1.09 24.60
C PHE C 923 44.02 -2.34 24.79
N LEU C 924 44.53 -2.91 23.70
CA LEU C 924 45.19 -4.21 23.78
C LEU C 924 46.64 -4.09 24.24
N GLU C 925 47.43 -3.35 23.50
CA GLU C 925 48.85 -3.16 23.81
C GLU C 925 49.14 -2.44 25.12
N PRO C 926 48.32 -1.49 25.60
CA PRO C 926 48.50 -1.08 27.01
C PRO C 926 48.13 -2.14 28.02
N TYR C 927 47.20 -3.05 27.67
CA TYR C 927 46.86 -4.13 28.61
C TYR C 927 47.97 -5.15 28.70
N LEU C 928 48.63 -5.44 27.59
CA LEU C 928 49.72 -6.41 27.61
C LEU C 928 51.00 -5.85 28.22
N ARG C 929 51.09 -4.54 28.42
CA ARG C 929 52.22 -3.91 29.07
C ARG C 929 51.92 -3.48 30.50
N ASN C 930 50.76 -3.90 31.03
CA ASN C 930 50.28 -3.52 32.37
C ASN C 930 50.18 -2.01 32.55
N GLU C 931 49.71 -1.32 31.51
CA GLU C 931 49.62 0.13 31.51
C GLU C 931 48.19 0.64 31.60
N LEU C 932 47.22 -0.24 31.82
CA LEU C 932 45.84 0.16 31.98
C LEU C 932 45.47 0.15 33.46
N ALA C 933 45.25 1.32 34.02
CA ALA C 933 44.48 1.41 35.25
C ALA C 933 43.05 1.01 34.95
N HIS C 934 42.49 0.12 35.77
CA HIS C 934 41.16 -0.46 35.68
C HIS C 934 40.95 -1.17 34.34
N PRO C 935 41.60 -2.31 34.09
CA PRO C 935 41.48 -2.93 32.76
C PRO C 935 40.14 -3.59 32.48
N VAL C 936 39.55 -4.23 33.49
CA VAL C 936 38.28 -4.95 33.30
C VAL C 936 37.16 -3.96 32.98
N LEU C 937 37.11 -2.86 33.71
CA LEU C 937 36.14 -1.81 33.45
C LEU C 937 36.43 -1.13 32.12
N SER C 938 37.68 -1.11 31.68
CA SER C 938 38.03 -0.53 30.39
C SER C 938 37.51 -1.37 29.23
N PHE C 939 37.67 -2.70 29.31
CA PHE C 939 37.11 -3.55 28.26
C PHE C 939 35.58 -3.57 28.30
N ALA C 940 34.99 -3.43 29.49
CA ALA C 940 33.54 -3.31 29.56
C ALA C 940 33.06 -2.01 28.92
N GLN C 941 33.81 -0.92 29.11
CA GLN C 941 33.50 0.33 28.45
C GLN C 941 33.69 0.23 26.95
N LEU C 942 34.67 -0.55 26.50
CA LEU C 942 34.90 -0.76 25.08
C LEU C 942 33.74 -1.50 24.43
N VAL C 943 33.29 -2.60 25.05
CA VAL C 943 32.20 -3.37 24.45
C VAL C 943 30.88 -2.59 24.52
N SER C 944 30.68 -1.79 25.57
CA SER C 944 29.47 -0.97 25.66
C SER C 944 29.47 0.14 24.63
N PHE C 945 30.63 0.77 24.40
CA PHE C 945 30.73 1.81 23.37
C PHE C 945 30.52 1.23 21.99
N THR C 946 31.09 0.06 21.71
CA THR C 946 30.97 -0.53 20.38
C THR C 946 29.54 -0.99 20.11
N ILE C 947 28.82 -1.41 21.15
CA ILE C 947 27.41 -1.74 20.98
C ILE C 947 26.57 -0.49 20.73
N PHE C 948 26.76 0.54 21.55
CA PHE C 948 25.86 1.70 21.48
C PHE C 948 26.11 2.58 20.26
N VAL C 949 27.31 3.16 20.15
CA VAL C 949 27.46 4.27 19.21
C VAL C 949 27.61 3.83 17.74
N PRO C 950 28.55 2.96 17.33
CA PRO C 950 28.68 2.72 15.88
C PRO C 950 27.67 1.75 15.32
N ILE C 951 26.98 0.98 16.15
CA ILE C 951 26.03 0.00 15.64
C ILE C 951 24.61 0.53 15.76
N VAL C 952 24.20 0.92 16.96
CA VAL C 952 22.81 1.29 17.18
C VAL C 952 22.51 2.68 16.61
N LEU C 953 23.34 3.67 16.96
CA LEU C 953 23.07 5.05 16.59
C LEU C 953 23.25 5.28 15.09
N MET C 954 24.25 4.65 14.49
CA MET C 954 24.49 4.82 13.06
C MET C 954 23.38 4.16 12.24
N ASN C 955 22.89 3.00 12.69
CA ASN C 955 21.78 2.38 11.96
C ASN C 955 20.48 3.13 12.19
N LEU C 956 20.36 3.83 13.32
CA LEU C 956 19.24 4.75 13.50
C LEU C 956 19.29 5.88 12.47
N LEU C 957 20.50 6.41 12.23
CA LEU C 957 20.65 7.44 11.21
C LEU C 957 20.35 6.91 9.81
N ILE C 958 20.74 5.66 9.53
CA ILE C 958 20.47 5.04 8.23
C ILE C 958 18.97 4.86 8.02
N GLY C 959 18.25 4.41 9.05
CA GLY C 959 16.81 4.22 8.91
C GLY C 959 16.06 5.52 8.75
N LEU C 960 16.49 6.57 9.47
CA LEU C 960 15.91 7.90 9.28
C LEU C 960 16.16 8.43 7.88
N ALA C 961 17.36 8.18 7.34
CA ALA C 961 17.70 8.61 5.99
C ALA C 961 16.85 7.90 4.94
N VAL C 962 16.67 6.58 5.08
CA VAL C 962 15.87 5.82 4.12
C VAL C 962 14.42 6.29 4.15
N GLY C 963 13.87 6.53 5.34
CA GLY C 963 12.50 7.02 5.44
C GLY C 963 12.32 8.40 4.84
N ASP C 964 13.26 9.31 5.10
CA ASP C 964 13.15 10.67 4.57
C ASP C 964 13.30 10.71 3.05
N ILE C 965 14.20 9.90 2.50
CA ILE C 965 14.40 9.88 1.05
C ILE C 965 13.21 9.23 0.36
N ALA C 966 12.61 8.21 0.97
CA ALA C 966 11.38 7.65 0.41
C ALA C 966 10.24 8.66 0.44
N GLU C 967 10.19 9.46 1.50
CA GLU C 967 9.16 10.47 1.62
C GLU C 967 9.33 11.56 0.57
N VAL C 968 10.57 11.94 0.28
CA VAL C 968 10.82 12.97 -0.73
C VAL C 968 10.56 12.43 -2.14
N GLN C 969 11.09 11.25 -2.45
CA GLN C 969 10.89 10.67 -3.78
C GLN C 969 9.49 10.16 -4.03
N LYS C 970 8.62 10.15 -3.03
CA LYS C 970 7.21 9.91 -3.28
C LYS C 970 6.59 11.01 -4.14
N HIS C 971 7.08 12.25 -4.01
CA HIS C 971 6.50 13.40 -4.68
C HIS C 971 7.59 14.21 -5.40
N ALA C 972 8.43 13.54 -6.18
CA ALA C 972 9.55 14.22 -6.83
C ALA C 972 9.17 14.85 -8.16
N SER C 973 8.38 14.13 -8.97
CA SER C 973 8.06 14.58 -10.32
C SER C 973 7.17 15.80 -10.31
N LEU C 974 6.34 15.96 -9.28
CA LEU C 974 5.60 17.20 -9.12
C LEU C 974 6.50 18.31 -8.59
N LYS C 975 7.47 17.95 -7.74
CA LYS C 975 8.32 18.94 -7.09
C LYS C 975 9.23 19.64 -8.08
N ARG C 976 9.74 18.90 -9.07
CA ARG C 976 10.61 19.49 -10.09
C ARG C 976 9.89 20.56 -10.90
N ILE C 977 8.70 20.23 -11.42
CA ILE C 977 7.98 21.16 -12.26
C ILE C 977 7.39 22.27 -11.41
N ALA C 978 7.12 22.01 -10.13
CA ALA C 978 6.67 23.07 -9.24
C ALA C 978 7.76 24.09 -8.98
N MET C 979 9.01 23.63 -8.79
CA MET C 979 10.12 24.56 -8.62
C MET C 979 10.38 25.35 -9.89
N GLN C 980 10.22 24.71 -11.07
CA GLN C 980 10.40 25.43 -12.33
C GLN C 980 9.32 26.49 -12.54
N VAL C 981 8.07 26.16 -12.28
CA VAL C 981 7.01 27.14 -12.50
C VAL C 981 7.05 28.23 -11.44
N GLU C 982 7.56 27.92 -10.23
CA GLU C 982 7.73 28.95 -9.23
C GLU C 982 8.85 29.90 -9.61
N LEU C 983 9.93 29.36 -10.20
CA LEU C 983 11.02 30.20 -10.70
C LEU C 983 10.55 31.13 -11.81
N HIS C 984 9.75 30.61 -12.75
CA HIS C 984 9.26 31.44 -13.83
C HIS C 984 8.26 32.48 -13.36
N THR C 985 7.34 32.10 -12.46
CA THR C 985 6.35 33.07 -12.01
C THR C 985 6.93 34.06 -10.99
N SER C 986 8.09 33.76 -10.41
CA SER C 986 8.75 34.74 -9.57
C SER C 986 9.64 35.68 -10.38
N LEU C 987 10.23 35.18 -11.45
CA LEU C 987 11.09 36.03 -12.26
C LEU C 987 10.27 36.92 -13.20
N GLU C 988 9.07 36.47 -13.58
CA GLU C 988 8.26 37.22 -14.53
C GLU C 988 7.59 38.44 -13.89
N LYS C 989 7.47 38.46 -12.55
CA LYS C 989 6.85 39.60 -11.89
C LYS C 989 7.73 40.84 -11.93
N LYS C 990 9.05 40.67 -12.03
CA LYS C 990 9.97 41.79 -11.98
C LYS C 990 10.36 42.32 -13.34
N LEU C 991 9.99 41.64 -14.42
CA LEU C 991 10.35 42.09 -15.75
C LEU C 991 9.50 43.29 -16.17
N PRO C 992 10.03 44.16 -17.03
CA PRO C 992 9.20 45.23 -17.58
C PRO C 992 8.16 44.66 -18.55
N LEU C 993 7.01 45.34 -18.60
CA LEU C 993 5.85 44.79 -19.28
C LEU C 993 5.97 44.87 -20.79
N TRP C 994 6.70 45.87 -21.32
CA TRP C 994 6.92 45.93 -22.76
C TRP C 994 7.83 44.81 -23.22
N PHE C 995 8.81 44.42 -22.39
CA PHE C 995 9.64 43.26 -22.67
C PHE C 995 8.81 41.98 -22.66
N LEU C 996 7.87 41.89 -21.72
CA LEU C 996 7.00 40.73 -21.63
C LEU C 996 6.05 40.66 -22.81
N ARG C 997 5.66 41.81 -23.37
CA ARG C 997 4.89 41.79 -24.61
C ARG C 997 5.76 41.40 -25.79
N LYS C 998 7.00 41.87 -25.82
CA LYS C 998 7.85 41.70 -27.00
C LYS C 998 8.33 40.27 -27.15
N VAL C 999 8.65 39.60 -26.03
CA VAL C 999 9.26 38.28 -26.12
C VAL C 999 8.22 37.17 -26.17
N ASP C 1000 7.00 37.43 -25.72
CA ASP C 1000 5.94 36.43 -25.67
C ASP C 1000 5.51 36.01 -27.08
N GLN C 1001 5.05 34.76 -27.18
CA GLN C 1001 4.64 34.14 -28.43
C GLN C 1001 3.47 33.23 -28.13
N LYS C 1002 2.44 33.29 -28.97
CA LYS C 1002 1.19 32.61 -28.69
C LYS C 1002 1.12 31.19 -29.24
N SER C 1003 1.99 30.83 -30.19
CA SER C 1003 1.96 29.51 -30.77
C SER C 1003 3.35 29.15 -31.27
N THR C 1004 3.69 27.87 -31.17
CA THR C 1004 4.99 27.38 -31.59
C THR C 1004 4.83 26.29 -32.63
N ILE C 1005 5.88 26.11 -33.43
CA ILE C 1005 5.94 25.10 -34.48
C ILE C 1005 7.20 24.28 -34.28
N VAL C 1006 7.04 22.96 -34.15
CA VAL C 1006 8.15 22.05 -33.87
C VAL C 1006 8.32 21.12 -35.05
N TYR C 1007 9.54 21.04 -35.57
CA TYR C 1007 9.89 20.08 -36.60
C TYR C 1007 10.57 18.88 -35.94
N PRO C 1008 9.93 17.72 -35.88
CA PRO C 1008 10.56 16.58 -35.17
C PRO C 1008 11.72 15.97 -35.94
N ASN C 1009 11.69 16.00 -37.27
CA ASN C 1009 12.75 15.37 -38.06
C ASN C 1009 14.01 16.22 -38.12
N LYS C 1010 13.86 17.54 -38.12
CA LYS C 1010 15.00 18.44 -38.24
C LYS C 1010 15.52 18.80 -36.86
N PRO C 1011 16.77 18.48 -36.52
CA PRO C 1011 17.31 18.88 -35.22
C PRO C 1011 17.59 20.38 -35.17
N ARG C 1012 17.52 20.93 -33.97
CA ARG C 1012 17.80 22.34 -33.76
C ARG C 1012 19.30 22.59 -33.79
N SER C 1013 19.70 23.68 -34.46
CA SER C 1013 21.11 24.02 -34.60
C SER C 1013 21.66 24.63 -33.30
N MET C 1016 24.89 24.40 -33.12
CA MET C 1016 25.58 25.53 -32.52
C MET C 1016 25.15 25.72 -31.07
N LEU C 1017 24.29 26.73 -30.84
CA LEU C 1017 23.84 27.04 -29.48
C LEU C 1017 22.91 25.95 -28.95
N PHE C 1018 21.94 25.53 -29.76
CA PHE C 1018 21.04 24.47 -29.34
C PHE C 1018 21.73 23.12 -29.27
N HIS C 1019 22.75 22.90 -30.11
CA HIS C 1019 23.54 21.68 -30.02
C HIS C 1019 24.39 21.67 -28.75
N ILE C 1020 24.93 22.82 -28.36
CA ILE C 1020 25.68 22.92 -27.11
C ILE C 1020 24.75 22.76 -25.92
N PHE C 1021 23.51 23.26 -26.01
CA PHE C 1021 22.54 23.08 -24.94
C PHE C 1021 22.12 21.62 -24.81
N CYS C 1022 21.98 20.92 -25.94
CA CYS C 1022 21.65 19.50 -25.91
C CYS C 1022 22.82 18.67 -25.40
N PHE C 1023 24.06 19.11 -25.67
CA PHE C 1023 25.22 18.40 -25.15
C PHE C 1023 25.37 18.62 -23.64
N LEU C 1024 25.10 19.85 -23.18
CA LEU C 1024 25.20 20.14 -21.75
C LEU C 1024 24.04 19.52 -20.97
N PHE C 1025 22.89 19.33 -21.62
CA PHE C 1025 21.76 18.70 -20.96
C PHE C 1025 21.98 17.21 -20.74
N CYS C 1026 22.80 16.59 -21.58
CA CYS C 1026 23.10 15.16 -21.44
C CYS C 1026 24.38 14.96 -20.64
N SER C 1040 -5.37 5.37 -8.08
CA SER C 1040 -6.53 6.00 -8.69
C SER C 1040 -7.81 5.25 -8.34
N LEU C 1041 -7.87 4.75 -7.11
CA LEU C 1041 -9.05 4.03 -6.64
C LEU C 1041 -10.03 4.91 -5.89
N GLU C 1042 -9.62 6.11 -5.47
CA GLU C 1042 -10.52 6.97 -4.71
C GLU C 1042 -11.61 7.57 -5.60
N MET C 1043 -11.23 8.05 -6.79
CA MET C 1043 -12.20 8.64 -7.70
C MET C 1043 -13.15 7.59 -8.28
N GLU C 1044 -12.69 6.34 -8.37
CA GLU C 1044 -13.54 5.26 -8.86
C GLU C 1044 -14.66 4.97 -7.87
N ILE C 1045 -14.33 4.86 -6.59
CA ILE C 1045 -15.35 4.63 -5.56
C ILE C 1045 -16.20 5.89 -5.35
N LEU C 1046 -15.64 7.07 -5.67
CA LEU C 1046 -16.44 8.30 -5.61
C LEU C 1046 -17.50 8.32 -6.72
N LYS C 1047 -17.13 7.90 -7.93
CA LYS C 1047 -18.10 7.79 -9.02
C LYS C 1047 -19.13 6.70 -8.73
N GLN C 1048 -18.67 5.61 -8.09
CA GLN C 1048 -19.53 4.54 -7.59
C GLN C 1048 -20.60 5.09 -6.63
N LYS C 1049 -20.17 5.96 -5.71
CA LYS C 1049 -21.09 6.53 -4.73
C LYS C 1049 -22.08 7.49 -5.39
N TYR C 1050 -21.61 8.28 -6.37
CA TYR C 1050 -22.52 9.17 -7.10
C TYR C 1050 -23.60 8.39 -7.85
N ARG C 1051 -23.20 7.30 -8.53
CA ARG C 1051 -24.17 6.50 -9.27
C ARG C 1051 -25.14 5.80 -8.33
N LEU C 1052 -24.68 5.37 -7.16
CA LEU C 1052 -25.60 4.73 -6.22
C LEU C 1052 -26.57 5.74 -5.61
N LYS C 1053 -26.14 7.00 -5.41
CA LYS C 1053 -27.06 8.01 -4.90
C LYS C 1053 -28.12 8.38 -5.92
N ASP C 1054 -27.74 8.46 -7.20
CA ASP C 1054 -28.73 8.66 -8.26
C ASP C 1054 -29.70 7.49 -8.34
N LEU C 1055 -29.19 6.28 -8.12
CA LEU C 1055 -30.01 5.06 -8.14
C LEU C 1055 -31.06 5.09 -7.04
N THR C 1056 -30.66 5.45 -5.82
CA THR C 1056 -31.62 5.43 -4.72
C THR C 1056 -32.63 6.59 -4.82
N PHE C 1057 -32.24 7.71 -5.42
CA PHE C 1057 -33.22 8.78 -5.67
C PHE C 1057 -34.29 8.34 -6.67
N LEU C 1058 -33.87 7.70 -7.75
CA LEU C 1058 -34.84 7.22 -8.75
C LEU C 1058 -35.73 6.14 -8.17
N LEU C 1059 -35.18 5.27 -7.30
CA LEU C 1059 -35.99 4.22 -6.72
C LEU C 1059 -36.99 4.78 -5.70
N GLU C 1060 -36.64 5.87 -5.02
CA GLU C 1060 -37.59 6.54 -4.14
C GLU C 1060 -38.77 7.11 -4.92
N LYS C 1061 -38.49 7.77 -6.05
CA LYS C 1061 -39.57 8.28 -6.90
C LYS C 1061 -40.47 7.16 -7.42
N GLN C 1062 -39.86 6.04 -7.80
CA GLN C 1062 -40.60 4.88 -8.29
C GLN C 1062 -41.49 4.26 -7.21
N HIS C 1063 -40.99 4.18 -5.98
CA HIS C 1063 -41.77 3.67 -4.87
C HIS C 1063 -42.98 4.56 -4.58
N GLU C 1064 -42.80 5.88 -4.68
CA GLU C 1064 -43.93 6.80 -4.49
C GLU C 1064 -44.97 6.61 -5.59
N LEU C 1065 -44.53 6.37 -6.82
CA LEU C 1065 -45.49 6.12 -7.92
C LEU C 1065 -46.28 4.82 -7.70
N ILE C 1066 -45.63 3.79 -7.15
CA ILE C 1066 -46.34 2.53 -6.93
C ILE C 1066 -47.35 2.68 -5.79
N LYS C 1067 -47.01 3.45 -4.76
CA LYS C 1067 -48.00 3.76 -3.73
C LYS C 1067 -49.18 4.55 -4.29
N LEU C 1068 -48.92 5.43 -5.28
CA LEU C 1068 -50.02 6.12 -5.95
C LEU C 1068 -50.89 5.15 -6.75
N ILE C 1069 -50.27 4.12 -7.36
CA ILE C 1069 -51.02 3.10 -8.08
C ILE C 1069 -51.98 2.37 -7.15
N ILE C 1070 -51.48 1.97 -5.98
CA ILE C 1070 -52.33 1.26 -5.03
C ILE C 1070 -53.42 2.17 -4.48
N GLN C 1071 -53.12 3.46 -4.33
CA GLN C 1071 -54.11 4.42 -3.86
C GLN C 1071 -55.22 4.63 -4.87
N LYS C 1072 -54.92 4.59 -6.17
CA LYS C 1072 -55.91 4.89 -7.18
C LYS C 1072 -56.48 3.66 -7.89
N MET C 1073 -56.07 2.46 -7.52
CA MET C 1073 -56.47 1.24 -8.22
C MET C 1073 -57.94 0.93 -7.94
N GLU C 1074 -58.60 0.28 -8.90
CA GLU C 1074 -59.97 -0.16 -8.76
C GLU C 1074 -60.00 -1.64 -8.40
N ILE C 1075 -60.70 -1.97 -7.32
CA ILE C 1075 -60.79 -3.35 -6.84
C ILE C 1075 -62.25 -3.77 -6.85
N ILE C 1076 -62.59 -4.68 -7.74
CA ILE C 1076 -63.87 -5.39 -7.73
C ILE C 1076 -63.55 -6.87 -7.76
N SER C 1077 -64.33 -7.68 -7.04
CA SER C 1077 -64.23 -9.14 -6.97
C SER C 1077 -62.92 -9.61 -6.34
N GLU C 1078 -62.26 -8.75 -5.57
CA GLU C 1078 -61.12 -9.13 -4.75
C GLU C 1078 -61.22 -8.52 -3.35
N THR C 1079 -62.36 -7.94 -3.01
CA THR C 1079 -62.53 -7.29 -1.71
C THR C 1079 -62.74 -8.33 -0.62
N GLU C 1080 -62.58 -7.86 0.63
CA GLU C 1080 -62.78 -8.65 1.86
C GLU C 1080 -61.93 -9.91 1.92
N LYS D 447 -67.02 -5.78 8.04
CA LYS D 447 -66.62 -4.56 7.33
C LYS D 447 -65.38 -3.93 7.95
N LYS D 448 -64.81 -4.63 8.93
CA LYS D 448 -63.61 -4.12 9.61
C LYS D 448 -62.39 -4.22 8.70
N SER D 449 -62.13 -5.43 8.18
CA SER D 449 -60.98 -5.64 7.30
C SER D 449 -60.96 -4.82 6.01
N PRO D 450 -62.09 -4.51 5.32
CA PRO D 450 -62.00 -3.50 4.25
C PRO D 450 -61.57 -2.12 4.73
N LEU D 451 -61.97 -1.72 5.93
CA LEU D 451 -61.52 -0.44 6.45
C LEU D 451 -60.04 -0.47 6.80
N HIS D 452 -59.57 -1.60 7.35
CA HIS D 452 -58.14 -1.76 7.61
C HIS D 452 -57.32 -1.72 6.34
N PHE D 453 -57.81 -2.35 5.27
CA PHE D 453 -57.11 -2.32 3.99
C PHE D 453 -57.09 -0.92 3.38
N ALA D 454 -58.26 -0.26 3.36
CA ALA D 454 -58.35 1.06 2.75
C ALA D 454 -57.62 2.13 3.55
N ALA D 455 -57.45 1.91 4.86
CA ALA D 455 -56.64 2.84 5.64
C ALA D 455 -55.16 2.51 5.54
N SER D 456 -54.81 1.23 5.37
CA SER D 456 -53.41 0.87 5.26
C SER D 456 -52.83 1.26 3.90
N TYR D 457 -53.66 1.37 2.87
CA TYR D 457 -53.14 1.70 1.54
C TYR D 457 -53.68 3.02 1.01
N GLY D 458 -54.20 3.89 1.89
CA GLY D 458 -54.45 5.26 1.51
C GLY D 458 -55.65 5.49 0.62
N ARG D 459 -56.57 4.55 0.53
CA ARG D 459 -57.77 4.71 -0.28
C ARG D 459 -58.73 5.66 0.43
N ILE D 460 -58.69 6.93 0.04
CA ILE D 460 -59.46 7.94 0.77
C ILE D 460 -60.95 7.86 0.47
N ASN D 461 -61.33 7.51 -0.77
CA ASN D 461 -62.75 7.47 -1.12
C ASN D 461 -63.43 6.25 -0.53
N THR D 462 -62.71 5.13 -0.43
CA THR D 462 -63.26 3.96 0.23
C THR D 462 -63.43 4.21 1.72
N CYS D 463 -62.50 4.95 2.32
CA CYS D 463 -62.65 5.31 3.73
C CYS D 463 -63.79 6.31 3.95
N GLN D 464 -64.06 7.18 2.97
CA GLN D 464 -65.21 8.06 3.09
C GLN D 464 -66.52 7.28 2.96
N ARG D 465 -66.54 6.27 2.08
CA ARG D 465 -67.78 5.51 1.90
C ARG D 465 -68.03 4.55 3.06
N LEU D 466 -66.96 4.03 3.68
CA LEU D 466 -67.14 3.18 4.85
C LEU D 466 -67.55 4.00 6.07
N LEU D 467 -67.05 5.23 6.19
CA LEU D 467 -67.39 6.10 7.31
C LEU D 467 -68.56 7.02 7.00
N GLN D 468 -69.44 6.64 6.07
CA GLN D 468 -70.64 7.42 5.83
C GLN D 468 -71.64 7.25 6.96
N ASP D 469 -71.74 6.04 7.51
CA ASP D 469 -72.57 5.77 8.67
C ASP D 469 -71.77 6.04 9.94
N ILE D 470 -72.26 6.95 10.77
CA ILE D 470 -71.56 7.36 11.98
C ILE D 470 -72.26 6.78 13.19
N SER D 471 -72.94 5.64 13.01
CA SER D 471 -73.70 5.04 14.10
C SER D 471 -72.77 4.39 15.14
N ASP D 472 -71.99 3.40 14.71
CA ASP D 472 -71.12 2.65 15.61
C ASP D 472 -69.69 3.16 15.46
N THR D 473 -69.19 3.78 16.52
CA THR D 473 -67.81 4.24 16.56
C THR D 473 -66.85 3.17 17.06
N ARG D 474 -67.37 2.02 17.49
CA ARG D 474 -66.50 0.92 17.90
C ARG D 474 -65.80 0.30 16.70
N LEU D 475 -66.41 0.41 15.51
CA LEU D 475 -65.75 -0.05 14.29
C LEU D 475 -64.62 0.90 13.89
N LEU D 476 -64.73 2.17 14.28
CA LEU D 476 -63.70 3.14 13.94
C LEU D 476 -62.44 2.89 14.77
N ASN D 477 -62.61 2.67 16.07
CA ASN D 477 -61.50 2.41 16.96
C ASN D 477 -61.32 0.92 17.25
N GLU D 478 -61.61 0.07 16.28
CA GLU D 478 -61.52 -1.36 16.47
C GLU D 478 -60.06 -1.81 16.51
N GLY D 479 -59.85 -3.01 17.02
CA GLY D 479 -58.53 -3.58 17.17
C GLY D 479 -58.05 -4.28 15.93
N ASP D 480 -57.14 -5.24 16.13
CA ASP D 480 -56.51 -5.97 15.03
C ASP D 480 -55.90 -7.22 15.64
N LEU D 481 -55.37 -8.09 14.78
CA LEU D 481 -54.54 -9.20 15.24
C LEU D 481 -53.30 -8.68 15.97
N HIS D 482 -52.68 -7.62 15.45
CA HIS D 482 -51.59 -6.94 16.12
C HIS D 482 -52.06 -5.71 16.89
N GLY D 483 -53.37 -5.53 17.04
CA GLY D 483 -53.88 -4.47 17.89
C GLY D 483 -53.75 -3.08 17.34
N MET D 484 -53.56 -2.92 16.03
CA MET D 484 -53.44 -1.61 15.42
C MET D 484 -54.79 -1.15 14.90
N THR D 485 -55.27 -0.03 15.42
CA THR D 485 -56.47 0.59 14.89
C THR D 485 -56.10 1.24 13.55
N PRO D 486 -57.08 1.52 12.66
CA PRO D 486 -56.76 2.14 11.36
C PRO D 486 -56.08 3.51 11.42
N LEU D 487 -56.06 4.19 12.58
CA LEU D 487 -55.19 5.34 12.76
C LEU D 487 -53.72 4.93 12.65
N HIS D 488 -53.36 3.81 13.28
CA HIS D 488 -51.98 3.30 13.17
C HIS D 488 -51.67 2.84 11.76
N LEU D 489 -52.65 2.29 11.06
CA LEU D 489 -52.42 1.83 9.69
C LEU D 489 -52.23 3.01 8.76
N ALA D 490 -53.02 4.06 8.93
CA ALA D 490 -52.89 5.24 8.10
C ALA D 490 -51.62 6.02 8.40
N ALA D 491 -51.15 5.96 9.65
CA ALA D 491 -49.92 6.65 10.01
C ALA D 491 -48.67 5.85 9.71
N LYS D 492 -48.77 4.53 9.62
CA LYS D 492 -47.60 3.70 9.38
C LYS D 492 -47.07 3.86 7.95
N ASN D 493 -47.97 3.87 6.97
CA ASN D 493 -47.58 4.00 5.58
C ASN D 493 -47.50 5.43 5.11
N GLY D 494 -47.89 6.39 5.95
CA GLY D 494 -47.67 7.79 5.64
C GLY D 494 -48.70 8.41 4.71
N HIS D 495 -49.97 8.36 5.08
CA HIS D 495 -51.04 8.96 4.30
C HIS D 495 -51.67 10.08 5.12
N ASP D 496 -51.36 11.33 4.76
CA ASP D 496 -51.76 12.46 5.58
C ASP D 496 -53.25 12.77 5.47
N LYS D 497 -53.82 12.58 4.28
CA LYS D 497 -55.24 12.90 4.11
C LYS D 497 -56.12 11.86 4.78
N VAL D 498 -55.69 10.59 4.80
CA VAL D 498 -56.47 9.55 5.46
C VAL D 498 -56.47 9.72 6.96
N VAL D 499 -55.29 10.04 7.53
CA VAL D 499 -55.22 10.24 8.98
C VAL D 499 -55.90 11.54 9.36
N GLN D 500 -55.93 12.53 8.46
CA GLN D 500 -56.67 13.76 8.71
C GLN D 500 -58.18 13.50 8.70
N LEU D 501 -58.64 12.62 7.80
CA LEU D 501 -60.06 12.28 7.77
C LEU D 501 -60.46 11.48 9.00
N LEU D 502 -59.60 10.56 9.44
CA LEU D 502 -59.91 9.78 10.65
C LEU D 502 -59.86 10.64 11.91
N LEU D 503 -59.02 11.67 11.94
CA LEU D 503 -59.06 12.58 13.08
C LEU D 503 -60.24 13.55 13.01
N LYS D 504 -60.68 13.89 11.79
CA LYS D 504 -61.85 14.75 11.66
C LYS D 504 -63.12 14.02 12.05
N LYS D 505 -63.22 12.73 11.70
CA LYS D 505 -64.34 11.92 12.14
C LYS D 505 -64.25 11.48 13.60
N GLY D 506 -63.09 11.68 14.24
CA GLY D 506 -62.96 11.36 15.63
C GLY D 506 -62.33 10.01 15.86
N ALA D 507 -61.06 10.00 16.27
CA ALA D 507 -60.34 8.78 16.58
C ALA D 507 -59.55 8.99 17.86
N LEU D 508 -59.32 7.88 18.57
CA LEU D 508 -58.63 7.92 19.85
C LEU D 508 -57.21 7.40 19.69
N PHE D 509 -56.26 8.11 20.30
CA PHE D 509 -54.85 7.73 20.23
C PHE D 509 -54.63 6.52 21.14
N LEU D 510 -54.96 5.35 20.62
CA LEU D 510 -54.86 4.12 21.38
C LEU D 510 -53.43 3.60 21.35
N SER D 511 -53.20 2.43 21.92
CA SER D 511 -51.86 1.88 22.04
C SER D 511 -51.75 0.56 21.31
N ASP D 512 -50.58 0.32 20.72
CA ASP D 512 -50.22 -0.96 20.15
C ASP D 512 -49.96 -1.96 21.28
N HIS D 513 -49.89 -3.25 20.93
CA HIS D 513 -49.43 -4.26 21.88
C HIS D 513 -47.98 -4.05 22.27
N ASN D 514 -47.19 -3.42 21.41
CA ASN D 514 -45.86 -2.94 21.77
C ASN D 514 -45.89 -1.53 22.32
N GLY D 515 -47.06 -1.00 22.65
CA GLY D 515 -47.19 0.29 23.27
C GLY D 515 -47.03 1.48 22.37
N TRP D 516 -46.96 1.27 21.05
CA TRP D 516 -46.73 2.38 20.14
C TRP D 516 -48.02 3.16 19.90
N THR D 517 -47.87 4.33 19.31
CA THR D 517 -48.96 5.23 18.96
C THR D 517 -48.85 5.50 17.46
N ALA D 518 -49.79 6.27 16.91
CA ALA D 518 -49.70 6.67 15.51
C ALA D 518 -48.49 7.55 15.26
N LEU D 519 -48.10 8.37 16.25
CA LEU D 519 -46.91 9.20 16.09
C LEU D 519 -45.63 8.38 16.14
N HIS D 520 -45.64 7.27 16.88
CA HIS D 520 -44.50 6.35 16.87
C HIS D 520 -44.31 5.72 15.50
N HIS D 521 -45.41 5.37 14.83
CA HIS D 521 -45.30 4.81 13.49
C HIS D 521 -44.91 5.86 12.46
N ALA D 522 -45.43 7.08 12.60
CA ALA D 522 -45.07 8.16 11.67
C ALA D 522 -43.62 8.59 11.84
N SER D 523 -43.07 8.44 13.05
CA SER D 523 -41.65 8.73 13.25
C SER D 523 -40.77 7.56 12.86
N MET D 524 -41.28 6.33 13.00
CA MET D 524 -40.55 5.15 12.51
C MET D 524 -40.44 5.17 10.99
N GLY D 525 -41.46 5.67 10.31
CA GLY D 525 -41.40 5.79 8.86
C GLY D 525 -40.75 7.08 8.41
N GLY D 526 -40.78 8.09 9.27
CA GLY D 526 -40.20 9.37 8.92
C GLY D 526 -41.05 10.23 8.02
N TYR D 527 -42.38 10.09 8.10
CA TYR D 527 -43.30 10.83 7.27
C TYR D 527 -43.67 12.12 7.98
N THR D 528 -43.16 13.25 7.51
CA THR D 528 -43.35 14.51 8.21
C THR D 528 -44.75 15.08 8.04
N GLN D 529 -45.47 14.69 6.98
CA GLN D 529 -46.80 15.26 6.74
C GLN D 529 -47.82 14.72 7.73
N THR D 530 -47.87 13.39 7.89
CA THR D 530 -48.75 12.79 8.89
C THR D 530 -48.35 13.21 10.28
N MET D 531 -47.06 13.39 10.51
CA MET D 531 -46.54 13.87 11.79
C MET D 531 -47.04 15.28 12.09
N LYS D 532 -47.02 16.16 11.09
CA LYS D 532 -47.51 17.52 11.27
C LYS D 532 -49.02 17.54 11.46
N VAL D 533 -49.74 16.62 10.81
CA VAL D 533 -51.18 16.52 11.01
C VAL D 533 -51.52 16.05 12.42
N ILE D 534 -50.73 15.10 12.94
CA ILE D 534 -50.97 14.61 14.31
C ILE D 534 -50.64 15.69 15.34
N LEU D 535 -49.52 16.38 15.17
CA LEU D 535 -49.11 17.38 16.16
C LEU D 535 -49.96 18.65 16.14
N ASP D 536 -50.78 18.87 15.12
CA ASP D 536 -51.66 20.03 15.12
C ASP D 536 -52.98 19.79 15.84
N THR D 537 -53.27 18.56 16.25
CA THR D 537 -54.53 18.25 16.93
C THR D 537 -54.39 18.26 18.45
N ASN D 538 -53.51 17.42 18.98
CA ASN D 538 -53.35 17.27 20.42
C ASN D 538 -51.86 17.31 20.76
N LEU D 539 -51.48 18.24 21.63
CA LEU D 539 -50.09 18.33 22.07
C LEU D 539 -49.73 17.30 23.14
N LYS D 540 -50.72 16.60 23.69
CA LYS D 540 -50.47 15.59 24.72
C LYS D 540 -50.08 14.24 24.14
N CYS D 541 -49.93 14.13 22.82
CA CYS D 541 -49.54 12.88 22.19
C CYS D 541 -48.03 12.75 22.04
N THR D 542 -47.30 13.85 22.18
CA THR D 542 -45.85 13.85 21.97
C THR D 542 -45.12 13.05 23.05
N ASP D 543 -45.29 13.46 24.31
CA ASP D 543 -44.68 12.72 25.41
C ASP D 543 -45.46 11.44 25.68
N ARG D 544 -45.08 10.36 25.00
CA ARG D 544 -45.75 9.08 25.17
C ARG D 544 -44.71 7.98 25.12
N LEU D 545 -44.80 7.04 26.05
CA LEU D 545 -43.82 5.98 26.18
C LEU D 545 -44.40 4.66 25.69
N ASP D 546 -43.55 3.84 25.10
CA ASP D 546 -43.91 2.48 24.72
C ASP D 546 -43.59 1.52 25.86
N GLU D 547 -43.59 0.21 25.57
CA GLU D 547 -43.19 -0.77 26.57
C GLU D 547 -41.71 -0.73 26.88
N ASP D 548 -40.91 -0.11 26.01
CA ASP D 548 -39.48 0.01 26.21
C ASP D 548 -39.10 1.39 26.74
N GLY D 549 -40.05 2.30 26.84
CA GLY D 549 -39.76 3.64 27.32
C GLY D 549 -39.27 4.60 26.27
N ASN D 550 -39.39 4.27 24.99
CA ASN D 550 -38.98 5.15 23.92
C ASN D 550 -40.10 6.13 23.56
N THR D 551 -39.70 7.33 23.17
CA THR D 551 -40.63 8.31 22.62
C THR D 551 -40.55 8.24 21.10
N ALA D 552 -41.31 9.11 20.43
CA ALA D 552 -41.27 9.18 18.98
C ALA D 552 -39.95 9.77 18.50
N LEU D 553 -39.34 10.64 19.30
CA LEU D 553 -38.06 11.22 18.94
C LEU D 553 -36.94 10.19 18.97
N HIS D 554 -37.06 9.18 19.85
CA HIS D 554 -36.12 8.07 19.87
C HIS D 554 -36.14 7.29 18.56
N PHE D 555 -37.34 7.00 18.03
CA PHE D 555 -37.43 6.27 16.77
C PHE D 555 -36.99 7.13 15.60
N ALA D 556 -37.36 8.41 15.61
CA ALA D 556 -36.99 9.31 14.52
C ALA D 556 -35.49 9.57 14.49
N ALA D 557 -34.82 9.51 15.64
CA ALA D 557 -33.37 9.61 15.66
C ALA D 557 -32.69 8.28 15.39
N ARG D 558 -33.34 7.16 15.73
CA ARG D 558 -32.74 5.86 15.47
C ARG D 558 -32.73 5.55 13.98
N GLU D 559 -33.81 5.87 13.27
CA GLU D 559 -33.88 5.56 11.86
C GLU D 559 -33.25 6.62 10.98
N GLY D 560 -32.80 7.74 11.53
CA GLY D 560 -32.04 8.71 10.77
C GLY D 560 -32.86 9.61 9.88
N HIS D 561 -34.01 10.07 10.36
CA HIS D 561 -34.85 10.99 9.61
C HIS D 561 -34.64 12.39 10.20
N ALA D 562 -33.93 13.24 9.46
CA ALA D 562 -33.49 14.52 10.00
C ALA D 562 -34.66 15.49 10.16
N LYS D 563 -35.56 15.53 9.17
CA LYS D 563 -36.66 16.49 9.24
C LYS D 563 -37.69 16.09 10.28
N ALA D 564 -37.82 14.79 10.56
CA ALA D 564 -38.71 14.35 11.64
C ALA D 564 -38.17 14.76 13.00
N VAL D 565 -36.85 14.62 13.19
CA VAL D 565 -36.21 15.05 14.43
C VAL D 565 -36.31 16.56 14.57
N ALA D 566 -36.12 17.30 13.48
CA ALA D 566 -36.27 18.75 13.51
C ALA D 566 -37.70 19.18 13.77
N LEU D 567 -38.68 18.40 13.32
CA LEU D 567 -40.08 18.74 13.56
C LEU D 567 -40.49 18.48 15.00
N LEU D 568 -40.07 17.35 15.57
CA LEU D 568 -40.30 17.13 16.99
C LEU D 568 -39.46 18.03 17.87
N LEU D 569 -38.35 18.56 17.34
CA LEU D 569 -37.43 19.37 18.12
C LEU D 569 -37.83 20.83 18.12
N SER D 570 -38.48 21.30 17.04
CA SER D 570 -39.05 22.64 17.03
C SER D 570 -40.20 22.76 18.01
N HIS D 571 -40.95 21.67 18.20
CA HIS D 571 -41.93 21.59 19.28
C HIS D 571 -41.24 21.09 20.54
N ASN D 572 -41.99 21.04 21.62
CA ASN D 572 -41.45 20.58 22.90
C ASN D 572 -41.50 19.05 22.93
N ALA D 573 -40.34 18.42 22.91
CA ALA D 573 -40.24 16.99 22.70
C ALA D 573 -40.20 16.17 23.99
N ASP D 574 -39.93 16.82 25.14
CA ASP D 574 -39.85 16.18 26.46
C ASP D 574 -38.80 15.06 26.46
N ILE D 575 -37.55 15.49 26.33
CA ILE D 575 -36.40 14.58 26.22
C ILE D 575 -36.25 13.76 27.50
N VAL D 576 -36.20 12.44 27.33
CA VAL D 576 -36.14 11.51 28.45
C VAL D 576 -35.22 10.36 28.04
N LEU D 577 -34.79 9.58 29.02
CA LEU D 577 -33.91 8.44 28.76
C LEU D 577 -34.73 7.19 28.42
N ASN D 578 -34.02 6.14 28.06
CA ASN D 578 -34.63 4.88 27.65
C ASN D 578 -34.79 4.00 28.88
N LYS D 579 -35.22 2.76 28.69
CA LYS D 579 -35.09 1.75 29.74
C LYS D 579 -33.63 1.45 30.02
N GLN D 580 -32.78 1.51 29.00
CA GLN D 580 -31.34 1.36 29.13
C GLN D 580 -30.63 2.70 29.32
N GLN D 581 -31.36 3.72 29.78
CA GLN D 581 -30.85 5.07 30.09
C GLN D 581 -30.17 5.74 28.90
N ALA D 582 -30.69 5.50 27.70
CA ALA D 582 -30.15 6.08 26.49
C ALA D 582 -31.06 7.21 26.02
N SER D 583 -30.47 8.35 25.68
CA SER D 583 -31.25 9.41 25.06
C SER D 583 -31.43 9.12 23.59
N PHE D 584 -32.16 10.00 22.90
CA PHE D 584 -32.28 9.87 21.45
C PHE D 584 -30.97 10.23 20.76
N LEU D 585 -30.15 11.08 21.39
CA LEU D 585 -28.86 11.43 20.82
C LEU D 585 -27.89 10.26 20.93
N HIS D 586 -27.94 9.51 22.04
CA HIS D 586 -27.15 8.29 22.17
C HIS D 586 -27.56 7.26 21.12
N LEU D 587 -28.87 7.08 20.94
CA LEU D 587 -29.38 6.10 20.00
C LEU D 587 -29.11 6.51 18.56
N ALA D 588 -28.97 7.81 18.31
CA ALA D 588 -28.54 8.28 16.99
C ALA D 588 -27.05 8.05 16.78
N LEU D 589 -26.25 8.23 17.83
CA LEU D 589 -24.80 8.05 17.68
C LEU D 589 -24.41 6.58 17.58
N HIS D 590 -25.18 5.68 18.18
CA HIS D 590 -24.85 4.26 18.06
C HIS D 590 -25.15 3.69 16.68
N ASN D 591 -25.88 4.41 15.84
CA ASN D 591 -26.18 3.97 14.49
C ASN D 591 -25.46 4.80 13.44
N LYS D 592 -24.57 5.70 13.86
CA LYS D 592 -23.71 6.52 13.00
C LYS D 592 -24.52 7.39 12.03
N ARG D 593 -25.66 7.87 12.50
CA ARG D 593 -26.53 8.73 11.69
C ARG D 593 -25.97 10.15 11.77
N LYS D 594 -25.24 10.56 10.73
CA LYS D 594 -24.51 11.82 10.77
C LYS D 594 -25.44 13.02 10.68
N GLU D 595 -26.48 12.92 9.84
CA GLU D 595 -27.29 14.10 9.54
C GLU D 595 -28.19 14.49 10.72
N VAL D 596 -28.69 13.52 11.49
CA VAL D 596 -29.56 13.89 12.58
C VAL D 596 -28.76 14.48 13.74
N VAL D 597 -27.55 14.00 14.00
CA VAL D 597 -26.78 14.63 15.07
C VAL D 597 -26.22 15.96 14.61
N LEU D 598 -26.02 16.12 13.30
CA LEU D 598 -25.60 17.42 12.80
C LEU D 598 -26.71 18.45 12.93
N THR D 599 -27.95 18.06 12.64
CA THR D 599 -29.04 19.02 12.82
C THR D 599 -29.47 19.17 14.26
N ILE D 600 -29.08 18.26 15.16
CA ILE D 600 -29.22 18.53 16.59
C ILE D 600 -28.20 19.56 17.05
N ILE D 601 -26.96 19.47 16.51
CA ILE D 601 -25.93 20.46 16.81
C ILE D 601 -26.33 21.83 16.29
N ARG D 602 -26.88 21.91 15.07
CA ARG D 602 -27.29 23.18 14.51
C ARG D 602 -28.55 23.76 15.16
N SER D 603 -29.21 23.02 16.04
CA SER D 603 -30.45 23.45 16.64
C SER D 603 -30.22 24.44 17.77
N LYS D 604 -31.30 24.84 18.42
CA LYS D 604 -31.25 25.73 19.57
C LYS D 604 -31.27 25.01 20.89
N ARG D 605 -31.74 23.77 20.93
CA ARG D 605 -31.85 23.00 22.17
C ARG D 605 -30.67 22.05 22.36
N TRP D 606 -29.49 22.41 21.83
CA TRP D 606 -28.31 21.58 21.97
C TRP D 606 -27.83 21.52 23.42
N ASP D 607 -27.92 22.63 24.14
CA ASP D 607 -27.45 22.67 25.52
C ASP D 607 -28.33 21.84 26.44
N GLU D 608 -29.62 21.74 26.12
CA GLU D 608 -30.50 20.87 26.88
C GLU D 608 -30.24 19.40 26.56
N CYS D 609 -29.91 19.09 25.31
CA CYS D 609 -29.61 17.71 24.93
C CYS D 609 -28.29 17.25 25.51
N LEU D 610 -27.33 18.17 25.69
CA LEU D 610 -26.00 17.80 26.15
C LEU D 610 -25.97 17.41 27.62
N LYS D 611 -26.92 17.88 28.42
CA LYS D 611 -26.84 17.71 29.87
C LYS D 611 -27.16 16.30 30.31
N ILE D 612 -28.30 15.79 29.86
CA ILE D 612 -28.84 14.49 30.24
C ILE D 612 -28.18 13.18 29.83
N PHE D 613 -27.58 12.49 30.79
CA PHE D 613 -27.06 11.15 30.53
C PHE D 613 -26.78 10.51 31.88
N SER D 614 -26.76 9.19 31.91
CA SER D 614 -26.52 8.45 33.13
C SER D 614 -25.02 8.26 33.32
N HIS D 615 -24.54 8.52 34.54
CA HIS D 615 -23.14 8.32 34.87
C HIS D 615 -22.81 6.88 35.24
N ASN D 616 -23.79 5.98 35.19
CA ASN D 616 -23.59 4.60 35.63
C ASN D 616 -23.61 3.59 34.51
N SER D 617 -24.19 3.92 33.36
CA SER D 617 -24.23 2.97 32.26
C SER D 617 -22.88 2.89 31.57
N PRO D 618 -22.36 1.69 31.31
CA PRO D 618 -21.05 1.59 30.66
C PRO D 618 -21.11 1.90 29.17
N GLY D 619 -22.27 1.65 28.54
CA GLY D 619 -22.42 1.87 27.12
C GLY D 619 -22.87 3.28 26.77
N ASN D 620 -23.79 3.82 27.56
CA ASN D 620 -24.37 5.13 27.28
C ASN D 620 -23.62 6.16 28.13
N LYS D 621 -22.43 6.53 27.65
CA LYS D 621 -21.56 7.47 28.35
C LYS D 621 -21.93 8.91 28.03
N SER D 622 -21.03 9.83 28.37
CA SER D 622 -21.21 11.24 28.02
C SER D 622 -21.25 11.40 26.51
N PRO D 623 -22.05 12.34 25.99
CA PRO D 623 -22.21 12.45 24.53
C PRO D 623 -20.95 12.88 23.79
N ILE D 624 -20.04 13.59 24.45
CA ILE D 624 -18.82 14.05 23.80
C ILE D 624 -17.89 12.86 23.51
N THR D 625 -17.76 11.95 24.49
CA THR D 625 -16.95 10.75 24.27
C THR D 625 -17.59 9.84 23.22
N GLU D 626 -18.92 9.82 23.15
CA GLU D 626 -19.59 9.02 22.13
C GLU D 626 -19.38 9.62 20.74
N MET D 627 -19.38 10.94 20.63
CA MET D 627 -19.08 11.58 19.36
C MET D 627 -17.63 11.38 18.96
N ILE D 628 -16.71 11.34 19.93
CA ILE D 628 -15.32 11.03 19.61
C ILE D 628 -15.18 9.59 19.14
N GLU D 629 -15.93 8.67 19.75
CA GLU D 629 -15.78 7.26 19.41
C GLU D 629 -16.42 6.92 18.07
N TYR D 630 -17.59 7.50 17.77
CA TYR D 630 -18.37 7.06 16.62
C TYR D 630 -18.33 8.01 15.43
N LEU D 631 -18.67 9.29 15.61
CA LEU D 631 -18.78 10.24 14.52
C LEU D 631 -17.83 11.41 14.75
N PRO D 632 -16.55 11.27 14.40
CA PRO D 632 -15.59 12.32 14.71
C PRO D 632 -15.72 13.56 13.83
N GLU D 633 -16.34 13.45 12.66
CA GLU D 633 -16.53 14.62 11.81
C GLU D 633 -17.53 15.59 12.44
N CYS D 634 -18.56 15.07 13.09
CA CYS D 634 -19.47 15.93 13.83
C CYS D 634 -18.79 16.55 15.04
N MET D 635 -17.82 15.85 15.64
CA MET D 635 -17.04 16.46 16.71
C MET D 635 -16.14 17.57 16.18
N LYS D 636 -15.64 17.42 14.95
CA LYS D 636 -14.87 18.51 14.33
C LYS D 636 -15.77 19.72 14.05
N VAL D 637 -16.98 19.47 13.59
CA VAL D 637 -17.95 20.55 13.38
C VAL D 637 -18.29 21.24 14.70
N LEU D 638 -18.41 20.46 15.77
CA LEU D 638 -18.69 21.01 17.10
C LEU D 638 -17.51 21.83 17.62
N LEU D 639 -16.28 21.38 17.37
CA LEU D 639 -15.12 22.15 17.77
C LEU D 639 -14.92 23.40 16.92
N ASP D 640 -15.48 23.43 15.71
CA ASP D 640 -15.39 24.64 14.89
C ASP D 640 -16.20 25.80 15.46
N PHE D 641 -17.18 25.53 16.33
CA PHE D 641 -17.92 26.62 16.96
C PHE D 641 -17.11 27.33 18.04
N CYS D 642 -16.11 26.67 18.61
CA CYS D 642 -15.30 27.30 19.66
C CYS D 642 -14.07 27.99 19.09
N MET D 643 -14.27 28.81 18.06
CA MET D 643 -13.21 29.64 17.47
C MET D 643 -13.86 30.95 17.08
N LEU D 644 -13.76 31.95 17.95
CA LEU D 644 -14.41 33.24 17.74
C LEU D 644 -13.40 34.21 17.14
N HIS D 645 -13.62 34.59 15.89
CA HIS D 645 -12.77 35.56 15.20
C HIS D 645 -13.25 36.96 15.49
N SER D 646 -12.31 37.90 15.60
CA SER D 646 -12.66 39.27 15.97
C SER D 646 -13.21 40.06 14.79
N THR D 647 -12.40 40.26 13.76
CA THR D 647 -12.81 41.10 12.64
C THR D 647 -12.38 40.57 11.28
N GLU D 648 -11.78 39.36 11.21
CA GLU D 648 -11.32 38.72 9.98
C GLU D 648 -10.32 39.59 9.22
N ASP D 649 -9.43 40.26 9.96
CA ASP D 649 -8.40 41.11 9.38
C ASP D 649 -7.07 40.77 10.05
N LYS D 650 -6.21 40.04 9.33
CA LYS D 650 -4.94 39.59 9.89
C LYS D 650 -3.94 40.73 10.04
N SER D 651 -4.09 41.82 9.28
CA SER D 651 -3.14 42.92 9.34
C SER D 651 -3.32 43.79 10.58
N CYS D 652 -4.45 43.67 11.28
CA CYS D 652 -4.69 44.50 12.45
C CYS D 652 -3.86 44.01 13.63
N ARG D 653 -3.21 44.95 14.32
CA ARG D 653 -2.46 44.61 15.52
C ARG D 653 -3.40 44.27 16.67
N ASP D 654 -4.59 44.88 16.71
CA ASP D 654 -5.58 44.60 17.73
C ASP D 654 -6.47 43.41 17.39
N TYR D 655 -6.17 42.68 16.33
CA TYR D 655 -6.94 41.51 15.97
C TYR D 655 -6.62 40.35 16.90
N TYR D 656 -7.64 39.58 17.26
CA TYR D 656 -7.48 38.44 18.14
C TYR D 656 -8.41 37.33 17.70
N ILE D 657 -8.22 36.15 18.29
CA ILE D 657 -9.14 35.03 18.17
C ILE D 657 -9.33 34.45 19.57
N GLU D 658 -10.49 33.85 19.79
CA GLU D 658 -10.85 33.34 21.11
C GLU D 658 -11.14 31.85 21.02
N TYR D 659 -10.55 31.09 21.93
CA TYR D 659 -10.76 29.65 22.03
C TYR D 659 -11.54 29.34 23.30
N ASN D 660 -12.64 28.62 23.15
CA ASN D 660 -13.46 28.19 24.27
C ASN D 660 -13.26 26.70 24.50
N PHE D 661 -13.19 26.30 25.77
CA PHE D 661 -12.86 24.94 26.12
C PHE D 661 -13.98 24.27 26.92
N LYS D 662 -15.23 24.65 26.64
CA LYS D 662 -16.35 24.15 27.43
C LYS D 662 -16.72 22.72 27.07
N TYR D 663 -16.29 22.21 25.93
CA TYR D 663 -16.57 20.83 25.58
C TYR D 663 -15.44 19.88 25.96
N LEU D 664 -14.25 20.40 26.20
CA LEU D 664 -13.11 19.56 26.54
C LEU D 664 -13.03 19.27 28.04
N GLN D 665 -13.86 19.90 28.85
CA GLN D 665 -13.74 19.84 30.29
C GLN D 665 -14.31 18.54 30.84
N CYS D 666 -14.38 18.48 32.18
CA CYS D 666 -14.91 17.29 32.91
C CYS D 666 -16.43 17.20 32.71
N PRO D 667 -16.99 16.01 32.45
CA PRO D 667 -18.44 15.84 32.23
C PRO D 667 -19.31 16.36 33.37
N LEU D 668 -18.77 16.40 34.60
CA LEU D 668 -19.52 17.01 35.69
C LEU D 668 -19.64 18.51 35.51
N GLU D 669 -18.58 19.15 35.01
CA GLU D 669 -18.59 20.59 34.78
C GLU D 669 -19.28 20.92 33.47
N ASP D 678 -21.47 9.15 42.56
CA ASP D 678 -20.35 8.90 43.45
C ASP D 678 -19.15 8.34 42.68
N VAL D 679 -19.22 8.44 41.36
CA VAL D 679 -18.12 7.97 40.52
C VAL D 679 -17.08 9.07 40.36
N ILE D 680 -15.88 8.66 39.95
CA ILE D 680 -14.79 9.58 39.71
C ILE D 680 -14.31 9.41 38.26
N TYR D 681 -13.75 10.49 37.73
CA TYR D 681 -13.21 10.49 36.38
C TYR D 681 -11.74 10.92 36.41
N GLU D 682 -10.94 10.29 35.55
CA GLU D 682 -9.58 10.73 35.34
C GLU D 682 -9.58 12.08 34.63
N PRO D 683 -8.55 12.90 34.81
CA PRO D 683 -8.48 14.18 34.10
C PRO D 683 -8.22 13.96 32.61
N LEU D 684 -8.58 15.00 31.84
CA LEU D 684 -8.46 15.04 30.38
C LEU D 684 -9.22 13.89 29.73
N THR D 685 -10.56 13.93 29.91
CA THR D 685 -11.41 12.84 29.44
C THR D 685 -11.50 12.82 27.93
N ALA D 686 -11.81 13.96 27.31
CA ALA D 686 -11.98 14.04 25.86
C ALA D 686 -10.67 13.79 25.14
N LEU D 687 -9.55 14.22 25.71
CA LEU D 687 -8.25 14.03 25.08
C LEU D 687 -7.82 12.58 25.14
N ASN D 688 -8.05 11.91 26.26
CA ASN D 688 -7.77 10.48 26.35
C ASN D 688 -8.70 9.68 25.44
N ALA D 689 -9.95 10.13 25.28
CA ALA D 689 -10.84 9.46 24.34
C ALA D 689 -10.41 9.67 22.90
N MET D 690 -9.86 10.84 22.58
CA MET D 690 -9.36 11.06 21.23
C MET D 690 -8.06 10.30 20.96
N VAL D 691 -7.25 10.07 21.99
CA VAL D 691 -6.02 9.30 21.80
C VAL D 691 -6.32 7.82 21.67
N GLN D 692 -7.20 7.29 22.53
CA GLN D 692 -7.53 5.87 22.50
C GLN D 692 -8.33 5.45 21.26
N ASN D 693 -8.88 6.39 20.51
CA ASN D 693 -9.60 6.08 19.29
C ASN D 693 -8.86 6.52 18.04
N ASN D 694 -7.60 6.93 18.18
CA ASN D 694 -6.68 7.26 17.09
C ASN D 694 -7.18 8.39 16.19
N ARG D 695 -7.90 9.34 16.79
CA ARG D 695 -8.51 10.42 16.02
C ARG D 695 -7.53 11.59 15.88
N ILE D 696 -6.46 11.34 15.11
CA ILE D 696 -5.35 12.26 15.02
C ILE D 696 -5.71 13.56 14.31
N GLU D 697 -6.76 13.55 13.48
CA GLU D 697 -7.21 14.79 12.86
C GLU D 697 -7.92 15.71 13.84
N LEU D 698 -8.37 15.17 14.97
CA LEU D 698 -8.94 15.98 16.04
C LEU D 698 -7.90 16.48 17.03
N LEU D 699 -6.81 15.74 17.19
CA LEU D 699 -5.71 16.20 18.04
C LEU D 699 -4.99 17.38 17.41
N ASN D 700 -4.97 17.47 16.09
CA ASN D 700 -4.34 18.57 15.39
C ASN D 700 -5.28 19.75 15.19
N HIS D 701 -6.47 19.71 15.77
CA HIS D 701 -7.37 20.85 15.70
C HIS D 701 -6.82 21.97 16.58
N PRO D 702 -6.91 23.23 16.16
CA PRO D 702 -6.27 24.32 16.90
C PRO D 702 -6.84 24.58 18.28
N VAL D 703 -8.10 24.19 18.54
CA VAL D 703 -8.63 24.28 19.90
C VAL D 703 -7.91 23.31 20.82
N CYS D 704 -7.64 22.09 20.32
CA CYS D 704 -6.90 21.13 21.12
C CYS D 704 -5.43 21.53 21.28
N LYS D 705 -4.84 22.13 20.25
CA LYS D 705 -3.46 22.59 20.35
C LYS D 705 -3.32 23.71 21.37
N GLU D 706 -4.26 24.66 21.37
CA GLU D 706 -4.22 25.71 22.37
C GLU D 706 -4.60 25.19 23.75
N TYR D 707 -5.38 24.11 23.83
CA TYR D 707 -5.68 23.50 25.12
C TYR D 707 -4.44 22.85 25.72
N LEU D 708 -3.66 22.13 24.90
CA LEU D 708 -2.39 21.59 25.39
C LEU D 708 -1.38 22.69 25.70
N LEU D 709 -1.39 23.78 24.94
CA LEU D 709 -0.45 24.88 25.21
C LEU D 709 -0.79 25.58 26.52
N MET D 710 -2.09 25.80 26.79
CA MET D 710 -2.52 26.35 28.06
C MET D 710 -2.20 25.40 29.20
N LYS D 711 -2.41 24.10 28.99
CA LYS D 711 -2.14 23.11 30.02
C LYS D 711 -0.65 23.00 30.31
N TRP D 712 0.18 23.23 29.30
CA TRP D 712 1.63 23.25 29.48
C TRP D 712 2.05 24.47 30.28
N LEU D 713 1.70 25.66 29.80
CA LEU D 713 2.08 26.90 30.46
C LEU D 713 1.43 27.11 31.82
N ALA D 714 0.39 26.32 32.14
CA ALA D 714 -0.21 26.40 33.46
C ALA D 714 0.73 25.86 34.53
N TYR D 715 1.04 24.56 34.45
CA TYR D 715 1.87 23.92 35.46
C TYR D 715 2.93 22.96 34.91
N GLY D 716 2.84 22.53 33.65
CA GLY D 716 3.64 21.42 33.17
C GLY D 716 5.09 21.80 32.97
N PHE D 717 5.31 22.99 32.41
CA PHE D 717 6.68 23.48 32.25
C PHE D 717 7.36 23.70 33.59
N ARG D 718 6.62 24.21 34.58
CA ARG D 718 7.20 24.44 35.90
C ARG D 718 7.56 23.14 36.59
N ALA D 719 6.64 22.17 36.57
CA ALA D 719 6.93 20.87 37.19
C ALA D 719 8.02 20.12 36.44
N HIS D 720 8.10 20.29 35.13
CA HIS D 720 9.13 19.61 34.35
C HIS D 720 10.50 20.21 34.60
N MET D 721 10.59 21.54 34.67
CA MET D 721 11.87 22.17 34.99
C MET D 721 12.30 21.90 36.42
N MET D 722 11.34 21.75 37.34
CA MET D 722 11.70 21.39 38.71
C MET D 722 12.24 19.97 38.78
N ASN D 723 11.58 19.02 38.09
CA ASN D 723 12.04 17.64 38.06
C ASN D 723 13.39 17.51 37.35
N LEU D 724 13.63 18.32 36.33
CA LEU D 724 14.91 18.26 35.65
C LEU D 724 16.02 18.92 36.45
N GLY D 725 15.71 20.00 37.17
CA GLY D 725 16.72 20.67 37.98
C GLY D 725 17.10 19.87 39.20
N SER D 726 16.17 19.08 39.75
CA SER D 726 16.49 18.22 40.89
C SER D 726 17.52 17.15 40.55
N TYR D 727 17.55 16.70 39.29
CA TYR D 727 18.57 15.77 38.84
C TYR D 727 19.82 16.48 38.33
N CYS D 728 19.66 17.66 37.72
CA CYS D 728 20.79 18.38 37.18
C CYS D 728 21.66 18.98 38.29
N LEU D 729 21.07 19.19 39.47
CA LEU D 729 21.83 19.62 40.64
C LEU D 729 22.81 18.56 41.11
N GLY D 730 22.56 17.30 40.80
CA GLY D 730 23.53 16.25 41.07
C GLY D 730 24.38 15.96 39.84
N LEU D 731 23.86 16.31 38.67
CA LEU D 731 24.59 16.05 37.43
C LEU D 731 25.79 16.96 37.27
N ILE D 732 25.58 18.27 37.33
CA ILE D 732 26.63 19.27 37.03
C ILE D 732 27.86 19.23 37.95
N PRO D 733 27.77 19.21 39.30
CA PRO D 733 29.00 19.32 40.10
C PRO D 733 29.92 18.12 40.00
N MET D 734 29.40 16.93 39.70
CA MET D 734 30.29 15.80 39.46
C MET D 734 31.09 15.98 38.18
N THR D 735 30.48 16.57 37.15
CA THR D 735 31.20 16.84 35.91
C THR D 735 32.25 17.92 36.11
N ILE D 736 31.94 18.95 36.91
CA ILE D 736 32.92 19.97 37.23
C ILE D 736 34.07 19.37 38.03
N LEU D 737 33.74 18.51 38.99
CA LEU D 737 34.74 17.86 39.84
C LEU D 737 35.63 16.91 39.05
N VAL D 738 35.09 16.33 37.98
CA VAL D 738 35.90 15.48 37.11
C VAL D 738 36.81 16.32 36.23
N VAL D 739 36.26 17.34 35.56
CA VAL D 739 37.07 18.11 34.61
C VAL D 739 38.06 19.04 35.28
N ASN D 740 37.99 19.24 36.60
CA ASN D 740 39.03 20.02 37.25
C ASN D 740 40.14 19.15 37.84
N ILE D 741 39.79 18.12 38.60
CA ILE D 741 40.79 17.28 39.25
C ILE D 741 41.33 16.28 38.24
N LYS D 742 42.66 16.14 38.19
CA LYS D 742 43.27 15.11 37.36
C LYS D 742 42.92 13.72 37.90
N PRO D 743 42.54 12.79 37.03
CA PRO D 743 42.22 11.43 37.49
C PRO D 743 43.43 10.70 38.04
N GLY D 744 43.17 9.78 38.96
CA GLY D 744 44.20 9.05 39.65
C GLY D 744 44.58 9.63 41.00
N MET D 745 44.47 10.95 41.15
CA MET D 745 44.83 11.60 42.39
C MET D 745 43.70 11.49 43.42
N ALA D 746 44.09 11.42 44.68
CA ALA D 746 43.12 11.45 45.78
C ALA D 746 42.91 12.88 46.25
N PHE D 747 41.74 13.13 46.84
CA PHE D 747 41.41 14.47 47.27
C PHE D 747 40.42 14.44 48.43
N ASN D 748 40.71 15.24 49.45
CA ASN D 748 39.81 15.47 50.56
C ASN D 748 38.98 16.73 50.27
N SER D 749 38.31 17.24 51.31
CA SER D 749 37.70 18.56 51.22
C SER D 749 38.74 19.67 51.30
N THR D 750 39.92 19.37 51.82
CA THR D 750 40.97 20.38 51.92
C THR D 750 41.65 20.66 50.59
N GLY D 751 41.68 19.68 49.69
CA GLY D 751 42.30 19.86 48.41
C GLY D 751 42.77 18.53 47.85
N ILE D 752 43.62 18.61 46.83
CA ILE D 752 44.08 17.44 46.10
C ILE D 752 45.34 16.91 46.78
N ILE D 753 45.29 15.66 47.24
CA ILE D 753 46.44 15.03 47.86
C ILE D 753 47.42 14.61 46.77
N ASN D 754 48.67 15.06 46.88
CA ASN D 754 49.70 14.68 45.92
C ASN D 754 50.89 14.10 46.67
N ILE D 762 52.09 16.90 50.50
CA ILE D 762 52.00 17.78 49.34
C ILE D 762 50.55 17.92 48.88
N LEU D 763 49.99 19.11 49.07
CA LEU D 763 48.62 19.37 48.64
C LEU D 763 48.47 20.85 48.39
N ASP D 764 47.45 21.20 47.61
CA ASP D 764 47.16 22.58 47.27
C ASP D 764 45.73 22.95 47.62
N THR D 765 45.53 24.22 47.96
CA THR D 765 44.23 24.77 48.31
C THR D 765 43.85 25.91 47.37
N THR D 766 44.07 25.70 46.06
CA THR D 766 43.79 26.75 45.08
C THR D 766 42.29 26.92 44.88
N ASN D 767 41.61 25.85 44.47
CA ASN D 767 40.17 25.84 44.26
C ASN D 767 39.49 24.87 45.21
N SER D 768 39.91 24.89 46.48
CA SER D 768 39.39 23.93 47.45
C SER D 768 37.95 24.22 47.83
N TYR D 769 37.54 25.49 47.77
CA TYR D 769 36.16 25.85 48.08
C TYR D 769 35.19 25.30 47.05
N LEU D 770 35.57 25.37 45.77
CA LEU D 770 34.72 24.84 44.70
C LEU D 770 34.61 23.32 44.79
N ILE D 771 35.73 22.65 45.08
CA ILE D 771 35.73 21.19 45.23
C ILE D 771 34.87 20.78 46.42
N LYS D 772 34.96 21.53 47.52
CA LYS D 772 34.18 21.23 48.72
C LYS D 772 32.68 21.42 48.46
N THR D 773 32.30 22.52 47.80
CA THR D 773 30.89 22.75 47.52
C THR D 773 30.33 21.74 46.53
N CYS D 774 31.14 21.32 45.54
CA CYS D 774 30.69 20.31 44.60
C CYS D 774 30.49 18.96 45.27
N MET D 775 31.40 18.57 46.18
CA MET D 775 31.23 17.30 46.89
C MET D 775 30.03 17.34 47.82
N ILE D 776 29.78 18.49 48.47
CA ILE D 776 28.61 18.62 49.33
C ILE D 776 27.32 18.53 48.51
N LEU D 777 27.30 19.16 47.33
CA LEU D 777 26.10 19.10 46.49
C LEU D 777 25.84 17.68 45.98
N VAL D 778 26.88 16.96 45.59
CA VAL D 778 26.68 15.59 45.09
C VAL D 778 26.27 14.66 46.23
N PHE D 779 26.83 14.86 47.43
CA PHE D 779 26.47 14.05 48.59
C PHE D 779 25.01 14.28 49.01
N LEU D 780 24.58 15.54 49.06
CA LEU D 780 23.21 15.84 49.44
C LEU D 780 22.21 15.39 48.39
N SER D 781 22.58 15.52 47.10
CA SER D 781 21.70 15.02 46.05
C SER D 781 21.58 13.50 46.10
N SER D 782 22.67 12.81 46.46
CA SER D 782 22.63 11.37 46.55
C SER D 782 21.76 10.90 47.72
N ILE D 783 21.87 11.55 48.88
CA ILE D 783 21.04 11.10 50.00
C ILE D 783 19.58 11.52 49.80
N PHE D 784 19.33 12.61 49.06
CA PHE D 784 17.96 12.92 48.68
C PHE D 784 17.40 11.87 47.73
N GLY D 785 18.23 11.36 46.83
CA GLY D 785 17.80 10.26 45.98
C GLY D 785 17.53 8.99 46.77
N TYR D 786 18.34 8.73 47.80
CA TYR D 786 18.09 7.61 48.70
C TYR D 786 16.76 7.75 49.42
N CYS D 787 16.45 8.96 49.92
CA CYS D 787 15.19 9.16 50.63
C CYS D 787 13.99 9.03 49.70
N LYS D 788 14.11 9.55 48.48
CA LYS D 788 13.02 9.43 47.51
C LYS D 788 12.80 7.98 47.09
N GLU D 789 13.88 7.23 46.86
CA GLU D 789 13.72 5.84 46.47
C GLU D 789 13.28 4.97 47.65
N ALA D 790 13.67 5.32 48.87
CA ALA D 790 13.18 4.59 50.03
C ALA D 790 11.70 4.86 50.27
N GLY D 791 11.22 6.05 49.90
CA GLY D 791 9.78 6.27 49.89
C GLY D 791 9.09 5.48 48.79
N GLN D 792 9.70 5.41 47.60
CA GLN D 792 9.09 4.69 46.49
C GLN D 792 9.11 3.18 46.64
N ILE D 793 10.00 2.64 47.50
CA ILE D 793 9.95 1.21 47.82
C ILE D 793 8.66 0.87 48.53
N PHE D 794 8.33 1.62 49.59
CA PHE D 794 7.09 1.38 50.31
C PHE D 794 5.87 1.86 49.53
N GLN D 795 6.04 2.79 48.60
CA GLN D 795 4.91 3.22 47.77
C GLN D 795 4.58 2.19 46.69
N GLN D 796 5.59 1.61 46.05
CA GLN D 796 5.36 0.68 44.95
C GLN D 796 4.94 -0.70 45.43
N LYS D 797 5.43 -1.11 46.61
CA LYS D 797 5.15 -2.42 47.25
C LYS D 797 5.53 -3.58 46.33
N ARG D 798 6.84 -3.69 46.08
CA ARG D 798 7.47 -4.75 45.29
C ARG D 798 6.94 -4.81 43.86
N ASN D 799 6.69 -3.62 43.28
CA ASN D 799 6.30 -3.51 41.88
C ASN D 799 7.35 -2.81 41.04
N TYR D 800 8.38 -2.23 41.65
CA TYR D 800 9.44 -1.50 40.96
C TYR D 800 10.57 -2.40 40.50
N PHE D 801 10.40 -3.72 40.58
CA PHE D 801 11.50 -4.64 40.32
C PHE D 801 11.81 -4.73 38.83
N MET D 802 10.78 -4.81 37.99
CA MET D 802 10.97 -4.92 36.54
C MET D 802 11.02 -3.52 35.93
N ASP D 803 12.10 -2.81 36.27
CA ASP D 803 12.31 -1.45 35.77
C ASP D 803 13.81 -1.20 35.77
N ILE D 804 14.33 -0.72 34.63
CA ILE D 804 15.77 -0.51 34.52
C ILE D 804 16.18 0.88 35.03
N SER D 805 15.25 1.84 35.07
CA SER D 805 15.58 3.18 35.52
C SER D 805 15.88 3.20 37.01
N ASN D 806 15.18 2.36 37.78
CA ASN D 806 15.46 2.23 39.20
C ASN D 806 16.83 1.62 39.44
N VAL D 807 17.21 0.62 38.63
CA VAL D 807 18.52 -0.01 38.74
C VAL D 807 19.63 0.98 38.41
N LEU D 808 19.43 1.79 37.35
CA LEU D 808 20.39 2.82 37.01
C LEU D 808 20.52 3.86 38.11
N GLU D 809 19.40 4.21 38.77
CA GLU D 809 19.47 5.18 39.84
C GLU D 809 20.16 4.62 41.07
N TRP D 810 19.95 3.34 41.38
CA TRP D 810 20.70 2.70 42.48
C TRP D 810 22.20 2.74 42.21
N ILE D 811 22.59 2.40 40.97
CA ILE D 811 24.01 2.42 40.60
C ILE D 811 24.59 3.82 40.69
N ILE D 812 23.85 4.83 40.21
CA ILE D 812 24.31 6.21 40.24
C ILE D 812 24.49 6.70 41.67
N TYR D 813 23.49 6.49 42.54
CA TYR D 813 23.57 7.08 43.86
C TYR D 813 24.59 6.36 44.74
N THR D 814 24.67 5.02 44.68
CA THR D 814 25.70 4.31 45.43
C THR D 814 27.09 4.67 44.96
N THR D 815 27.29 4.75 43.64
CA THR D 815 28.63 4.95 43.11
C THR D 815 29.07 6.39 43.32
N GLY D 816 28.13 7.35 43.29
CA GLY D 816 28.47 8.72 43.61
C GLY D 816 28.75 8.93 45.09
N ILE D 817 28.06 8.19 45.97
CA ILE D 817 28.39 8.21 47.40
C ILE D 817 29.82 7.74 47.62
N ILE D 818 30.21 6.63 46.97
CA ILE D 818 31.57 6.13 47.18
C ILE D 818 32.60 7.07 46.55
N PHE D 819 32.23 7.76 45.47
CA PHE D 819 33.14 8.75 44.90
C PHE D 819 33.30 9.98 45.78
N VAL D 820 32.27 10.34 46.56
CA VAL D 820 32.32 11.54 47.38
C VAL D 820 32.87 11.32 48.79
N LEU D 821 32.71 10.10 49.36
CA LEU D 821 33.11 9.74 50.73
C LEU D 821 34.47 10.15 51.30
N PRO D 822 35.56 10.38 50.52
CA PRO D 822 36.80 10.90 51.14
C PRO D 822 36.74 12.27 51.81
N LEU D 823 35.58 12.95 51.90
CA LEU D 823 35.51 14.08 52.81
C LEU D 823 35.21 13.61 54.23
N PHE D 824 34.57 12.44 54.39
CA PHE D 824 34.37 11.85 55.70
C PHE D 824 35.45 10.81 56.03
N VAL D 825 35.53 9.74 55.24
CA VAL D 825 36.31 8.56 55.55
C VAL D 825 37.36 8.38 54.47
N GLU D 826 38.61 8.16 54.88
CA GLU D 826 39.71 8.02 53.95
C GLU D 826 39.59 6.73 53.14
N ILE D 827 39.62 6.86 51.82
CA ILE D 827 39.49 5.76 50.87
C ILE D 827 40.63 5.88 49.87
N PRO D 828 41.28 4.78 49.47
CA PRO D 828 42.33 4.86 48.45
C PRO D 828 41.79 5.35 47.11
N ALA D 829 42.67 6.01 46.35
CA ALA D 829 42.27 6.69 45.13
C ALA D 829 41.86 5.74 44.01
N HIS D 830 42.31 4.49 44.07
CA HIS D 830 41.98 3.51 43.03
C HIS D 830 40.48 3.21 43.01
N LEU D 831 39.92 2.89 44.19
CA LEU D 831 38.49 2.66 44.31
C LEU D 831 37.70 3.94 44.03
N GLN D 832 38.26 5.09 44.40
CA GLN D 832 37.57 6.36 44.22
C GLN D 832 37.40 6.70 42.75
N TRP D 833 38.47 6.59 41.96
CA TRP D 833 38.33 6.88 40.53
C TRP D 833 37.65 5.75 39.78
N GLN D 834 37.76 4.51 40.26
CA GLN D 834 36.98 3.40 39.72
C GLN D 834 35.49 3.66 39.86
N CYS D 835 35.08 4.27 40.96
CA CYS D 835 33.68 4.65 41.11
C CYS D 835 33.35 5.93 40.34
N GLY D 836 34.30 6.85 40.19
CA GLY D 836 34.03 8.07 39.46
C GLY D 836 33.73 7.83 37.99
N ALA D 837 34.43 6.85 37.39
CA ALA D 837 34.18 6.44 36.01
C ALA D 837 32.74 5.97 35.82
N ILE D 838 32.32 5.02 36.65
CA ILE D 838 30.99 4.41 36.55
C ILE D 838 29.91 5.43 36.85
N ALA D 839 30.18 6.33 37.80
CA ALA D 839 29.19 7.32 38.20
C ALA D 839 28.95 8.35 37.11
N VAL D 840 30.01 8.87 36.50
CA VAL D 840 29.84 9.86 35.43
C VAL D 840 29.20 9.24 34.19
N TYR D 841 29.61 8.00 33.87
CA TYR D 841 29.03 7.29 32.73
C TYR D 841 27.53 7.08 32.92
N PHE D 842 27.11 6.60 34.08
CA PHE D 842 25.69 6.32 34.24
C PHE D 842 24.85 7.56 34.50
N TYR D 843 25.43 8.64 35.05
CA TYR D 843 24.73 9.93 35.06
C TYR D 843 24.37 10.39 33.65
N TRP D 844 25.37 10.46 32.76
CA TRP D 844 25.03 10.97 31.44
C TRP D 844 24.30 9.95 30.57
N MET D 845 24.34 8.66 30.91
CA MET D 845 23.45 7.73 30.21
C MET D 845 22.02 7.82 30.72
N ASN D 846 21.82 8.13 32.01
CA ASN D 846 20.49 8.23 32.56
C ASN D 846 19.79 9.52 32.17
N PHE D 847 20.55 10.57 31.82
CA PHE D 847 19.92 11.83 31.42
C PHE D 847 19.12 11.71 30.12
N LEU D 848 19.44 10.71 29.29
CA LEU D 848 18.65 10.44 28.09
C LEU D 848 17.23 10.01 28.44
N LEU D 849 17.04 9.34 29.58
CA LEU D 849 15.69 8.97 29.98
C LEU D 849 14.89 10.18 30.43
N TYR D 850 15.54 11.18 31.02
CA TYR D 850 14.87 12.44 31.30
C TYR D 850 14.57 13.21 30.03
N LEU D 851 15.32 12.97 28.96
CA LEU D 851 14.98 13.63 27.69
C LEU D 851 13.72 13.08 27.00
N GLN D 852 13.03 12.07 27.54
CA GLN D 852 11.90 11.50 26.84
C GLN D 852 10.68 12.40 26.82
N ARG D 853 10.57 13.32 27.78
CA ARG D 853 9.33 14.08 27.94
C ARG D 853 9.20 15.24 26.96
N PHE D 854 10.25 15.59 26.23
CA PHE D 854 10.14 16.63 25.24
C PHE D 854 9.50 16.09 23.96
N GLU D 855 9.01 17.01 23.13
CA GLU D 855 8.44 16.59 21.86
C GLU D 855 9.50 16.42 20.78
N ASN D 856 10.50 17.29 20.76
CA ASN D 856 11.52 17.26 19.72
C ASN D 856 12.62 16.23 20.00
N CYS D 857 12.51 15.46 21.08
CA CYS D 857 13.58 14.56 21.48
C CYS D 857 13.12 13.14 21.79
N GLY D 858 11.83 12.92 22.07
CA GLY D 858 11.40 11.63 22.56
C GLY D 858 11.36 10.54 21.52
N ILE D 859 11.11 10.91 20.25
CA ILE D 859 10.93 9.90 19.22
C ILE D 859 12.26 9.23 18.87
N PHE D 860 13.37 9.94 19.01
CA PHE D 860 14.68 9.33 18.81
C PHE D 860 14.98 8.32 19.91
N ILE D 861 14.52 8.61 21.12
CA ILE D 861 14.73 7.70 22.24
C ILE D 861 13.86 6.46 22.09
N VAL D 862 12.65 6.63 21.55
CA VAL D 862 11.77 5.49 21.29
C VAL D 862 12.36 4.57 20.23
N MET D 863 12.88 5.17 19.14
CA MET D 863 13.54 4.37 18.10
C MET D 863 14.79 3.68 18.64
N LEU D 864 15.52 4.35 19.53
CA LEU D 864 16.68 3.78 20.19
C LEU D 864 16.31 2.57 21.04
N GLU D 865 15.19 2.67 21.76
CA GLU D 865 14.68 1.55 22.55
C GLU D 865 14.35 0.35 21.67
N VAL D 866 13.68 0.60 20.53
CA VAL D 866 13.25 -0.49 19.67
C VAL D 866 14.43 -1.23 19.06
N ILE D 867 15.41 -0.47 18.54
CA ILE D 867 16.57 -1.12 17.92
C ILE D 867 17.45 -1.80 18.97
N LEU D 868 17.48 -1.27 20.20
CA LEU D 868 18.32 -1.89 21.22
C LEU D 868 17.69 -3.18 21.75
N LYS D 869 16.36 -3.22 21.86
CA LYS D 869 15.69 -4.47 22.22
C LYS D 869 15.81 -5.51 21.12
N THR D 870 15.81 -5.09 19.86
CA THR D 870 16.01 -6.05 18.78
C THR D 870 17.43 -6.64 18.81
N LEU D 871 18.42 -5.81 19.14
CA LEU D 871 19.78 -6.31 19.30
C LEU D 871 19.90 -7.27 20.49
N LEU D 872 19.10 -7.00 21.51
CA LEU D 872 19.05 -7.84 22.69
C LEU D 872 18.50 -9.20 22.27
N ARG D 873 17.53 -9.21 21.36
CA ARG D 873 16.97 -10.47 20.89
C ARG D 873 17.92 -11.23 19.98
N SER D 874 18.82 -10.54 19.28
CA SER D 874 19.76 -11.22 18.38
C SER D 874 21.07 -11.64 19.05
N THR D 875 21.30 -11.22 20.31
CA THR D 875 22.58 -11.44 20.96
C THR D 875 23.00 -12.91 21.11
N VAL D 876 22.09 -13.88 21.06
CA VAL D 876 22.52 -15.26 21.23
C VAL D 876 23.15 -15.80 19.94
N VAL D 877 22.61 -15.38 18.79
CA VAL D 877 23.24 -15.68 17.50
C VAL D 877 24.58 -14.99 17.40
N PHE D 878 24.65 -13.75 17.92
CA PHE D 878 25.94 -13.04 18.05
C PHE D 878 26.96 -13.85 18.85
N ILE D 879 26.55 -14.34 20.03
CA ILE D 879 27.46 -15.04 20.93
C ILE D 879 27.98 -16.32 20.29
N PHE D 880 27.10 -17.10 19.66
CA PHE D 880 27.55 -18.39 19.14
C PHE D 880 28.39 -18.24 17.88
N LEU D 881 28.03 -17.31 16.99
CA LEU D 881 28.82 -17.08 15.79
C LEU D 881 30.20 -16.52 16.13
N LEU D 882 30.23 -15.53 17.03
CA LEU D 882 31.48 -14.93 17.44
C LEU D 882 32.33 -15.90 18.24
N LEU D 883 31.71 -16.83 18.95
CA LEU D 883 32.47 -17.82 19.72
C LEU D 883 33.11 -18.84 18.79
N ALA D 884 32.40 -19.20 17.71
CA ALA D 884 32.97 -20.03 16.65
C ALA D 884 34.22 -19.42 16.07
N PHE D 885 34.11 -18.18 15.59
CA PHE D 885 35.28 -17.55 14.98
C PHE D 885 36.38 -17.24 16.00
N GLY D 886 36.01 -16.95 17.25
CA GLY D 886 37.01 -16.66 18.25
C GLY D 886 37.85 -17.86 18.62
N LEU D 887 37.20 -19.02 18.83
CA LEU D 887 37.96 -20.23 19.11
C LEU D 887 38.76 -20.70 17.91
N SER D 888 38.23 -20.49 16.70
CA SER D 888 38.99 -20.87 15.51
C SER D 888 40.25 -20.04 15.35
N PHE D 889 40.14 -18.72 15.46
CA PHE D 889 41.35 -17.89 15.38
C PHE D 889 42.25 -18.05 16.59
N TYR D 890 41.74 -18.53 17.73
CA TYR D 890 42.62 -18.91 18.82
C TYR D 890 43.46 -20.13 18.45
N ILE D 891 42.87 -21.08 17.73
CA ILE D 891 43.63 -22.26 17.32
C ILE D 891 44.66 -21.90 16.27
N LEU D 892 44.22 -21.32 15.14
CA LEU D 892 45.13 -21.21 14.00
C LEU D 892 46.19 -20.13 14.18
N LEU D 893 45.89 -19.08 14.92
CA LEU D 893 46.82 -17.98 15.11
C LEU D 893 47.17 -18.01 16.60
N ASN D 894 48.18 -18.80 16.96
CA ASN D 894 48.53 -18.90 18.37
C ASN D 894 49.73 -18.04 18.72
N LEU D 895 50.69 -17.91 17.81
CA LEU D 895 51.94 -17.25 18.12
C LEU D 895 51.81 -15.73 18.16
N GLN D 896 50.70 -15.19 17.70
CA GLN D 896 50.52 -13.74 17.68
C GLN D 896 49.96 -13.26 19.01
N ASP D 897 50.42 -12.06 19.41
CA ASP D 897 49.94 -11.45 20.64
C ASP D 897 48.43 -11.14 20.72
N PRO D 898 47.72 -10.70 19.66
CA PRO D 898 46.27 -10.48 19.82
C PRO D 898 45.44 -11.72 20.06
N PHE D 899 45.99 -12.92 19.84
CA PHE D 899 45.25 -14.15 20.02
C PHE D 899 45.95 -15.08 21.01
N SER D 900 46.58 -14.51 22.03
CA SER D 900 47.34 -15.33 22.97
C SER D 900 46.42 -16.11 23.89
N SER D 901 45.42 -15.46 24.44
CA SER D 901 44.40 -16.06 25.28
C SER D 901 43.16 -16.33 24.46
N PRO D 902 42.30 -17.27 24.89
CA PRO D 902 41.03 -17.44 24.18
C PRO D 902 40.08 -16.27 24.38
N LEU D 903 40.08 -15.65 25.56
CA LEU D 903 39.23 -14.50 25.80
C LEU D 903 39.71 -13.29 25.00
N LEU D 904 41.02 -13.12 24.88
CA LEU D 904 41.57 -12.06 24.02
C LEU D 904 41.24 -12.31 22.56
N SER D 905 41.18 -13.57 22.13
CA SER D 905 40.78 -13.88 20.77
C SER D 905 39.31 -13.59 20.53
N ILE D 906 38.47 -13.82 21.55
CA ILE D 906 37.05 -13.50 21.46
C ILE D 906 36.86 -11.99 21.33
N ILE D 907 37.58 -11.21 22.14
CA ILE D 907 37.46 -9.76 22.08
C ILE D 907 38.06 -9.22 20.78
N GLN D 908 39.10 -9.88 20.25
CA GLN D 908 39.68 -9.46 18.98
C GLN D 908 38.74 -9.71 17.82
N THR D 909 38.04 -10.86 17.81
CA THR D 909 37.04 -11.08 16.76
C THR D 909 35.85 -10.15 16.90
N PHE D 910 35.50 -9.78 18.14
CA PHE D 910 34.46 -8.77 18.32
C PHE D 910 34.90 -7.41 17.79
N SER D 911 36.18 -7.08 17.89
CA SER D 911 36.67 -5.85 17.30
C SER D 911 36.76 -5.95 15.78
N MET D 912 37.03 -7.15 15.26
CA MET D 912 37.09 -7.38 13.82
C MET D 912 35.71 -7.44 13.17
N MET D 913 34.64 -7.51 13.98
CA MET D 913 33.27 -7.51 13.47
C MET D 913 32.98 -6.36 12.50
N LEU D 914 33.44 -5.16 12.83
CA LEU D 914 33.07 -3.99 12.04
C LEU D 914 33.84 -3.87 10.72
N GLY D 915 34.92 -4.61 10.55
CA GLY D 915 35.73 -4.52 9.34
C GLY D 915 37.17 -4.15 9.57
N ASP D 916 37.61 -3.94 10.81
CA ASP D 916 39.03 -3.69 11.10
C ASP D 916 39.70 -5.04 11.21
N ILE D 917 39.99 -5.62 10.04
CA ILE D 917 40.44 -7.01 9.97
C ILE D 917 41.92 -7.12 10.35
N ASN D 918 42.71 -6.09 10.05
CA ASN D 918 44.17 -6.09 10.12
C ASN D 918 44.74 -7.25 9.29
N TYR D 919 44.49 -7.17 7.98
CA TYR D 919 44.93 -8.22 7.07
C TYR D 919 46.44 -8.27 6.94
N ARG D 920 47.07 -7.10 6.77
CA ARG D 920 48.50 -7.10 6.51
C ARG D 920 49.30 -7.41 7.76
N GLU D 921 48.80 -7.03 8.93
CA GLU D 921 49.56 -7.23 10.15
C GLU D 921 49.46 -8.67 10.66
N SER D 922 48.29 -9.29 10.51
CA SER D 922 48.04 -10.59 11.11
C SER D 922 48.13 -11.76 10.15
N PHE D 923 47.86 -11.55 8.87
CA PHE D 923 47.76 -12.63 7.91
C PHE D 923 48.84 -12.61 6.85
N LEU D 924 49.16 -11.43 6.31
CA LEU D 924 50.05 -11.35 5.16
C LEU D 924 51.52 -11.42 5.56
N GLU D 925 51.95 -10.49 6.40
CA GLU D 925 53.34 -10.42 6.86
C GLU D 925 53.81 -11.60 7.69
N PRO D 926 52.97 -12.28 8.50
CA PRO D 926 53.42 -13.59 9.01
C PRO D 926 53.52 -14.66 7.95
N TYR D 927 52.73 -14.58 6.87
CA TYR D 927 52.84 -15.57 5.81
C TYR D 927 54.11 -15.38 5.00
N LEU D 928 54.52 -14.13 4.78
CA LEU D 928 55.73 -13.89 4.03
C LEU D 928 56.99 -14.13 4.85
N ARG D 929 56.88 -14.30 6.16
CA ARG D 929 58.01 -14.63 7.02
C ARG D 929 57.99 -16.09 7.47
N ASN D 930 57.12 -16.91 6.87
CA ASN D 930 56.92 -18.33 7.22
C ASN D 930 56.59 -18.51 8.70
N GLU D 931 55.75 -17.63 9.23
CA GLU D 931 55.40 -17.64 10.64
C GLU D 931 53.97 -18.10 10.89
N LEU D 932 53.27 -18.56 9.85
CA LEU D 932 51.91 -19.07 10.01
C LEU D 932 51.95 -20.60 10.01
N ALA D 933 51.65 -21.19 11.16
CA ALA D 933 51.23 -22.58 11.16
C ALA D 933 49.86 -22.66 10.51
N HIS D 934 49.72 -23.60 9.58
CA HIS D 934 48.54 -23.86 8.75
C HIS D 934 48.14 -22.62 7.95
N PRO D 935 48.90 -22.22 6.92
CA PRO D 935 48.57 -20.96 6.24
C PRO D 935 47.35 -21.05 5.33
N VAL D 936 47.16 -22.18 4.64
CA VAL D 936 46.05 -22.33 3.70
C VAL D 936 44.72 -22.31 4.44
N LEU D 937 44.65 -23.03 5.56
CA LEU D 937 43.46 -23.01 6.40
C LEU D 937 43.26 -21.66 7.05
N SER D 938 44.35 -20.91 7.27
CA SER D 938 44.24 -19.56 7.83
C SER D 938 43.61 -18.58 6.85
N PHE D 939 44.03 -18.62 5.58
CA PHE D 939 43.39 -17.76 4.59
C PHE D 939 41.97 -18.20 4.29
N ALA D 940 41.68 -19.50 4.38
CA ALA D 940 40.30 -19.94 4.25
C ALA D 940 39.43 -19.43 5.40
N GLN D 941 39.99 -19.42 6.62
CA GLN D 941 39.28 -18.86 7.76
C GLN D 941 39.10 -17.36 7.62
N LEU D 942 40.08 -16.67 7.01
CA LEU D 942 39.97 -15.24 6.76
C LEU D 942 38.83 -14.93 5.78
N VAL D 943 38.77 -15.64 4.65
CA VAL D 943 37.73 -15.36 3.67
C VAL D 943 36.36 -15.76 4.21
N SER D 944 36.28 -16.82 5.01
CA SER D 944 35.00 -17.22 5.59
C SER D 944 34.53 -16.20 6.64
N PHE D 945 35.46 -15.69 7.46
CA PHE D 945 35.09 -14.67 8.43
C PHE D 945 34.65 -13.39 7.76
N THR D 946 35.35 -12.97 6.69
CA THR D 946 35.01 -11.73 6.02
C THR D 946 33.67 -11.84 5.30
N ILE D 947 33.33 -13.03 4.81
CA ILE D 947 32.01 -13.23 4.21
C ILE D 947 30.92 -13.20 5.28
N PHE D 948 31.11 -13.94 6.38
CA PHE D 948 30.01 -14.10 7.34
C PHE D 948 29.78 -12.84 8.19
N VAL D 949 30.77 -12.43 8.97
CA VAL D 949 30.47 -11.47 10.04
C VAL D 949 30.33 -10.03 9.56
N PRO D 950 31.28 -9.38 8.85
CA PRO D 950 31.08 -7.96 8.56
C PRO D 950 30.16 -7.68 7.39
N ILE D 951 29.86 -8.66 6.56
CA ILE D 951 29.02 -8.42 5.40
C ILE D 951 27.60 -8.90 5.67
N VAL D 952 27.44 -10.16 6.04
CA VAL D 952 26.10 -10.73 6.16
C VAL D 952 25.42 -10.26 7.44
N LEU D 953 26.11 -10.37 8.58
CA LEU D 953 25.49 -10.08 9.87
C LEU D 953 25.24 -8.59 10.05
N MET D 954 26.16 -7.75 9.58
CA MET D 954 25.98 -6.31 9.70
C MET D 954 24.86 -5.81 8.81
N ASN D 955 24.72 -6.37 7.61
CA ASN D 955 23.61 -5.97 6.76
C ASN D 955 22.29 -6.51 7.27
N LEU D 956 22.33 -7.63 8.00
CA LEU D 956 21.14 -8.09 8.71
C LEU D 956 20.71 -7.08 9.77
N LEU D 957 21.69 -6.52 10.51
CA LEU D 957 21.38 -5.49 11.49
C LEU D 957 20.84 -4.23 10.83
N ILE D 958 21.38 -3.86 9.66
CA ILE D 958 20.91 -2.69 8.94
C ILE D 958 19.47 -2.86 8.47
N GLY D 959 19.14 -4.05 7.96
CA GLY D 959 17.77 -4.30 7.50
C GLY D 959 16.77 -4.32 8.64
N LEU D 960 17.15 -4.91 9.78
CA LEU D 960 16.30 -4.87 10.98
C LEU D 960 16.09 -3.44 11.47
N ALA D 961 17.15 -2.61 11.40
CA ALA D 961 17.05 -1.22 11.82
C ALA D 961 16.10 -0.43 10.92
N VAL D 962 16.21 -0.62 9.60
CA VAL D 962 15.35 0.09 8.66
C VAL D 962 13.90 -0.30 8.85
N GLY D 963 13.63 -1.60 9.04
CA GLY D 963 12.27 -2.04 9.29
C GLY D 963 11.68 -1.50 10.58
N ASP D 964 12.48 -1.50 11.66
CA ASP D 964 11.98 -1.01 12.94
C ASP D 964 11.72 0.49 12.92
N ILE D 965 12.60 1.25 12.26
CA ILE D 965 12.41 2.70 12.21
C ILE D 965 11.24 3.06 11.32
N ALA D 966 11.01 2.31 10.25
CA ALA D 966 9.81 2.53 9.43
C ALA D 966 8.54 2.21 10.22
N GLU D 967 8.61 1.18 11.05
CA GLU D 967 7.49 0.79 11.88
C GLU D 967 7.17 1.87 12.92
N VAL D 968 8.21 2.48 13.49
CA VAL D 968 7.98 3.52 14.50
C VAL D 968 7.48 4.80 13.84
N GLN D 969 8.13 5.24 12.76
CA GLN D 969 7.72 6.47 12.10
C GLN D 969 6.42 6.34 11.32
N LYS D 970 5.85 5.15 11.20
CA LYS D 970 4.49 5.03 10.70
C LYS D 970 3.48 5.71 11.63
N HIS D 971 3.74 5.70 12.93
CA HIS D 971 2.81 6.22 13.93
C HIS D 971 3.51 7.19 14.88
N ALA D 972 4.23 8.16 14.33
CA ALA D 972 5.00 9.08 15.16
C ALA D 972 4.18 10.27 15.64
N SER D 973 3.37 10.84 14.74
CA SER D 973 2.64 12.07 15.07
C SER D 973 1.56 11.83 16.11
N LEU D 974 1.01 10.62 16.16
CA LEU D 974 0.12 10.29 17.26
C LEU D 974 0.89 10.02 18.53
N LYS D 975 2.09 9.45 18.40
CA LYS D 975 2.87 9.03 19.57
C LYS D 975 3.37 10.24 20.37
N ARG D 976 3.73 11.33 19.67
CA ARG D 976 4.19 12.53 20.36
C ARG D 976 3.09 13.13 21.24
N ILE D 977 1.91 13.33 20.66
CA ILE D 977 0.82 13.96 21.40
C ILE D 977 0.27 12.99 22.44
N ALA D 978 0.39 11.68 22.20
CA ALA D 978 -0.02 10.70 23.21
C ALA D 978 0.90 10.75 24.42
N MET D 979 2.21 10.89 24.20
CA MET D 979 3.14 11.02 25.32
C MET D 979 2.90 12.32 26.08
N GLN D 980 2.58 13.40 25.36
CA GLN D 980 2.30 14.67 26.04
C GLN D 980 1.02 14.60 26.87
N VAL D 981 -0.04 14.02 26.33
CA VAL D 981 -1.29 13.96 27.09
C VAL D 981 -1.18 12.95 28.22
N GLU D 982 -0.34 11.93 28.07
CA GLU D 982 -0.11 11.00 29.18
C GLU D 982 0.68 11.67 30.30
N LEU D 983 1.64 12.52 29.92
CA LEU D 983 2.40 13.29 30.91
C LEU D 983 1.48 14.23 31.68
N HIS D 984 0.59 14.94 30.97
CA HIS D 984 -0.31 15.86 31.64
C HIS D 984 -1.33 15.14 32.51
N THR D 985 -1.90 14.03 32.02
CA THR D 985 -2.91 13.35 32.83
C THR D 985 -2.29 12.52 33.95
N SER D 986 -0.98 12.26 33.91
CA SER D 986 -0.33 11.62 35.03
C SER D 986 0.13 12.64 36.06
N LEU D 987 0.52 13.83 35.62
CA LEU D 987 0.96 14.85 36.57
C LEU D 987 -0.22 15.54 37.24
N GLU D 988 -1.36 15.60 36.56
CA GLU D 988 -2.51 16.30 37.10
C GLU D 988 -3.22 15.52 38.22
N LYS D 989 -3.01 14.20 38.29
CA LYS D 989 -3.64 13.39 39.33
C LYS D 989 -3.05 13.68 40.70
N LYS D 990 -1.80 14.11 40.77
CA LYS D 990 -1.10 14.30 42.04
C LYS D 990 -1.18 15.72 42.56
N LEU D 991 -1.68 16.66 41.78
CA LEU D 991 -1.76 18.04 42.20
C LEU D 991 -2.91 18.24 43.20
N PRO D 992 -2.77 19.21 44.11
CA PRO D 992 -3.92 19.54 44.98
C PRO D 992 -5.03 20.20 44.19
N LEU D 993 -6.26 19.95 44.63
CA LEU D 993 -7.44 20.30 43.85
C LEU D 993 -7.72 21.80 43.87
N TRP D 994 -7.35 22.49 44.95
CA TRP D 994 -7.51 23.94 44.98
C TRP D 994 -6.56 24.63 44.01
N PHE D 995 -5.36 24.07 43.85
CA PHE D 995 -4.41 24.55 42.85
C PHE D 995 -4.95 24.33 41.45
N LEU D 996 -5.59 23.17 41.24
CA LEU D 996 -6.17 22.85 39.94
C LEU D 996 -7.36 23.74 39.63
N ARG D 997 -8.09 24.19 40.67
CA ARG D 997 -9.13 25.18 40.43
C ARG D 997 -8.54 26.56 40.15
N LYS D 998 -7.44 26.91 40.84
CA LYS D 998 -6.92 28.26 40.75
C LYS D 998 -6.22 28.53 39.43
N VAL D 999 -5.51 27.53 38.90
CA VAL D 999 -4.70 27.77 37.71
C VAL D 999 -5.50 27.53 36.42
N ASP D 1000 -6.59 26.79 36.49
CA ASP D 1000 -7.38 26.46 35.31
C ASP D 1000 -8.08 27.70 34.75
N GLN D 1001 -8.31 27.67 33.43
CA GLN D 1001 -8.89 28.77 32.69
C GLN D 1001 -9.75 28.18 31.59
N LYS D 1002 -10.97 28.72 31.42
CA LYS D 1002 -11.95 28.12 30.53
C LYS D 1002 -11.88 28.63 29.10
N SER D 1003 -11.24 29.78 28.86
CA SER D 1003 -11.15 30.32 27.52
C SER D 1003 -9.90 31.15 27.39
N THR D 1004 -9.30 31.14 26.20
CA THR D 1004 -8.09 31.88 25.92
C THR D 1004 -8.29 32.84 24.77
N ILE D 1005 -7.47 33.89 24.75
CA ILE D 1005 -7.49 34.91 23.71
C ILE D 1005 -6.08 35.03 23.14
N VAL D 1006 -5.95 34.87 21.83
CA VAL D 1006 -4.66 34.87 21.16
C VAL D 1006 -4.61 36.05 20.20
N TYR D 1007 -3.57 36.87 20.32
CA TYR D 1007 -3.33 37.96 19.38
C TYR D 1007 -2.28 37.50 18.37
N PRO D 1008 -2.66 37.25 17.10
CA PRO D 1008 -1.68 36.74 16.14
C PRO D 1008 -0.65 37.77 15.71
N ASN D 1009 -1.02 39.05 15.66
CA ASN D 1009 -0.10 40.07 15.18
C ASN D 1009 0.91 40.48 16.25
N LYS D 1010 0.53 40.43 17.53
CA LYS D 1010 1.41 40.85 18.61
C LYS D 1010 2.19 39.65 19.13
N PRO D 1011 3.52 39.65 19.06
CA PRO D 1011 4.29 38.53 19.63
C PRO D 1011 4.27 38.57 21.15
N ARG D 1012 4.42 37.39 21.74
CA ARG D 1012 4.46 37.27 23.19
C ARG D 1012 5.84 37.69 23.71
N SER D 1013 5.85 38.44 24.81
CA SER D 1013 7.08 38.94 25.40
C SER D 1013 7.81 37.84 26.16
N MET D 1016 10.97 38.50 26.52
CA MET D 1016 11.56 38.11 27.80
C MET D 1016 11.48 36.59 27.99
N LEU D 1017 10.54 36.15 28.82
CA LEU D 1017 10.41 34.73 29.12
C LEU D 1017 9.85 33.96 27.92
N PHE D 1018 8.81 34.50 27.28
CA PHE D 1018 8.26 33.84 26.10
C PHE D 1018 9.20 33.95 24.91
N HIS D 1019 9.98 35.03 24.84
CA HIS D 1019 10.99 35.14 23.78
C HIS D 1019 12.12 34.13 23.99
N ILE D 1020 12.51 33.91 25.25
CA ILE D 1020 13.51 32.90 25.54
C ILE D 1020 12.97 31.49 25.28
N PHE D 1021 11.67 31.28 25.54
CA PHE D 1021 11.06 29.99 25.24
C PHE D 1021 10.97 29.75 23.74
N CYS D 1022 10.68 30.79 22.97
CA CYS D 1022 10.65 30.67 21.52
C CYS D 1022 12.05 30.48 20.93
N PHE D 1023 13.06 31.06 21.58
CA PHE D 1023 14.43 30.86 21.12
C PHE D 1023 14.92 29.45 21.45
N LEU D 1024 14.56 28.93 22.64
CA LEU D 1024 14.95 27.58 23.00
C LEU D 1024 14.17 26.52 22.24
N PHE D 1025 12.95 26.85 21.80
CA PHE D 1025 12.16 25.91 21.02
C PHE D 1025 12.70 25.76 19.61
N CYS D 1026 13.39 26.77 19.10
CA CYS D 1026 13.98 26.71 17.76
C CYS D 1026 15.43 26.27 17.83
N SER D 1040 -7.80 6.37 3.71
CA SER D 1040 -9.18 6.68 4.09
C SER D 1040 -10.16 6.00 3.14
N LEU D 1041 -9.82 4.79 2.70
CA LEU D 1041 -10.67 4.03 1.80
C LEU D 1041 -11.58 3.05 2.53
N GLU D 1042 -11.32 2.76 3.80
CA GLU D 1042 -12.14 1.80 4.52
C GLU D 1042 -13.51 2.38 4.87
N MET D 1043 -13.54 3.62 5.36
CA MET D 1043 -14.80 4.26 5.70
C MET D 1043 -15.64 4.56 4.47
N GLU D 1044 -15.00 4.77 3.32
CA GLU D 1044 -15.72 5.02 2.08
C GLU D 1044 -16.49 3.77 1.64
N ILE D 1045 -15.82 2.61 1.66
CA ILE D 1045 -16.49 1.36 1.32
C ILE D 1045 -17.47 0.95 2.41
N LEU D 1046 -17.25 1.40 3.65
CA LEU D 1046 -18.22 1.15 4.70
C LEU D 1046 -19.51 1.93 4.48
N LYS D 1047 -19.39 3.20 4.08
CA LYS D 1047 -20.57 4.00 3.72
C LYS D 1047 -21.26 3.44 2.48
N GLN D 1048 -20.46 2.95 1.53
CA GLN D 1048 -20.96 2.23 0.36
C GLN D 1048 -21.83 1.04 0.75
N LYS D 1049 -21.36 0.26 1.73
CA LYS D 1049 -22.09 -0.93 2.18
C LYS D 1049 -23.37 -0.54 2.92
N TYR D 1050 -23.33 0.54 3.70
CA TYR D 1050 -24.54 1.01 4.38
C TYR D 1050 -25.61 1.46 3.39
N ARG D 1051 -25.20 2.20 2.35
CA ARG D 1051 -26.15 2.66 1.36
C ARG D 1051 -26.71 1.51 0.53
N LEU D 1052 -25.89 0.49 0.26
CA LEU D 1052 -26.41 -0.66 -0.48
C LEU D 1052 -27.37 -1.50 0.36
N LYS D 1053 -27.14 -1.57 1.69
CA LYS D 1053 -28.07 -2.30 2.55
C LYS D 1053 -29.41 -1.59 2.65
N ASP D 1054 -29.38 -0.24 2.73
CA ASP D 1054 -30.63 0.52 2.71
C ASP D 1054 -31.35 0.33 1.37
N LEU D 1055 -30.58 0.26 0.28
CA LEU D 1055 -31.13 0.05 -1.05
C LEU D 1055 -31.86 -1.28 -1.16
N THR D 1056 -31.24 -2.36 -0.67
CA THR D 1056 -31.87 -3.67 -0.80
C THR D 1056 -33.06 -3.83 0.15
N PHE D 1057 -33.07 -3.12 1.28
CA PHE D 1057 -34.26 -3.15 2.14
C PHE D 1057 -35.44 -2.47 1.47
N LEU D 1058 -35.20 -1.31 0.84
CA LEU D 1058 -36.28 -0.61 0.16
C LEU D 1058 -36.78 -1.40 -1.04
N LEU D 1059 -35.87 -2.08 -1.74
CA LEU D 1059 -36.30 -2.87 -2.90
C LEU D 1059 -37.09 -4.11 -2.47
N GLU D 1060 -36.78 -4.67 -1.30
CA GLU D 1060 -37.59 -5.77 -0.77
C GLU D 1060 -39.02 -5.32 -0.46
N LYS D 1061 -39.16 -4.14 0.18
CA LYS D 1061 -40.50 -3.60 0.44
C LYS D 1061 -41.28 -3.34 -0.85
N GLN D 1062 -40.57 -2.83 -1.86
CA GLN D 1062 -41.19 -2.55 -3.15
C GLN D 1062 -41.64 -3.82 -3.87
N HIS D 1063 -40.84 -4.88 -3.79
CA HIS D 1063 -41.21 -6.17 -4.38
C HIS D 1063 -42.44 -6.75 -3.71
N GLU D 1064 -42.54 -6.60 -2.38
CA GLU D 1064 -43.74 -7.06 -1.68
C GLU D 1064 -44.98 -6.28 -2.10
N LEU D 1065 -44.83 -4.97 -2.33
CA LEU D 1065 -45.97 -4.17 -2.81
C LEU D 1065 -46.41 -4.59 -4.21
N ILE D 1066 -45.47 -4.95 -5.08
CA ILE D 1066 -45.84 -5.36 -6.43
C ILE D 1066 -46.55 -6.72 -6.41
N LYS D 1067 -46.11 -7.62 -5.53
CA LYS D 1067 -46.84 -8.87 -5.36
C LYS D 1067 -48.25 -8.63 -4.82
N LEU D 1068 -48.42 -7.61 -3.97
CA LEU D 1068 -49.76 -7.24 -3.53
C LEU D 1068 -50.61 -6.69 -4.68
N ILE D 1069 -49.97 -5.96 -5.60
CA ILE D 1069 -50.68 -5.46 -6.79
C ILE D 1069 -51.21 -6.60 -7.62
N ILE D 1070 -50.37 -7.61 -7.87
CA ILE D 1070 -50.80 -8.76 -8.67
C ILE D 1070 -51.87 -9.57 -7.94
N GLN D 1071 -51.79 -9.62 -6.61
CA GLN D 1071 -52.79 -10.33 -5.83
C GLN D 1071 -54.15 -9.64 -5.86
N LYS D 1072 -54.18 -8.30 -5.93
CA LYS D 1072 -55.44 -7.58 -5.87
C LYS D 1072 -55.92 -7.04 -7.22
N MET D 1073 -55.21 -7.31 -8.30
CA MET D 1073 -55.54 -6.74 -9.60
C MET D 1073 -56.81 -7.39 -10.17
N GLU D 1074 -57.54 -6.64 -10.97
CA GLU D 1074 -58.74 -7.13 -11.65
C GLU D 1074 -58.39 -7.50 -13.07
N ILE D 1075 -58.71 -8.73 -13.48
CA ILE D 1075 -58.42 -9.23 -14.82
C ILE D 1075 -59.72 -9.59 -15.50
N ILE D 1076 -60.11 -8.83 -16.51
CA ILE D 1076 -61.19 -9.16 -17.43
C ILE D 1076 -60.60 -9.06 -18.84
N SER D 1077 -61.02 -9.97 -19.73
CA SER D 1077 -60.62 -10.02 -21.15
C SER D 1077 -59.14 -10.29 -21.33
N GLU D 1078 -58.48 -10.85 -20.32
CA GLU D 1078 -57.12 -11.35 -20.44
C GLU D 1078 -56.97 -12.72 -19.79
N THR D 1079 -58.07 -13.35 -19.41
CA THR D 1079 -58.03 -14.64 -18.74
C THR D 1079 -57.76 -15.76 -19.73
N GLU D 1080 -57.37 -16.92 -19.18
CA GLU D 1080 -57.10 -18.17 -19.91
C GLU D 1080 -56.04 -18.00 -21.00
#